data_7V3H
#
_entry.id   7V3H
#
_cell.length_a   1.00
_cell.length_b   1.00
_cell.length_c   1.00
_cell.angle_alpha   90.00
_cell.angle_beta   90.00
_cell.angle_gamma   90.00
#
_symmetry.space_group_name_H-M   'P 1'
#
loop_
_entity.id
_entity.type
_entity.pdbx_description
1 polymer 'Envelope protein E'
2 polymer 'Small envelope protein M'
3 polymer 'C10 IgG light chain variable region'
4 polymer 'C10 IgG heavy chain variable region'
5 branched 2-acetamido-2-deoxy-beta-D-glucopyranose-(1-4)-2-acetamido-2-deoxy-beta-D-glucopyranose
6 non-polymer 2-acetamido-2-deoxy-beta-D-glucopyranose
#
loop_
_entity_poly.entity_id
_entity_poly.type
_entity_poly.pdbx_seq_one_letter_code
_entity_poly.pdbx_strand_id
1 'polypeptide(L)'
;MRCIGISNRDFVEGVSGGSWVDIVLEHGSCVTTMAKNKPTLDFELIETEAKQPATLRKYCIEAKLTNTTTDSRCPTQGEP
SLNEEQDKRFVCKHSMVDRGWGNGCGLFGKGGIVTCAMFTCKKNMKGKVVQPENLEYTIVITPHSGEEHAVGNDTGKHGK
EIKITPQSSITEAELTGYGTVTMECSPRTGLDFNEMVLLQMENKAWLVHRQWFLDLPLPWLPGADTQGSNWIQKETLVTF
KNPHAKKQDVVVLGSQEGAMHTALTGATEIQMSSGNLLFTGHLKCRLRMDKLQLKGMSYSMCTGKFKVVKEIAETQHGTI
VIRVQYEGDGSPCKIPFEIMDLEKRHVLGRLITVNPIVTEKDSPVNIEAEPPFGDSYIIIGVEPGQLKLNWFKKGSSIGQ
MIETTMRGAKRMAILGDTAWDFGSLGGVFTSIGKALHQVFGAIYGAAFSGVSWIMKILIGVIITWIGMNSRSTSLSVSLV
LVGVVTLYLGVMVQA
;
B,A,C
2 'polypeptide(L)' SVALVPHVGMGLETRTETWMSSEGAWKHAQRIETWILRHPGFTIMAAILAYTIGTTHFQRALIFILLTAVAP E,D,F
3 'polypeptide(L)'
;EVQLVESGAEVKKPGASVKVSCKASGYTFTSYAMHWVRQAPGQRLEWMGWINAGNGNTKYSQKFQDRVTITRDTSASTAY
MELSSLRSEDTAIYYCARDKVDDYGDYWFPTLWYFDYWGQGTLVTVS
;
I,G,K
4 'polypeptide(L)'
;SALTQPASVSGSPGQSITISCTGTSSDVGGFNYVSWFQQHPGKAPKLMLYDVTSRPSGVSSRFSGSKSGNTASLTISGLQ
AEDEADYYCSSHTSRGTWVFGGGTKLTVL
;
M,H,L
#
# COMPACT_ATOMS: atom_id res chain seq x y z
N MET A 1 -4.38 -63.54 28.32
CA MET A 1 -3.23 -62.71 28.60
C MET A 1 -3.31 -61.44 27.74
N ARG A 2 -4.50 -60.82 27.78
CA ARG A 2 -4.88 -59.54 27.17
C ARG A 2 -5.00 -59.63 25.64
N CYS A 3 -4.62 -60.76 25.07
CA CYS A 3 -4.55 -60.89 23.63
C CYS A 3 -5.63 -61.80 23.06
N ILE A 4 -6.35 -62.50 23.91
CA ILE A 4 -7.39 -63.44 23.49
C ILE A 4 -8.72 -62.71 23.52
N GLY A 5 -9.47 -62.81 22.43
CA GLY A 5 -10.71 -62.09 22.27
C GLY A 5 -10.60 -60.89 21.36
N ILE A 6 -9.40 -60.38 21.14
CA ILE A 6 -9.19 -59.29 20.21
C ILE A 6 -9.10 -59.88 18.80
N SER A 7 -9.93 -59.36 17.89
CA SER A 7 -10.11 -59.97 16.58
C SER A 7 -8.91 -59.77 15.66
N ASN A 8 -8.02 -58.84 15.96
CA ASN A 8 -6.78 -58.65 15.23
C ASN A 8 -5.65 -59.21 16.07
N ARG A 9 -5.01 -60.29 15.58
CA ARG A 9 -4.08 -61.04 16.40
C ARG A 9 -2.65 -60.95 15.91
N ASP A 10 -2.39 -61.35 14.66
CA ASP A 10 -1.08 -61.26 14.00
C ASP A 10 0.01 -62.00 14.78
N PHE A 11 -0.10 -63.32 14.77
CA PHE A 11 0.98 -64.17 15.29
C PHE A 11 2.25 -63.97 14.47
N VAL A 12 3.33 -63.58 15.14
CA VAL A 12 4.63 -63.42 14.51
C VAL A 12 5.61 -64.37 15.18
N GLU A 13 6.48 -64.97 14.38
CA GLU A 13 7.34 -66.06 14.85
C GLU A 13 8.67 -65.99 14.13
N GLY A 14 9.77 -66.16 14.87
CA GLY A 14 11.09 -66.15 14.28
C GLY A 14 11.98 -65.07 14.82
N VAL A 15 13.02 -65.46 15.55
CA VAL A 15 13.92 -64.54 16.23
C VAL A 15 15.25 -64.67 15.50
N SER A 16 15.18 -64.98 14.21
CA SER A 16 16.35 -65.40 13.45
C SER A 16 17.28 -64.22 13.19
N GLY A 17 18.45 -64.55 12.64
CA GLY A 17 19.53 -63.60 12.50
C GLY A 17 20.30 -63.47 13.79
N GLY A 18 20.13 -62.33 14.46
CA GLY A 18 20.64 -62.18 15.81
C GLY A 18 19.61 -62.71 16.79
N SER A 19 19.20 -61.88 17.74
CA SER A 19 18.18 -62.26 18.69
C SER A 19 17.01 -61.29 18.67
N TRP A 20 16.72 -60.70 17.52
CA TRP A 20 15.68 -59.69 17.42
C TRP A 20 14.63 -60.06 16.38
N VAL A 21 13.55 -59.30 16.39
CA VAL A 21 12.47 -59.41 15.42
C VAL A 21 11.80 -58.06 15.28
N ASP A 22 11.40 -57.71 14.06
CA ASP A 22 10.64 -56.49 13.81
C ASP A 22 9.16 -56.77 13.96
N ILE A 23 8.48 -55.96 14.78
CA ILE A 23 7.03 -55.97 14.84
C ILE A 23 6.54 -54.53 14.74
N VAL A 24 5.36 -54.36 14.18
CA VAL A 24 4.68 -53.08 14.16
C VAL A 24 3.28 -53.29 14.74
N LEU A 25 2.92 -52.48 15.72
CA LEU A 25 1.71 -52.69 16.50
C LEU A 25 0.86 -51.44 16.54
N GLU A 26 -0.44 -51.63 16.39
CA GLU A 26 -1.43 -50.57 16.33
C GLU A 26 -2.11 -50.44 17.69
N HIS A 27 -3.16 -49.61 17.76
CA HIS A 27 -3.94 -49.53 18.98
C HIS A 27 -4.96 -50.65 19.10
N GLY A 28 -5.70 -50.92 18.03
CA GLY A 28 -6.65 -52.01 18.06
C GLY A 28 -6.08 -53.32 17.57
N SER A 29 -4.85 -53.65 17.97
CA SER A 29 -4.20 -54.88 17.54
C SER A 29 -3.19 -55.28 18.60
N CYS A 30 -3.34 -56.47 19.15
CA CYS A 30 -2.40 -56.99 20.15
C CYS A 30 -1.63 -58.14 19.54
N VAL A 31 -0.31 -58.02 19.50
CA VAL A 31 0.56 -58.92 18.74
C VAL A 31 1.20 -59.93 19.69
N THR A 32 1.21 -61.19 19.29
CA THR A 32 1.79 -62.29 20.05
C THR A 32 3.04 -62.81 19.33
N THR A 33 4.15 -62.91 20.07
CA THR A 33 5.42 -63.35 19.53
C THR A 33 5.74 -64.74 20.07
N MET A 34 6.12 -65.65 19.18
CA MET A 34 6.47 -67.02 19.55
C MET A 34 7.91 -67.31 19.17
N ALA A 35 8.52 -68.27 19.87
CA ALA A 35 9.89 -68.65 19.61
C ALA A 35 10.12 -70.08 20.09
N LYS A 36 11.27 -70.66 19.68
CA LYS A 36 11.62 -72.02 20.08
C LYS A 36 11.99 -72.11 21.56
N ASN A 37 12.31 -70.99 22.16
CA ASN A 37 12.56 -70.79 23.58
C ASN A 37 11.84 -69.49 23.82
N LYS A 38 12.22 -68.72 24.85
CA LYS A 38 11.90 -67.29 24.94
C LYS A 38 10.40 -67.03 25.00
N PRO A 39 9.77 -67.17 26.18
CA PRO A 39 8.33 -67.41 26.27
C PRO A 39 7.45 -66.36 25.61
N THR A 40 6.23 -66.78 25.25
CA THR A 40 5.39 -65.96 24.40
C THR A 40 4.84 -64.77 25.15
N LEU A 41 5.04 -63.59 24.58
CA LEU A 41 4.63 -62.32 25.15
C LEU A 41 3.51 -61.73 24.29
N ASP A 42 2.84 -60.73 24.84
CA ASP A 42 1.75 -60.07 24.14
C ASP A 42 1.96 -58.56 24.21
N PHE A 43 1.94 -57.91 23.05
CA PHE A 43 2.26 -56.49 22.91
C PHE A 43 1.03 -55.76 22.40
N GLU A 44 0.56 -54.78 23.17
CA GLU A 44 -0.58 -53.97 22.76
C GLU A 44 -0.29 -52.51 23.07
N LEU A 45 -0.33 -51.68 22.03
CA LEU A 45 -0.24 -50.23 22.23
C LEU A 45 -1.57 -49.72 22.77
N ILE A 46 -1.57 -49.16 23.98
CA ILE A 46 -2.81 -48.78 24.61
C ILE A 46 -3.14 -47.31 24.41
N GLU A 47 -2.15 -46.41 24.44
CA GLU A 47 -2.46 -45.00 24.21
C GLU A 47 -1.27 -44.25 23.65
N THR A 48 -1.56 -43.10 23.06
CA THR A 48 -0.58 -42.13 22.62
C THR A 48 -0.92 -40.81 23.26
N GLU A 49 0.04 -40.17 23.92
CA GLU A 49 -0.20 -38.91 24.61
C GLU A 49 0.76 -37.86 24.10
N ALA A 50 0.22 -36.84 23.44
CA ALA A 50 1.00 -35.66 23.08
C ALA A 50 0.94 -34.68 24.24
N LYS A 51 2.11 -34.29 24.75
CA LYS A 51 2.16 -33.66 26.06
C LYS A 51 1.79 -32.18 26.03
N GLN A 52 2.59 -31.37 25.35
CA GLN A 52 2.42 -29.92 25.38
C GLN A 52 2.20 -29.39 23.97
N PRO A 53 0.97 -29.24 23.52
CA PRO A 53 0.71 -28.64 22.22
C PRO A 53 0.53 -27.13 22.31
N ALA A 54 0.77 -26.47 21.19
CA ALA A 54 0.54 -25.03 21.06
C ALA A 54 -0.39 -24.80 19.88
N THR A 55 -1.49 -24.10 20.12
CA THR A 55 -2.45 -23.83 19.07
C THR A 55 -1.89 -22.82 18.08
N LEU A 56 -2.21 -23.01 16.80
CA LEU A 56 -1.71 -22.12 15.76
C LEU A 56 -2.79 -21.27 15.12
N ARG A 57 -4.02 -21.77 15.00
CA ARG A 57 -5.08 -20.97 14.39
C ARG A 57 -6.41 -21.32 15.02
N LYS A 58 -7.14 -20.30 15.44
CA LYS A 58 -8.44 -20.44 16.08
C LYS A 58 -9.54 -19.99 15.13
N TYR A 59 -10.25 -20.96 14.54
CA TYR A 59 -11.46 -20.64 13.78
C TYR A 59 -12.60 -20.38 14.75
N CYS A 60 -13.70 -19.81 14.24
CA CYS A 60 -14.89 -19.67 15.06
C CYS A 60 -16.07 -20.23 14.30
N ILE A 61 -17.10 -20.62 15.05
CA ILE A 61 -18.20 -21.39 14.50
C ILE A 61 -19.46 -20.53 14.42
N GLU A 62 -19.95 -20.08 15.58
CA GLU A 62 -21.18 -19.31 15.65
C GLU A 62 -20.85 -17.91 16.14
N ALA A 63 -21.36 -16.89 15.45
CA ALA A 63 -21.12 -15.51 15.80
C ALA A 63 -22.43 -14.74 15.84
N LYS A 64 -22.33 -13.46 16.14
CA LYS A 64 -23.47 -12.56 16.11
C LYS A 64 -22.97 -11.18 15.69
N LEU A 65 -23.89 -10.38 15.16
CA LEU A 65 -23.58 -9.06 14.64
C LEU A 65 -24.38 -8.02 15.40
N THR A 66 -23.69 -7.10 16.06
CA THR A 66 -24.32 -6.00 16.77
C THR A 66 -23.79 -4.69 16.21
N ASN A 67 -24.40 -3.59 16.71
CA ASN A 67 -24.09 -2.21 16.32
C ASN A 67 -24.22 -2.00 14.81
N THR A 68 -25.23 -2.63 14.22
CA THR A 68 -25.38 -2.58 12.77
C THR A 68 -25.83 -1.19 12.33
N THR A 69 -25.16 -0.68 11.31
CA THR A 69 -25.42 0.66 10.80
C THR A 69 -25.02 0.72 9.34
N THR A 70 -25.58 1.69 8.64
CA THR A 70 -25.31 1.87 7.23
C THR A 70 -25.25 3.35 6.91
N ASP A 71 -24.68 3.65 5.74
CA ASP A 71 -24.43 5.01 5.34
C ASP A 71 -24.41 5.05 3.83
N SER A 72 -25.10 6.03 3.26
CA SER A 72 -25.21 6.15 1.81
C SER A 72 -24.79 7.54 1.37
N ARG A 73 -24.58 7.68 0.06
CA ARG A 73 -24.12 8.93 -0.51
C ARG A 73 -24.61 9.02 -1.95
N CYS A 74 -24.91 10.26 -2.38
CA CYS A 74 -25.45 10.73 -3.66
C CYS A 74 -24.75 10.12 -4.87
N PRO A 75 -25.40 10.06 -6.03
CA PRO A 75 -24.74 9.51 -7.21
C PRO A 75 -23.58 10.36 -7.70
N THR A 76 -22.53 9.66 -8.13
CA THR A 76 -21.30 10.11 -8.80
C THR A 76 -20.37 10.95 -7.95
N GLN A 77 -20.79 11.38 -6.75
CA GLN A 77 -19.86 12.07 -5.85
C GLN A 77 -19.36 11.15 -4.74
N GLY A 78 -18.77 10.03 -5.16
CA GLY A 78 -17.89 9.27 -4.31
C GLY A 78 -18.58 8.27 -3.39
N GLU A 79 -17.75 7.43 -2.79
CA GLU A 79 -18.18 6.40 -1.86
C GLU A 79 -18.60 7.03 -0.54
N PRO A 80 -19.39 6.32 0.28
CA PRO A 80 -19.66 6.80 1.63
C PRO A 80 -18.44 6.58 2.52
N SER A 81 -18.49 7.17 3.70
CA SER A 81 -17.42 7.03 4.68
C SER A 81 -18.06 6.89 6.06
N LEU A 82 -17.96 5.71 6.64
CA LEU A 82 -18.53 5.44 7.94
C LEU A 82 -17.42 5.47 8.99
N ASN A 83 -17.75 5.93 10.19
CA ASN A 83 -16.74 6.20 11.21
C ASN A 83 -16.10 4.91 11.71
N GLU A 84 -16.90 3.86 11.93
CA GLU A 84 -16.38 2.59 12.42
C GLU A 84 -16.11 1.61 11.29
N GLU A 85 -15.70 2.11 10.13
CA GLU A 85 -15.05 1.29 9.13
C GLU A 85 -13.58 1.12 9.45
N GLN A 86 -13.07 1.91 10.39
CA GLN A 86 -11.68 1.89 10.80
C GLN A 86 -11.32 0.66 11.62
N ASP A 87 -12.24 0.18 12.46
CA ASP A 87 -12.01 -1.08 13.16
C ASP A 87 -12.09 -2.24 12.18
N LYS A 88 -11.28 -3.27 12.41
CA LYS A 88 -11.41 -4.52 11.70
C LYS A 88 -12.33 -5.50 12.41
N ARG A 89 -12.97 -5.07 13.51
CA ARG A 89 -14.12 -5.80 14.02
C ARG A 89 -15.28 -5.74 13.05
N PHE A 90 -15.66 -4.52 12.66
CA PHE A 90 -16.81 -4.29 11.79
C PHE A 90 -16.56 -4.82 10.40
N VAL A 91 -17.41 -5.72 9.95
CA VAL A 91 -17.33 -6.24 8.58
C VAL A 91 -18.07 -5.28 7.64
N CYS A 92 -17.44 -4.96 6.52
CA CYS A 92 -17.87 -3.88 5.64
C CYS A 92 -18.24 -4.43 4.28
N LYS A 93 -19.15 -3.73 3.60
CA LYS A 93 -19.54 -4.10 2.24
C LYS A 93 -20.08 -2.89 1.51
N HIS A 94 -19.43 -2.51 0.43
CA HIS A 94 -19.92 -1.43 -0.43
C HIS A 94 -20.75 -1.99 -1.57
N SER A 95 -21.87 -1.33 -1.84
CA SER A 95 -22.74 -1.68 -2.95
C SER A 95 -23.50 -0.43 -3.37
N MET A 96 -24.33 -0.56 -4.40
CA MET A 96 -24.99 0.59 -5.01
C MET A 96 -26.50 0.47 -4.87
N VAL A 97 -27.11 1.48 -4.25
CA VAL A 97 -28.56 1.61 -4.16
C VAL A 97 -29.02 2.60 -5.23
N ASP A 98 -30.33 2.66 -5.47
CA ASP A 98 -30.90 3.67 -6.35
C ASP A 98 -31.36 4.86 -5.52
N ARG A 99 -30.95 6.06 -5.93
CA ARG A 99 -31.28 7.27 -5.20
C ARG A 99 -31.84 8.33 -6.16
N GLY A 100 -32.57 9.28 -5.58
CA GLY A 100 -33.22 10.31 -6.37
C GLY A 100 -33.84 11.36 -5.49
N TRP A 101 -34.85 12.05 -6.02
CA TRP A 101 -35.47 13.13 -5.25
C TRP A 101 -36.29 12.60 -4.09
N GLY A 102 -36.87 11.41 -4.23
CA GLY A 102 -37.62 10.83 -3.12
C GLY A 102 -36.72 10.43 -1.96
N ASN A 103 -35.49 10.04 -2.26
CA ASN A 103 -34.50 9.80 -1.23
C ASN A 103 -33.87 11.08 -0.70
N GLY A 104 -34.03 12.18 -1.42
CA GLY A 104 -33.56 13.46 -0.94
C GLY A 104 -32.16 13.84 -1.38
N CYS A 105 -31.73 13.43 -2.57
CA CYS A 105 -30.39 13.76 -3.04
C CYS A 105 -30.38 14.56 -4.34
N GLY A 106 -30.98 14.04 -5.40
CA GLY A 106 -30.87 14.63 -6.71
C GLY A 106 -30.08 13.76 -7.67
N LEU A 107 -30.08 14.20 -8.94
CA LEU A 107 -29.35 13.69 -10.09
C LEU A 107 -29.83 12.35 -10.64
N PHE A 108 -30.70 11.64 -9.90
CA PHE A 108 -31.38 10.40 -10.32
C PHE A 108 -30.42 9.34 -10.86
N GLY A 109 -29.59 8.81 -9.97
CA GLY A 109 -28.69 7.76 -10.39
C GLY A 109 -28.47 6.72 -9.31
N LYS A 110 -27.51 5.82 -9.53
CA LYS A 110 -27.20 4.78 -8.57
C LYS A 110 -26.14 5.29 -7.60
N GLY A 111 -26.52 5.45 -6.34
CA GLY A 111 -25.63 5.94 -5.32
C GLY A 111 -24.66 4.88 -4.84
N GLY A 112 -24.01 5.18 -3.72
CA GLY A 112 -23.16 4.22 -3.04
C GLY A 112 -23.66 4.04 -1.62
N ILE A 113 -23.39 2.87 -1.06
CA ILE A 113 -23.81 2.57 0.31
C ILE A 113 -22.77 1.66 0.94
N VAL A 114 -22.66 1.72 2.25
CA VAL A 114 -21.74 0.90 3.02
C VAL A 114 -22.52 0.40 4.23
N THR A 115 -22.14 -0.78 4.75
CA THR A 115 -22.84 -1.35 5.90
C THR A 115 -21.82 -2.00 6.82
N CYS A 116 -21.93 -1.73 8.11
CA CYS A 116 -20.99 -2.25 9.08
C CYS A 116 -21.74 -2.79 10.28
N ALA A 117 -21.24 -3.90 10.83
CA ALA A 117 -21.77 -4.42 12.09
C ALA A 117 -20.65 -5.14 12.81
N MET A 118 -20.59 -4.94 14.14
CA MET A 118 -19.48 -5.47 14.93
C MET A 118 -19.58 -6.97 15.05
N PHE A 119 -18.48 -7.65 14.75
CA PHE A 119 -18.43 -9.11 14.64
C PHE A 119 -17.81 -9.67 15.91
N THR A 120 -18.65 -10.09 16.85
CA THR A 120 -18.15 -10.79 18.03
C THR A 120 -18.16 -12.30 17.74
N CYS A 121 -18.00 -13.10 18.79
CA CYS A 121 -17.88 -14.54 18.63
C CYS A 121 -18.54 -15.25 19.80
N LYS A 122 -19.02 -16.47 19.54
CA LYS A 122 -19.59 -17.30 20.59
C LYS A 122 -18.94 -18.68 20.71
N LYS A 123 -18.65 -19.36 19.61
CA LYS A 123 -18.07 -20.69 19.65
C LYS A 123 -16.83 -20.75 18.78
N ASN A 124 -15.71 -21.17 19.35
CA ASN A 124 -14.44 -21.29 18.66
C ASN A 124 -14.08 -22.75 18.48
N MET A 125 -13.09 -23.00 17.63
CA MET A 125 -12.33 -24.24 17.69
C MET A 125 -10.86 -23.87 17.76
N LYS A 126 -10.06 -24.75 18.34
CA LYS A 126 -8.63 -24.55 18.48
C LYS A 126 -7.90 -25.60 17.69
N GLY A 127 -7.03 -25.18 16.79
CA GLY A 127 -6.18 -26.14 16.13
C GLY A 127 -4.82 -26.26 16.78
N LYS A 128 -4.66 -27.25 17.65
CA LYS A 128 -3.42 -27.42 18.38
C LYS A 128 -2.49 -28.31 17.58
N VAL A 129 -1.19 -28.03 17.66
CA VAL A 129 -0.21 -28.76 16.88
C VAL A 129 0.92 -29.20 17.82
N VAL A 130 1.58 -30.30 17.45
CA VAL A 130 2.72 -30.80 18.20
C VAL A 130 3.89 -31.00 17.24
N GLN A 131 5.08 -30.98 17.80
CA GLN A 131 6.31 -31.38 17.14
C GLN A 131 6.67 -32.80 17.61
N PRO A 132 7.31 -33.62 16.77
CA PRO A 132 7.36 -35.07 17.03
C PRO A 132 8.21 -35.50 18.22
N GLU A 133 8.83 -34.59 18.95
CA GLU A 133 9.35 -34.89 20.28
C GLU A 133 8.23 -34.76 21.30
N ASN A 134 8.59 -34.72 22.59
CA ASN A 134 7.76 -34.53 23.79
C ASN A 134 6.36 -35.15 23.72
N LEU A 135 6.30 -36.41 23.29
CA LEU A 135 5.08 -37.19 23.28
C LEU A 135 5.45 -38.65 23.48
N GLU A 136 4.67 -39.36 24.27
CA GLU A 136 5.03 -40.71 24.65
C GLU A 136 3.96 -41.69 24.21
N TYR A 137 4.38 -42.94 24.06
CA TYR A 137 3.53 -44.06 23.72
C TYR A 137 3.54 -45.03 24.88
N THR A 138 2.38 -45.38 25.41
CA THR A 138 2.30 -46.35 26.49
C THR A 138 1.98 -47.71 25.88
N ILE A 139 2.79 -48.70 26.22
CA ILE A 139 2.69 -50.03 25.64
C ILE A 139 2.80 -51.05 26.77
N VAL A 140 1.99 -52.11 26.68
CA VAL A 140 1.89 -53.09 27.75
C VAL A 140 2.40 -54.44 27.24
N ILE A 141 3.17 -55.13 28.08
CA ILE A 141 3.81 -56.39 27.72
C ILE A 141 3.38 -57.43 28.75
N THR A 142 2.36 -58.23 28.41
CA THR A 142 1.85 -59.23 29.32
C THR A 142 2.36 -60.60 28.91
N PRO A 143 3.12 -61.29 29.77
CA PRO A 143 3.56 -62.64 29.43
C PRO A 143 2.43 -63.65 29.58
N HIS A 144 2.64 -64.82 28.97
CA HIS A 144 1.71 -65.93 29.08
C HIS A 144 1.88 -66.69 30.39
N SER A 145 1.40 -67.94 30.39
CA SER A 145 1.23 -68.79 31.58
C SER A 145 0.28 -68.10 32.56
N GLY A 146 -0.96 -68.00 32.09
CA GLY A 146 -2.01 -67.25 32.75
C GLY A 146 -2.36 -67.75 34.13
N GLU A 147 -2.45 -66.82 35.07
CA GLU A 147 -2.96 -67.12 36.40
C GLU A 147 -4.48 -67.09 36.35
N GLU A 148 -5.12 -67.11 37.52
CA GLU A 148 -6.57 -67.18 37.57
C GLU A 148 -7.17 -65.85 37.10
N HIS A 149 -8.17 -65.95 36.21
CA HIS A 149 -8.91 -64.85 35.57
C HIS A 149 -8.01 -63.73 35.06
N ALA A 150 -7.21 -64.09 34.05
CA ALA A 150 -6.49 -63.09 33.25
C ALA A 150 -6.37 -63.63 31.82
N VAL A 151 -7.37 -63.32 31.00
CA VAL A 151 -7.41 -63.83 29.64
C VAL A 151 -7.41 -62.69 28.63
N GLY A 152 -8.40 -61.82 28.71
CA GLY A 152 -8.47 -60.73 27.75
C GLY A 152 -8.74 -59.38 28.40
N ASN A 153 -8.68 -59.35 29.74
CA ASN A 153 -9.01 -58.13 30.45
C ASN A 153 -7.94 -57.07 30.30
N ASP A 154 -8.37 -55.82 30.46
CA ASP A 154 -7.49 -54.68 30.58
C ASP A 154 -7.47 -54.09 31.98
N THR A 155 -8.47 -54.41 32.80
CA THR A 155 -8.56 -53.92 34.16
C THR A 155 -7.59 -54.70 35.05
N GLY A 156 -6.77 -53.99 35.81
CA GLY A 156 -5.81 -54.64 36.68
C GLY A 156 -4.53 -54.99 35.96
N LYS A 157 -3.40 -54.81 36.63
CA LYS A 157 -2.11 -55.00 35.98
C LYS A 157 -1.76 -56.48 35.93
N HIS A 158 -1.29 -56.92 34.77
CA HIS A 158 -0.69 -58.23 34.62
C HIS A 158 0.61 -58.18 33.84
N GLY A 159 0.95 -57.04 33.23
CA GLY A 159 2.19 -56.92 32.49
C GLY A 159 2.85 -55.58 32.76
N LYS A 160 4.05 -55.44 32.21
CA LYS A 160 4.85 -54.26 32.44
C LYS A 160 4.30 -53.11 31.59
N GLU A 161 4.57 -51.88 32.05
CA GLU A 161 3.84 -50.69 31.63
C GLU A 161 4.84 -49.62 31.16
N ILE A 162 5.72 -50.01 30.24
CA ILE A 162 6.80 -49.12 29.81
C ILE A 162 6.27 -48.01 28.91
N LYS A 163 6.81 -46.81 29.11
CA LYS A 163 6.54 -45.67 28.25
C LYS A 163 7.73 -45.44 27.34
N ILE A 164 7.47 -45.11 26.07
CA ILE A 164 8.51 -44.92 25.08
C ILE A 164 8.35 -43.55 24.42
N THR A 165 9.41 -42.77 24.42
CA THR A 165 9.49 -41.46 23.82
C THR A 165 10.50 -41.48 22.67
N PRO A 166 10.52 -40.43 21.84
CA PRO A 166 11.69 -40.25 20.97
C PRO A 166 12.94 -39.82 21.72
N GLN A 167 12.80 -39.31 22.94
CA GLN A 167 13.90 -39.01 23.82
C GLN A 167 14.49 -40.25 24.48
N SER A 168 13.86 -41.41 24.30
CA SER A 168 14.13 -42.60 25.07
C SER A 168 15.37 -43.36 24.62
N SER A 169 15.42 -44.61 25.03
CA SER A 169 16.63 -45.43 25.06
C SER A 169 16.30 -46.86 24.71
N ILE A 170 17.14 -47.79 25.18
CA ILE A 170 16.96 -49.22 24.96
C ILE A 170 15.61 -49.70 25.51
N THR A 171 15.15 -49.09 26.61
CA THR A 171 13.86 -49.33 27.28
C THR A 171 13.75 -50.80 27.72
N GLU A 172 14.57 -51.15 28.70
CA GLU A 172 14.49 -52.45 29.33
C GLU A 172 13.19 -52.60 30.09
N ALA A 173 12.44 -53.65 29.80
CA ALA A 173 11.26 -54.02 30.57
C ALA A 173 11.61 -55.27 31.37
N GLU A 174 11.56 -55.16 32.70
CA GLU A 174 12.03 -56.20 33.59
C GLU A 174 10.81 -56.97 34.08
N LEU A 175 10.48 -58.03 33.35
CA LEU A 175 9.34 -58.87 33.69
C LEU A 175 9.70 -59.78 34.85
N THR A 176 8.80 -59.89 35.82
CA THR A 176 9.08 -60.65 37.03
C THR A 176 8.99 -62.14 36.75
N GLY A 177 10.04 -62.87 37.13
CA GLY A 177 10.16 -64.29 36.87
C GLY A 177 10.78 -64.61 35.53
N TYR A 178 10.45 -63.83 34.53
CA TYR A 178 10.95 -63.99 33.17
C TYR A 178 12.24 -63.18 33.04
N GLY A 179 12.70 -62.96 31.81
CA GLY A 179 13.96 -62.26 31.67
C GLY A 179 13.82 -60.75 31.66
N THR A 180 14.29 -60.12 30.59
CA THR A 180 14.21 -58.68 30.44
C THR A 180 14.16 -58.38 28.96
N VAL A 181 13.05 -57.83 28.49
CA VAL A 181 12.83 -57.58 27.07
C VAL A 181 13.14 -56.12 26.78
N THR A 182 13.85 -55.87 25.69
CA THR A 182 14.25 -54.53 25.28
C THR A 182 13.67 -54.23 23.91
N MET A 183 13.20 -53.00 23.72
CA MET A 183 12.48 -52.61 22.51
C MET A 183 13.09 -51.34 21.93
N GLU A 184 13.59 -51.42 20.70
CA GLU A 184 14.17 -50.25 20.03
C GLU A 184 13.10 -49.61 19.15
N CYS A 185 12.12 -48.99 19.80
CA CYS A 185 10.98 -48.44 19.09
C CYS A 185 11.35 -47.13 18.43
N SER A 186 10.76 -46.87 17.27
CA SER A 186 11.04 -45.67 16.47
C SER A 186 9.75 -44.87 16.35
N PRO A 187 9.49 -43.93 17.27
CA PRO A 187 8.22 -43.20 17.23
C PRO A 187 8.19 -42.03 16.28
N ARG A 188 9.32 -41.59 15.74
CA ARG A 188 9.31 -40.41 14.88
C ARG A 188 8.72 -40.72 13.51
N THR A 189 9.02 -41.89 12.96
CA THR A 189 8.48 -42.29 11.67
C THR A 189 7.15 -43.02 11.79
N GLY A 190 6.54 -43.01 12.97
CA GLY A 190 5.30 -43.74 13.19
C GLY A 190 4.09 -43.13 12.50
N LEU A 191 3.66 -41.96 12.95
CA LEU A 191 2.40 -41.38 12.51
C LEU A 191 2.58 -40.10 11.69
N ASP A 192 3.80 -39.56 11.61
CA ASP A 192 4.16 -38.40 10.81
C ASP A 192 3.37 -37.16 11.23
N PHE A 193 3.68 -36.69 12.44
CA PHE A 193 3.25 -35.36 12.88
C PHE A 193 4.02 -34.29 12.11
N ASN A 194 3.70 -33.03 12.44
CA ASN A 194 3.96 -31.77 11.73
C ASN A 194 3.12 -31.63 10.47
N GLU A 195 2.34 -32.65 10.09
CA GLU A 195 1.31 -32.56 9.08
C GLU A 195 -0.05 -32.85 9.69
N MET A 196 -0.13 -32.82 11.01
CA MET A 196 -1.32 -33.17 11.77
C MET A 196 -1.67 -32.01 12.67
N VAL A 197 -2.95 -31.65 12.70
CA VAL A 197 -3.45 -30.60 13.57
C VAL A 197 -4.49 -31.20 14.49
N LEU A 198 -4.25 -31.10 15.80
CA LEU A 198 -5.17 -31.65 16.79
C LEU A 198 -6.33 -30.68 16.96
N LEU A 199 -7.31 -30.83 16.07
CA LEU A 199 -8.48 -29.96 16.04
C LEU A 199 -9.33 -30.20 17.28
N GLN A 200 -9.94 -29.14 17.82
CA GLN A 200 -10.64 -29.32 19.08
C GLN A 200 -11.88 -28.44 19.16
N MET A 201 -13.04 -29.00 18.81
CA MET A 201 -14.32 -28.30 18.96
C MET A 201 -14.82 -28.39 20.40
N GLU A 202 -16.13 -28.16 20.58
CA GLU A 202 -16.73 -27.81 21.88
C GLU A 202 -16.43 -28.83 22.97
N ASN A 203 -16.69 -30.11 22.71
CA ASN A 203 -16.31 -31.15 23.66
C ASN A 203 -15.76 -32.39 23.00
N LYS A 204 -15.42 -32.34 21.72
CA LYS A 204 -14.84 -33.42 20.97
C LYS A 204 -13.51 -32.97 20.39
N ALA A 205 -12.85 -33.86 19.66
CA ALA A 205 -11.54 -33.56 19.09
C ALA A 205 -11.25 -34.56 17.98
N TRP A 206 -10.45 -34.14 17.01
CA TRP A 206 -10.12 -34.98 15.88
C TRP A 206 -8.65 -34.83 15.56
N LEU A 207 -8.22 -35.45 14.46
CA LEU A 207 -6.82 -35.43 14.03
C LEU A 207 -6.84 -35.17 12.53
N VAL A 208 -6.71 -33.91 12.15
CA VAL A 208 -6.93 -33.51 10.77
C VAL A 208 -5.60 -33.17 10.12
N HIS A 209 -5.62 -33.19 8.79
CA HIS A 209 -4.46 -32.81 8.00
C HIS A 209 -4.21 -31.31 8.15
N ARG A 210 -2.94 -30.92 8.10
CA ARG A 210 -2.57 -29.54 8.34
C ARG A 210 -3.00 -28.63 7.19
N GLN A 211 -2.70 -29.05 5.96
CA GLN A 211 -3.05 -28.24 4.81
C GLN A 211 -4.56 -28.21 4.58
N TRP A 212 -5.25 -29.28 4.98
CA TRP A 212 -6.70 -29.25 5.01
C TRP A 212 -7.21 -28.25 6.04
N PHE A 213 -6.55 -28.17 7.18
CA PHE A 213 -7.00 -27.29 8.26
C PHE A 213 -6.75 -25.83 7.93
N LEU A 214 -5.72 -25.53 7.14
CA LEU A 214 -5.46 -24.14 6.83
C LEU A 214 -6.32 -23.63 5.68
N ASP A 215 -6.80 -24.52 4.82
CA ASP A 215 -7.61 -24.16 3.66
C ASP A 215 -9.10 -24.14 3.97
N LEU A 216 -9.47 -23.87 5.22
CA LEU A 216 -10.81 -24.12 5.71
C LEU A 216 -11.56 -22.81 5.83
N PRO A 217 -12.60 -22.55 5.04
CA PRO A 217 -13.21 -21.22 5.06
C PRO A 217 -14.15 -21.00 6.24
N LEU A 218 -13.64 -20.30 7.26
CA LEU A 218 -14.40 -19.73 8.37
C LEU A 218 -13.57 -18.56 8.84
N PRO A 219 -14.13 -17.57 9.57
CA PRO A 219 -13.29 -16.48 10.09
C PRO A 219 -12.34 -16.96 11.17
N TRP A 220 -11.04 -16.84 10.92
CA TRP A 220 -10.04 -17.36 11.83
C TRP A 220 -9.30 -16.28 12.58
N LEU A 221 -8.29 -16.70 13.32
CA LEU A 221 -7.57 -15.89 14.27
C LEU A 221 -6.30 -16.66 14.58
N PRO A 222 -5.15 -16.01 14.74
CA PRO A 222 -3.93 -16.75 15.04
C PRO A 222 -3.98 -17.34 16.44
N GLY A 223 -3.25 -18.45 16.61
CA GLY A 223 -3.29 -19.18 17.86
C GLY A 223 -2.66 -18.45 19.03
N ALA A 224 -1.81 -17.47 18.76
CA ALA A 224 -1.23 -16.65 19.81
C ALA A 224 -1.96 -15.34 20.01
N ASP A 225 -3.13 -15.16 19.41
CA ASP A 225 -3.80 -13.86 19.43
C ASP A 225 -4.70 -13.80 20.66
N THR A 226 -4.14 -13.30 21.75
CA THR A 226 -4.92 -12.90 22.91
C THR A 226 -5.72 -11.65 22.55
N GLN A 227 -6.82 -11.42 23.27
CA GLN A 227 -7.87 -10.43 23.00
C GLN A 227 -8.35 -10.57 21.55
N GLY A 228 -9.03 -11.70 21.33
CA GLY A 228 -9.41 -12.12 20.00
C GLY A 228 -10.55 -11.34 19.39
N SER A 229 -10.26 -10.11 18.99
CA SER A 229 -11.23 -9.25 18.31
C SER A 229 -11.08 -9.24 16.80
N ASN A 230 -9.84 -9.26 16.30
CA ASN A 230 -9.55 -9.08 14.88
C ASN A 230 -9.74 -10.42 14.16
N TRP A 231 -11.00 -10.75 13.88
CA TRP A 231 -11.30 -11.90 13.05
C TRP A 231 -11.05 -11.55 11.60
N ILE A 232 -10.46 -12.47 10.85
CA ILE A 232 -9.80 -12.08 9.61
C ILE A 232 -10.69 -12.22 8.38
N GLN A 233 -11.13 -13.43 8.04
CA GLN A 233 -12.06 -13.56 6.93
C GLN A 233 -13.50 -13.67 7.45
N LYS A 234 -13.97 -12.53 7.95
CA LYS A 234 -15.32 -12.43 8.51
C LYS A 234 -16.41 -12.57 7.47
N GLU A 235 -16.07 -12.44 6.18
CA GLU A 235 -17.08 -12.47 5.12
C GLU A 235 -17.54 -13.88 4.76
N THR A 236 -17.05 -14.90 5.46
CA THR A 236 -17.54 -16.26 5.29
C THR A 236 -18.51 -16.65 6.41
N LEU A 237 -18.93 -15.69 7.22
CA LEU A 237 -19.92 -15.95 8.25
C LEU A 237 -20.93 -14.82 8.31
N VAL A 238 -20.85 -13.85 7.40
CA VAL A 238 -21.88 -12.84 7.22
C VAL A 238 -22.39 -12.94 5.80
N THR A 239 -23.52 -12.28 5.56
CA THR A 239 -24.03 -12.10 4.21
C THR A 239 -24.73 -10.75 4.14
N PHE A 240 -24.78 -10.19 2.94
CA PHE A 240 -25.25 -8.83 2.73
C PHE A 240 -26.45 -8.87 1.79
N LYS A 241 -27.63 -8.61 2.33
CA LYS A 241 -28.88 -8.77 1.61
C LYS A 241 -29.21 -7.48 0.89
N ASN A 242 -29.03 -7.43 -0.42
CA ASN A 242 -29.46 -6.30 -1.24
C ASN A 242 -30.45 -6.81 -2.28
N PRO A 243 -31.71 -7.10 -1.88
CA PRO A 243 -32.65 -7.81 -2.77
C PRO A 243 -33.05 -7.00 -3.98
N HIS A 244 -33.61 -5.82 -3.73
CA HIS A 244 -33.88 -4.86 -4.78
C HIS A 244 -32.69 -3.91 -4.83
N ALA A 245 -32.82 -2.79 -5.53
CA ALA A 245 -31.77 -1.78 -5.50
C ALA A 245 -32.09 -0.71 -4.45
N LYS A 246 -32.28 -1.17 -3.22
CA LYS A 246 -32.69 -0.32 -2.12
C LYS A 246 -31.80 -0.68 -0.92
N LYS A 247 -32.24 -0.27 0.27
CA LYS A 247 -31.61 -0.55 1.56
C LYS A 247 -31.10 -1.98 1.70
N GLN A 248 -29.82 -2.11 2.05
CA GLN A 248 -29.24 -3.43 2.32
C GLN A 248 -29.03 -3.59 3.82
N ASP A 249 -28.78 -4.84 4.23
CA ASP A 249 -28.69 -5.14 5.64
C ASP A 249 -27.83 -6.38 5.84
N VAL A 250 -27.31 -6.53 7.05
CA VAL A 250 -26.47 -7.67 7.44
C VAL A 250 -27.30 -8.64 8.26
N VAL A 251 -27.10 -9.93 7.99
CA VAL A 251 -27.60 -11.01 8.86
C VAL A 251 -26.49 -12.04 9.00
N VAL A 252 -26.32 -12.55 10.22
CA VAL A 252 -25.31 -13.55 10.49
C VAL A 252 -25.72 -14.88 9.84
N LEU A 253 -24.72 -15.70 9.49
CA LEU A 253 -24.99 -16.87 8.68
C LEU A 253 -25.33 -18.10 9.51
N GLY A 254 -25.19 -18.03 10.82
CA GLY A 254 -25.61 -19.12 11.70
C GLY A 254 -24.44 -19.98 12.14
N SER A 255 -24.76 -20.92 13.04
CA SER A 255 -23.74 -21.79 13.60
C SER A 255 -23.28 -22.80 12.58
N GLN A 256 -21.97 -22.86 12.33
CA GLN A 256 -21.38 -23.75 11.34
C GLN A 256 -20.96 -25.09 11.94
N GLU A 257 -21.61 -25.52 13.03
CA GLU A 257 -21.19 -26.71 13.74
C GLU A 257 -21.64 -27.98 13.02
N GLY A 258 -22.91 -28.02 12.63
CA GLY A 258 -23.42 -29.16 11.90
C GLY A 258 -22.85 -29.30 10.51
N ALA A 259 -22.40 -28.20 9.92
CA ALA A 259 -21.65 -28.25 8.68
C ALA A 259 -20.17 -28.50 8.91
N MET A 260 -19.74 -28.55 10.18
CA MET A 260 -18.37 -28.92 10.49
C MET A 260 -18.25 -30.39 10.87
N HIS A 261 -19.29 -30.98 11.46
CA HIS A 261 -19.28 -32.42 11.65
C HIS A 261 -19.42 -33.18 10.34
N THR A 262 -19.93 -32.53 9.30
CA THR A 262 -19.90 -33.07 7.95
C THR A 262 -18.58 -32.77 7.25
N ALA A 263 -17.84 -31.76 7.72
CA ALA A 263 -16.51 -31.49 7.19
C ALA A 263 -15.51 -32.57 7.58
N LEU A 264 -15.79 -33.29 8.65
CA LEU A 264 -14.82 -34.20 9.27
C LEU A 264 -15.12 -35.65 8.96
N THR A 265 -15.62 -35.99 7.78
CA THR A 265 -15.86 -37.38 7.43
C THR A 265 -14.53 -37.99 6.99
N GLY A 266 -13.76 -38.46 7.96
CA GLY A 266 -12.47 -39.04 7.65
C GLY A 266 -11.43 -38.70 8.69
N ALA A 267 -11.77 -37.80 9.59
CA ALA A 267 -10.88 -37.44 10.69
C ALA A 267 -11.07 -38.45 11.79
N THR A 268 -10.00 -39.16 12.17
CA THR A 268 -10.09 -40.15 13.22
C THR A 268 -10.19 -39.44 14.56
N GLU A 269 -11.27 -39.72 15.29
CA GLU A 269 -11.57 -38.97 16.51
C GLU A 269 -10.58 -39.32 17.62
N ILE A 270 -10.10 -38.27 18.29
CA ILE A 270 -9.18 -38.43 19.41
C ILE A 270 -9.83 -37.82 20.64
N GLN A 271 -9.11 -37.81 21.76
CA GLN A 271 -9.65 -37.30 23.02
C GLN A 271 -8.74 -36.20 23.54
N MET A 272 -9.22 -34.96 23.49
CA MET A 272 -8.49 -33.81 24.03
C MET A 272 -9.33 -33.20 25.15
N SER A 273 -9.25 -33.81 26.33
CA SER A 273 -9.92 -33.33 27.53
C SER A 273 -9.25 -34.01 28.71
N SER A 274 -8.58 -33.22 29.55
CA SER A 274 -7.65 -33.70 30.58
C SER A 274 -6.62 -34.66 29.97
N GLY A 275 -5.84 -34.10 29.07
CA GLY A 275 -4.82 -34.85 28.35
C GLY A 275 -5.15 -34.91 26.88
N ASN A 276 -4.12 -34.78 26.04
CA ASN A 276 -4.30 -34.80 24.59
C ASN A 276 -4.07 -36.20 24.03
N LEU A 277 -4.90 -37.13 24.49
CA LEU A 277 -4.71 -38.54 24.19
C LEU A 277 -5.14 -38.86 22.77
N LEU A 278 -4.37 -39.72 22.11
CA LEU A 278 -4.74 -40.28 20.82
C LEU A 278 -4.94 -41.78 20.94
N PHE A 279 -5.79 -42.33 20.09
CA PHE A 279 -6.02 -43.77 20.05
C PHE A 279 -6.09 -44.22 18.60
N THR A 280 -5.16 -43.70 17.80
CA THR A 280 -5.02 -44.09 16.40
C THR A 280 -3.55 -44.07 16.05
N GLY A 281 -3.22 -44.63 14.90
CA GLY A 281 -1.84 -44.71 14.49
C GLY A 281 -1.16 -45.98 14.94
N HIS A 282 0.16 -45.98 14.89
CA HIS A 282 0.95 -47.17 15.22
C HIS A 282 2.39 -46.74 15.51
N LEU A 283 3.26 -47.73 15.72
CA LEU A 283 4.71 -47.57 15.67
C LEU A 283 5.31 -48.93 15.39
N LYS A 284 6.42 -48.95 14.65
CA LYS A 284 7.16 -50.19 14.48
C LYS A 284 8.15 -50.36 15.63
N CYS A 285 8.56 -51.61 15.84
CA CYS A 285 9.45 -51.94 16.93
C CYS A 285 10.60 -52.77 16.42
N ARG A 286 11.68 -52.77 17.19
CA ARG A 286 12.75 -53.75 17.09
C ARG A 286 12.75 -54.51 18.41
N LEU A 287 12.33 -55.75 18.37
CA LEU A 287 12.01 -56.52 19.57
C LEU A 287 13.15 -57.48 19.86
N ARG A 288 13.95 -57.17 20.86
CA ARG A 288 15.15 -57.95 21.17
C ARG A 288 14.87 -58.88 22.34
N MET A 289 15.01 -60.17 22.09
CA MET A 289 14.72 -61.21 23.08
C MET A 289 15.98 -61.98 23.45
N ASP A 290 17.07 -61.26 23.69
CA ASP A 290 18.32 -61.91 24.07
C ASP A 290 18.32 -62.40 25.51
N LYS A 291 17.49 -61.82 26.37
CA LYS A 291 17.46 -62.15 27.79
C LYS A 291 16.03 -62.45 28.21
N LEU A 292 15.62 -63.72 28.07
CA LEU A 292 14.31 -64.17 28.51
C LEU A 292 14.41 -65.58 29.05
N GLN A 293 13.94 -65.78 30.27
CA GLN A 293 13.85 -67.11 30.87
C GLN A 293 12.43 -67.65 30.74
N LEU A 294 12.31 -68.96 30.81
CA LEU A 294 11.03 -69.65 30.64
C LEU A 294 10.28 -69.87 31.96
N LYS A 295 10.95 -69.65 33.10
CA LYS A 295 10.43 -69.70 34.48
C LYS A 295 10.17 -71.13 34.96
N GLY A 296 10.32 -72.12 34.08
CA GLY A 296 9.85 -73.45 34.39
C GLY A 296 10.87 -74.55 34.54
N MET A 297 12.14 -74.30 34.26
CA MET A 297 13.14 -75.30 34.61
C MET A 297 13.31 -75.29 36.13
N SER A 298 13.75 -76.44 36.67
CA SER A 298 13.83 -76.78 38.09
C SER A 298 12.48 -76.84 38.76
N TYR A 299 11.41 -77.03 37.97
CA TYR A 299 10.10 -77.41 38.47
C TYR A 299 9.83 -78.80 37.92
N SER A 300 9.72 -79.77 38.82
CA SER A 300 9.54 -81.15 38.40
C SER A 300 8.16 -81.35 37.79
N MET A 301 8.07 -82.33 36.90
CA MET A 301 6.83 -82.61 36.18
C MET A 301 5.77 -83.13 37.15
N CYS A 302 4.51 -82.91 36.79
CA CYS A 302 3.39 -83.06 37.71
C CYS A 302 3.05 -84.52 37.95
N THR A 303 2.15 -84.73 38.92
CA THR A 303 1.70 -86.07 39.26
C THR A 303 0.19 -86.22 39.07
N GLY A 304 -0.34 -85.65 38.00
CA GLY A 304 -1.67 -86.01 37.51
C GLY A 304 -2.84 -85.50 38.32
N LYS A 305 -4.02 -85.93 37.88
CA LYS A 305 -5.34 -85.59 38.43
C LYS A 305 -5.61 -84.08 38.38
N PHE A 306 -5.71 -83.59 37.16
CA PHE A 306 -6.18 -82.24 36.89
C PHE A 306 -7.69 -82.22 36.82
N LYS A 307 -8.26 -81.02 36.68
CA LYS A 307 -9.70 -80.83 36.66
C LYS A 307 -10.01 -79.55 35.92
N VAL A 308 -10.90 -79.63 34.93
CA VAL A 308 -11.18 -78.48 34.07
C VAL A 308 -12.34 -77.68 34.65
N VAL A 309 -12.17 -76.35 34.70
CA VAL A 309 -13.19 -75.45 35.21
C VAL A 309 -13.69 -74.47 34.16
N LYS A 310 -13.12 -74.49 32.97
CA LYS A 310 -13.67 -73.75 31.83
C LYS A 310 -13.28 -74.51 30.57
N GLU A 311 -14.28 -74.87 29.77
CA GLU A 311 -14.08 -75.86 28.71
C GLU A 311 -13.31 -75.28 27.53
N ILE A 312 -13.06 -76.14 26.54
CA ILE A 312 -12.37 -75.74 25.32
C ILE A 312 -13.24 -74.74 24.58
N ALA A 313 -12.68 -73.56 24.30
CA ALA A 313 -13.41 -72.51 23.61
C ALA A 313 -12.53 -71.97 22.50
N GLU A 314 -12.83 -72.33 21.25
CA GLU A 314 -12.10 -71.79 20.11
C GLU A 314 -12.40 -70.31 19.98
N THR A 315 -11.45 -69.48 20.36
CA THR A 315 -11.58 -68.04 20.23
C THR A 315 -10.83 -67.64 18.97
N GLN A 316 -11.57 -67.49 17.87
CA GLN A 316 -11.13 -66.70 16.71
C GLN A 316 -9.87 -67.20 16.02
N HIS A 317 -10.05 -68.13 15.08
CA HIS A 317 -9.04 -68.80 14.22
C HIS A 317 -8.15 -69.76 15.01
N GLY A 318 -8.80 -70.66 15.75
CA GLY A 318 -8.23 -71.94 16.14
C GLY A 318 -7.13 -71.86 17.16
N THR A 319 -7.42 -71.19 18.26
CA THR A 319 -6.42 -70.86 19.25
C THR A 319 -7.03 -71.17 20.63
N ILE A 320 -7.49 -72.41 20.78
CA ILE A 320 -8.32 -72.89 21.88
C ILE A 320 -7.74 -72.60 23.26
N VAL A 321 -8.60 -72.42 24.25
CA VAL A 321 -8.21 -72.02 25.60
C VAL A 321 -8.91 -72.93 26.60
N ILE A 322 -8.14 -73.56 27.48
CA ILE A 322 -8.67 -74.39 28.54
C ILE A 322 -8.19 -73.82 29.87
N ARG A 323 -9.04 -73.89 30.89
CA ARG A 323 -8.67 -73.47 32.24
C ARG A 323 -8.76 -74.70 33.13
N VAL A 324 -7.66 -75.44 33.26
CA VAL A 324 -7.65 -76.56 34.20
C VAL A 324 -7.32 -76.05 35.59
N GLN A 325 -7.69 -76.83 36.59
CA GLN A 325 -7.44 -76.50 37.99
C GLN A 325 -6.89 -77.74 38.66
N TYR A 326 -5.74 -77.60 39.31
CA TYR A 326 -4.96 -78.76 39.73
C TYR A 326 -5.33 -79.24 41.12
N GLU A 327 -5.44 -80.56 41.26
CA GLU A 327 -5.66 -81.24 42.53
C GLU A 327 -4.51 -82.22 42.74
N GLY A 328 -3.72 -81.99 43.78
CA GLY A 328 -2.63 -82.89 44.09
C GLY A 328 -1.54 -82.18 44.84
N ASP A 329 -0.44 -82.90 45.05
CA ASP A 329 0.68 -82.44 45.85
C ASP A 329 1.89 -82.15 44.98
N GLY A 330 2.88 -81.48 45.58
CA GLY A 330 4.01 -80.97 44.85
C GLY A 330 3.59 -79.81 43.96
N SER A 331 3.00 -78.79 44.58
CA SER A 331 2.26 -77.76 43.86
C SER A 331 3.07 -76.83 42.94
N PRO A 332 4.37 -76.51 43.19
CA PRO A 332 5.14 -75.92 42.08
C PRO A 332 5.57 -77.00 41.11
N CYS A 333 4.93 -77.01 39.94
CA CYS A 333 5.19 -78.07 38.97
C CYS A 333 4.79 -77.61 37.58
N LYS A 334 5.48 -78.12 36.58
CA LYS A 334 5.02 -78.03 35.20
C LYS A 334 3.79 -78.92 35.02
N ILE A 335 3.04 -78.70 33.94
CA ILE A 335 1.93 -79.62 33.67
C ILE A 335 2.21 -80.39 32.39
N PRO A 336 1.72 -81.62 32.26
CA PRO A 336 1.97 -82.41 31.04
C PRO A 336 0.94 -82.18 29.92
N PHE A 337 1.12 -81.09 29.18
CA PHE A 337 0.18 -80.72 28.13
C PHE A 337 0.74 -81.17 26.78
N GLU A 338 0.04 -82.08 26.12
CA GLU A 338 0.42 -82.56 24.79
C GLU A 338 -0.84 -82.68 23.95
N ILE A 339 -0.70 -82.53 22.64
CA ILE A 339 -1.82 -82.64 21.70
C ILE A 339 -1.45 -83.69 20.67
N MET A 340 -2.17 -84.81 20.68
CA MET A 340 -1.86 -85.96 19.84
C MET A 340 -2.90 -86.11 18.74
N ASP A 341 -2.72 -87.15 17.93
CA ASP A 341 -3.78 -87.69 17.09
C ASP A 341 -4.55 -88.75 17.90
N LEU A 342 -5.33 -89.61 17.22
CA LEU A 342 -6.26 -90.51 17.90
C LEU A 342 -5.55 -91.49 18.82
N GLU A 343 -4.70 -92.35 18.28
CA GLU A 343 -3.77 -93.10 19.10
C GLU A 343 -2.53 -92.26 19.35
N LYS A 344 -2.03 -92.28 20.58
CA LYS A 344 -1.00 -91.35 21.02
C LYS A 344 0.35 -91.75 20.41
N ARG A 345 0.52 -91.40 19.14
CA ARG A 345 1.77 -91.66 18.43
C ARG A 345 2.47 -90.38 17.98
N HIS A 346 1.76 -89.50 17.29
CA HIS A 346 2.34 -88.28 16.76
C HIS A 346 1.80 -87.08 17.52
N VAL A 347 2.65 -86.08 17.71
CA VAL A 347 2.26 -84.80 18.29
C VAL A 347 1.90 -83.87 17.14
N LEU A 348 0.69 -83.34 17.18
CA LEU A 348 0.18 -82.46 16.14
C LEU A 348 -0.20 -81.14 16.78
N GLY A 349 0.22 -80.04 16.18
CA GLY A 349 -0.16 -78.73 16.69
C GLY A 349 0.70 -78.27 17.84
N ARG A 350 1.16 -77.03 17.75
CA ARG A 350 2.06 -76.47 18.75
C ARG A 350 1.28 -76.07 19.99
N LEU A 351 2.03 -75.83 21.07
CA LEU A 351 1.52 -75.17 22.25
C LEU A 351 1.95 -73.71 22.21
N ILE A 352 1.06 -72.81 22.63
CA ILE A 352 1.31 -71.38 22.53
C ILE A 352 1.74 -70.79 23.87
N THR A 353 1.03 -71.08 24.96
CA THR A 353 1.65 -70.75 26.25
C THR A 353 2.69 -71.82 26.55
N VAL A 354 3.91 -71.59 26.06
CA VAL A 354 4.95 -72.59 26.17
C VAL A 354 5.40 -72.71 27.62
N ASN A 355 5.59 -73.96 28.05
CA ASN A 355 5.90 -74.38 29.42
C ASN A 355 4.89 -73.82 30.43
N PRO A 356 3.66 -74.34 30.50
CA PRO A 356 2.72 -73.89 31.53
C PRO A 356 2.99 -74.57 32.86
N ILE A 357 2.97 -73.80 33.94
CA ILE A 357 3.29 -74.31 35.26
C ILE A 357 2.11 -74.07 36.19
N VAL A 358 2.16 -74.72 37.35
CA VAL A 358 1.22 -74.52 38.43
C VAL A 358 1.94 -73.86 39.59
N THR A 359 1.39 -72.76 40.08
CA THR A 359 1.80 -72.16 41.33
C THR A 359 0.55 -71.92 42.14
N GLU A 360 0.61 -72.24 43.46
CA GLU A 360 -0.51 -72.11 44.39
C GLU A 360 -1.70 -72.95 43.94
N LYS A 361 -1.59 -74.27 44.14
CA LYS A 361 -2.46 -75.36 43.66
C LYS A 361 -3.95 -75.04 43.56
N ASP A 362 -4.50 -74.36 44.56
CA ASP A 362 -5.90 -73.93 44.50
C ASP A 362 -6.08 -72.61 43.74
N SER A 363 -5.55 -72.56 42.52
CA SER A 363 -5.70 -71.44 41.61
C SER A 363 -5.50 -72.02 40.22
N PRO A 364 -6.46 -71.86 39.32
CA PRO A 364 -6.36 -72.47 37.99
C PRO A 364 -5.29 -71.79 37.13
N VAL A 365 -4.99 -72.44 36.02
CA VAL A 365 -4.05 -71.89 35.04
C VAL A 365 -4.69 -71.97 33.66
N ASN A 366 -4.55 -70.90 32.88
CA ASN A 366 -5.09 -70.85 31.54
C ASN A 366 -4.08 -71.42 30.57
N ILE A 367 -4.54 -72.25 29.64
CA ILE A 367 -3.67 -72.87 28.64
C ILE A 367 -4.26 -72.63 27.27
N GLU A 368 -3.52 -71.90 26.44
CA GLU A 368 -3.84 -71.60 25.06
C GLU A 368 -2.93 -72.43 24.17
N ALA A 369 -3.47 -72.93 23.06
CA ALA A 369 -2.74 -73.84 22.19
C ALA A 369 -3.30 -73.72 20.78
N GLU A 370 -2.65 -74.38 19.83
CA GLU A 370 -3.12 -74.29 18.45
C GLU A 370 -3.26 -75.67 17.82
N PRO A 371 -4.49 -76.18 17.68
CA PRO A 371 -4.67 -77.52 17.13
C PRO A 371 -4.53 -77.50 15.62
N PRO A 372 -4.29 -78.65 15.00
CA PRO A 372 -4.30 -78.74 13.53
C PRO A 372 -5.71 -78.89 12.98
N PHE A 373 -5.77 -79.09 11.67
CA PHE A 373 -7.04 -79.22 10.96
C PHE A 373 -7.52 -80.66 11.07
N GLY A 374 -8.56 -80.88 11.87
CA GLY A 374 -9.11 -82.20 11.99
C GLY A 374 -9.29 -82.63 13.43
N ASP A 375 -9.16 -83.92 13.69
CA ASP A 375 -9.33 -84.43 15.04
C ASP A 375 -8.05 -84.26 15.83
N SER A 376 -8.19 -83.78 17.06
CA SER A 376 -7.05 -83.59 17.95
C SER A 376 -7.50 -83.98 19.35
N TYR A 377 -6.56 -84.46 20.15
CA TYR A 377 -6.88 -84.99 21.46
C TYR A 377 -5.99 -84.31 22.50
N ILE A 378 -6.57 -83.33 23.18
CA ILE A 378 -5.85 -82.53 24.16
C ILE A 378 -5.66 -83.36 25.43
N ILE A 379 -4.43 -83.37 25.93
CA ILE A 379 -3.98 -84.32 26.94
C ILE A 379 -3.29 -83.57 28.07
N ILE A 380 -3.83 -83.67 29.28
CA ILE A 380 -3.28 -83.04 30.47
C ILE A 380 -3.09 -84.11 31.53
N GLY A 381 -1.96 -84.10 32.20
CA GLY A 381 -1.74 -84.99 33.33
C GLY A 381 -1.05 -86.27 32.92
N VAL A 382 -1.02 -87.20 33.86
CA VAL A 382 -0.42 -88.51 33.62
C VAL A 382 -1.50 -89.58 33.75
N GLU A 383 -1.09 -90.84 33.58
CA GLU A 383 -2.04 -91.93 33.37
C GLU A 383 -3.01 -92.27 34.50
N PRO A 384 -2.70 -92.13 35.81
CA PRO A 384 -3.75 -92.40 36.82
C PRO A 384 -4.92 -91.42 36.78
N GLY A 385 -4.70 -90.19 36.33
CA GLY A 385 -5.75 -89.20 36.31
C GLY A 385 -5.87 -88.49 34.98
N GLN A 386 -5.79 -89.25 33.89
CA GLN A 386 -5.60 -88.67 32.56
C GLN A 386 -6.85 -87.92 32.09
N LEU A 387 -6.62 -86.78 31.46
CA LEU A 387 -7.66 -86.01 30.77
C LEU A 387 -7.38 -86.04 29.28
N LYS A 388 -8.11 -86.85 28.54
CA LYS A 388 -7.98 -86.91 27.08
C LYS A 388 -9.24 -86.27 26.49
N LEU A 389 -9.18 -84.95 26.31
CA LEU A 389 -10.31 -84.20 25.78
C LEU A 389 -10.25 -84.17 24.26
N ASN A 390 -11.43 -84.17 23.64
CA ASN A 390 -11.51 -84.09 22.19
C ASN A 390 -11.66 -82.65 21.76
N TRP A 391 -11.12 -82.33 20.60
CA TRP A 391 -11.47 -81.08 19.92
C TRP A 391 -11.33 -81.29 18.42
N PHE A 392 -12.31 -80.78 17.68
CA PHE A 392 -12.30 -80.75 16.23
C PHE A 392 -12.25 -79.29 15.80
N LYS A 393 -11.05 -78.80 15.51
CA LYS A 393 -10.92 -77.55 14.79
C LYS A 393 -11.55 -77.71 13.42
N LYS A 394 -12.45 -76.80 13.07
CA LYS A 394 -13.32 -76.96 11.90
C LYS A 394 -12.48 -76.95 10.65
N GLY A 395 -12.36 -78.13 10.04
CA GLY A 395 -11.30 -78.45 9.13
C GLY A 395 -11.31 -77.63 7.86
N SER A 396 -10.46 -76.64 7.86
CA SER A 396 -10.14 -75.88 6.66
C SER A 396 -8.87 -76.49 6.05
N SER A 397 -8.22 -75.74 5.18
CA SER A 397 -7.21 -76.23 4.27
C SER A 397 -6.23 -75.09 4.06
N ILE A 398 -5.70 -74.97 2.86
CA ILE A 398 -5.04 -73.75 2.40
C ILE A 398 -5.95 -72.51 2.34
N GLY A 399 -7.24 -72.65 2.70
CA GLY A 399 -8.07 -71.49 3.00
C GLY A 399 -7.50 -70.58 4.07
N GLN A 400 -6.75 -71.11 5.04
CA GLN A 400 -6.07 -70.18 5.93
C GLN A 400 -4.85 -69.55 5.27
N MET A 401 -4.33 -70.14 4.20
CA MET A 401 -3.30 -69.46 3.44
C MET A 401 -3.91 -68.35 2.58
N ILE A 402 -5.13 -68.54 2.07
CA ILE A 402 -5.72 -67.45 1.29
C ILE A 402 -6.27 -66.37 2.23
N GLU A 403 -6.64 -66.69 3.48
CA GLU A 403 -7.04 -65.61 4.37
C GLU A 403 -5.85 -64.99 5.08
N THR A 404 -4.71 -65.67 5.12
CA THR A 404 -3.47 -65.01 5.51
C THR A 404 -2.97 -64.10 4.40
N THR A 405 -3.25 -64.46 3.14
CA THR A 405 -2.96 -63.55 2.03
C THR A 405 -3.87 -62.33 2.08
N MET A 406 -5.16 -62.52 2.36
CA MET A 406 -6.06 -61.38 2.47
C MET A 406 -5.75 -60.52 3.69
N ARG A 407 -5.30 -61.14 4.78
CA ARG A 407 -4.85 -60.35 5.93
C ARG A 407 -3.58 -59.57 5.60
N GLY A 408 -2.68 -60.16 4.82
CA GLY A 408 -1.45 -59.48 4.47
C GLY A 408 -1.66 -58.31 3.53
N ALA A 409 -2.53 -58.48 2.54
CA ALA A 409 -2.86 -57.36 1.66
C ALA A 409 -3.70 -56.30 2.36
N LYS A 410 -4.50 -56.71 3.34
CA LYS A 410 -5.20 -55.73 4.19
C LYS A 410 -4.21 -54.90 4.98
N ARG A 411 -3.20 -55.54 5.56
CA ARG A 411 -2.19 -54.80 6.32
C ARG A 411 -1.31 -53.95 5.41
N MET A 412 -1.13 -54.37 4.16
CA MET A 412 -0.51 -53.46 3.19
C MET A 412 -1.46 -52.36 2.73
N ALA A 413 -2.75 -52.48 2.99
CA ALA A 413 -3.64 -51.37 2.69
C ALA A 413 -3.68 -50.33 3.79
N ILE A 414 -3.73 -50.73 5.05
CA ILE A 414 -3.68 -49.74 6.14
C ILE A 414 -2.27 -49.16 6.26
N LEU A 415 -1.29 -50.02 6.51
CA LEU A 415 0.09 -49.58 6.57
C LEU A 415 0.66 -49.54 5.15
N GLY A 416 1.23 -48.41 4.76
CA GLY A 416 1.73 -48.30 3.41
C GLY A 416 2.98 -49.11 3.18
N ASP A 417 4.10 -48.65 3.74
CA ASP A 417 5.39 -49.30 3.58
C ASP A 417 5.94 -49.85 4.88
N THR A 418 5.34 -49.50 6.01
CA THR A 418 5.67 -50.11 7.28
C THR A 418 5.16 -51.56 7.35
N ALA A 419 4.22 -51.92 6.47
CA ALA A 419 3.67 -53.27 6.40
C ALA A 419 4.67 -54.33 5.97
N TRP A 420 5.87 -53.93 5.51
CA TRP A 420 6.98 -54.84 5.30
C TRP A 420 7.77 -55.12 6.57
N ASP A 421 7.20 -54.81 7.73
CA ASP A 421 7.64 -55.35 9.00
C ASP A 421 6.86 -56.64 9.25
N PHE A 422 6.90 -57.13 10.50
CA PHE A 422 6.61 -58.50 10.96
C PHE A 422 7.63 -59.50 10.42
N GLY A 423 8.74 -59.03 9.88
CA GLY A 423 9.75 -59.91 9.32
C GLY A 423 11.13 -59.49 9.77
N SER A 424 11.97 -60.49 10.06
CA SER A 424 13.27 -60.27 10.67
C SER A 424 14.37 -60.19 9.62
N LEU A 425 14.20 -59.24 8.68
CA LEU A 425 15.19 -58.86 7.66
C LEU A 425 15.59 -60.05 6.78
N GLY A 426 14.65 -60.44 5.93
CA GLY A 426 14.96 -61.34 4.83
C GLY A 426 16.03 -60.80 3.89
N GLY A 427 16.21 -59.48 3.84
CA GLY A 427 17.32 -58.91 3.11
C GLY A 427 16.99 -58.65 1.66
N VAL A 428 17.35 -59.60 0.81
CA VAL A 428 17.18 -59.45 -0.64
C VAL A 428 15.70 -59.51 -1.03
N PHE A 429 14.83 -60.04 -0.18
CA PHE A 429 13.41 -59.95 -0.44
C PHE A 429 12.70 -58.90 0.39
N THR A 430 13.04 -58.79 1.67
CA THR A 430 12.32 -57.86 2.54
C THR A 430 12.72 -56.41 2.27
N SER A 431 14.02 -56.13 2.17
CA SER A 431 14.46 -54.76 1.95
C SER A 431 14.19 -54.30 0.52
N ILE A 432 14.32 -55.19 -0.47
CA ILE A 432 14.03 -54.82 -1.85
C ILE A 432 12.52 -54.67 -2.06
N GLY A 433 11.74 -55.51 -1.37
CA GLY A 433 10.29 -55.33 -1.40
C GLY A 433 9.84 -54.04 -0.76
N LYS A 434 10.46 -53.66 0.36
CA LYS A 434 10.13 -52.41 1.01
C LYS A 434 10.58 -51.22 0.18
N ALA A 435 11.71 -51.35 -0.52
CA ALA A 435 12.24 -50.23 -1.31
C ALA A 435 11.40 -49.99 -2.56
N LEU A 436 11.12 -51.05 -3.33
CA LEU A 436 10.26 -50.89 -4.50
C LEU A 436 8.82 -50.54 -4.10
N HIS A 437 8.40 -50.94 -2.90
CA HIS A 437 7.10 -50.53 -2.42
C HIS A 437 7.08 -49.06 -2.03
N GLN A 438 8.22 -48.52 -1.61
CA GLN A 438 8.28 -47.07 -1.37
C GLN A 438 8.38 -46.28 -2.67
N VAL A 439 8.98 -46.88 -3.70
CA VAL A 439 9.00 -46.21 -5.00
C VAL A 439 7.61 -46.18 -5.61
N PHE A 440 6.94 -47.33 -5.64
CA PHE A 440 5.58 -47.39 -6.17
C PHE A 440 4.54 -46.77 -5.24
N GLY A 441 4.89 -46.52 -3.98
CA GLY A 441 3.97 -45.87 -3.07
C GLY A 441 3.89 -44.39 -3.31
N ALA A 442 5.04 -43.76 -3.53
CA ALA A 442 5.09 -42.31 -3.77
C ALA A 442 4.72 -41.93 -5.19
N ILE A 443 4.53 -42.91 -6.09
CA ILE A 443 3.92 -42.62 -7.37
C ILE A 443 2.42 -42.89 -7.32
N TYR A 444 1.96 -43.68 -6.35
CA TYR A 444 0.53 -43.79 -6.08
C TYR A 444 0.06 -42.55 -5.32
N GLY A 445 0.60 -42.33 -4.13
CA GLY A 445 0.33 -41.10 -3.43
C GLY A 445 0.94 -39.91 -4.13
N ALA A 446 0.32 -38.73 -3.93
CA ALA A 446 0.58 -37.47 -4.62
C ALA A 446 0.39 -37.57 -6.14
N ALA A 447 -0.28 -38.61 -6.62
CA ALA A 447 -0.82 -38.67 -7.97
C ALA A 447 -2.19 -39.33 -7.95
N PHE A 448 -2.69 -39.68 -6.76
CA PHE A 448 -4.00 -40.29 -6.66
C PHE A 448 -4.71 -39.85 -5.37
N SER A 449 -4.23 -38.82 -4.69
CA SER A 449 -4.78 -38.38 -3.41
C SER A 449 -5.78 -37.26 -3.63
N GLY A 450 -6.79 -37.19 -2.77
CA GLY A 450 -7.87 -36.24 -2.88
C GLY A 450 -9.17 -36.86 -3.35
N VAL A 451 -9.10 -37.93 -4.13
CA VAL A 451 -10.27 -38.65 -4.59
C VAL A 451 -10.72 -39.60 -3.49
N SER A 452 -11.93 -40.15 -3.63
CA SER A 452 -12.55 -40.90 -2.53
C SER A 452 -12.99 -42.29 -2.96
N TRP A 453 -13.80 -42.93 -2.10
CA TRP A 453 -14.39 -44.27 -2.22
C TRP A 453 -14.88 -44.63 -3.60
N ILE A 454 -15.50 -43.68 -4.31
CA ILE A 454 -16.11 -43.96 -5.61
C ILE A 454 -15.13 -43.70 -6.75
N MET A 455 -14.40 -42.58 -6.68
CA MET A 455 -13.56 -42.16 -7.80
C MET A 455 -12.36 -43.07 -7.98
N LYS A 456 -11.90 -43.72 -6.91
CA LYS A 456 -10.83 -44.71 -7.06
C LYS A 456 -11.31 -45.92 -7.83
N ILE A 457 -12.57 -46.32 -7.61
CA ILE A 457 -13.14 -47.44 -8.37
C ILE A 457 -13.38 -47.02 -9.81
N LEU A 458 -13.78 -45.77 -10.04
CA LEU A 458 -14.02 -45.30 -11.41
C LEU A 458 -12.72 -45.24 -12.21
N ILE A 459 -11.69 -44.61 -11.65
CA ILE A 459 -10.39 -44.54 -12.31
C ILE A 459 -9.77 -45.92 -12.45
N GLY A 460 -10.02 -46.81 -11.49
CA GLY A 460 -9.54 -48.18 -11.61
C GLY A 460 -10.19 -48.96 -12.73
N VAL A 461 -11.49 -48.73 -12.96
CA VAL A 461 -12.16 -49.36 -14.10
C VAL A 461 -11.67 -48.74 -15.41
N ILE A 462 -11.32 -47.44 -15.39
CA ILE A 462 -10.77 -46.82 -16.59
C ILE A 462 -9.39 -47.37 -16.93
N ILE A 463 -8.52 -47.54 -15.93
CA ILE A 463 -7.18 -48.07 -16.17
C ILE A 463 -7.25 -49.55 -16.53
N THR A 464 -8.17 -50.30 -15.92
CA THR A 464 -8.34 -51.71 -16.26
C THR A 464 -8.87 -51.87 -17.68
N TRP A 465 -9.77 -50.98 -18.11
CA TRP A 465 -10.33 -51.10 -19.45
C TRP A 465 -9.32 -50.71 -20.52
N ILE A 466 -8.48 -49.73 -20.24
CA ILE A 466 -7.43 -49.34 -21.19
C ILE A 466 -6.40 -50.45 -21.33
N GLY A 467 -6.09 -51.14 -20.22
CA GLY A 467 -5.11 -52.21 -20.27
C GLY A 467 -5.60 -53.42 -21.04
N MET A 468 -6.90 -53.69 -21.00
CA MET A 468 -7.47 -54.85 -21.70
C MET A 468 -7.67 -54.60 -23.18
N ASN A 469 -7.18 -53.49 -23.73
CA ASN A 469 -7.37 -53.18 -25.13
C ASN A 469 -6.09 -52.76 -25.84
N SER A 470 -4.99 -52.60 -25.13
CA SER A 470 -3.77 -52.09 -25.72
C SER A 470 -3.02 -53.22 -26.44
N ARG A 471 -1.83 -52.91 -26.95
CA ARG A 471 -0.98 -53.89 -27.60
C ARG A 471 0.43 -53.83 -27.02
N SER A 472 1.36 -54.55 -27.65
CA SER A 472 2.78 -54.61 -27.28
C SER A 472 2.96 -55.08 -25.83
N THR A 473 2.16 -56.09 -25.46
CA THR A 473 2.00 -56.73 -24.14
C THR A 473 2.07 -55.76 -22.95
N SER A 474 1.47 -54.59 -23.12
CA SER A 474 1.20 -53.67 -22.01
C SER A 474 -0.13 -53.97 -21.34
N LEU A 475 -0.72 -55.13 -21.62
CA LEU A 475 -1.92 -55.55 -20.92
C LEU A 475 -1.63 -55.82 -19.45
N SER A 476 -0.67 -56.69 -19.18
CA SER A 476 -0.32 -57.01 -17.79
C SER A 476 0.45 -55.89 -17.10
N VAL A 477 0.87 -54.86 -17.84
CA VAL A 477 1.48 -53.70 -17.20
C VAL A 477 0.41 -52.85 -16.53
N SER A 478 -0.74 -52.69 -17.17
CA SER A 478 -1.79 -51.80 -16.67
C SER A 478 -2.96 -52.55 -16.05
N LEU A 479 -2.76 -53.79 -15.58
CA LEU A 479 -3.75 -54.48 -14.78
C LEU A 479 -3.23 -54.87 -13.40
N VAL A 480 -2.08 -55.54 -13.33
CA VAL A 480 -1.70 -56.27 -12.12
C VAL A 480 -1.20 -55.34 -11.01
N LEU A 481 -0.86 -54.10 -11.34
CA LEU A 481 -0.30 -53.21 -10.33
C LEU A 481 -1.03 -51.87 -10.24
N VAL A 482 -1.77 -51.46 -11.26
CA VAL A 482 -2.47 -50.18 -11.20
C VAL A 482 -3.97 -50.37 -11.38
N GLY A 483 -4.40 -51.43 -12.02
CA GLY A 483 -5.83 -51.64 -12.13
C GLY A 483 -6.45 -52.29 -10.92
N VAL A 484 -6.13 -53.57 -10.71
CA VAL A 484 -6.78 -54.36 -9.67
C VAL A 484 -6.30 -53.93 -8.30
N VAL A 485 -5.09 -53.38 -8.21
CA VAL A 485 -4.60 -52.84 -6.95
C VAL A 485 -5.39 -51.59 -6.56
N THR A 486 -5.76 -50.77 -7.54
CA THR A 486 -6.59 -49.61 -7.19
C THR A 486 -8.07 -49.95 -7.05
N LEU A 487 -8.51 -51.11 -7.53
CA LEU A 487 -9.84 -51.56 -7.12
C LEU A 487 -9.84 -52.09 -5.69
N TYR A 488 -8.80 -52.84 -5.31
CA TYR A 488 -8.70 -53.35 -3.95
C TYR A 488 -8.50 -52.23 -2.94
N LEU A 489 -7.60 -51.31 -3.25
CA LEU A 489 -7.48 -50.09 -2.46
C LEU A 489 -8.73 -49.23 -2.59
N GLY A 490 -9.45 -49.35 -3.71
CA GLY A 490 -10.69 -48.63 -3.85
C GLY A 490 -11.79 -49.13 -2.94
N VAL A 491 -11.74 -50.41 -2.55
CA VAL A 491 -12.77 -50.94 -1.66
C VAL A 491 -12.30 -51.06 -0.20
N MET A 492 -11.00 -50.98 0.08
CA MET A 492 -10.54 -51.09 1.46
C MET A 492 -10.33 -49.75 2.16
N VAL A 493 -10.48 -48.62 1.47
CA VAL A 493 -10.41 -47.31 2.09
C VAL A 493 -11.67 -47.01 2.88
N GLN A 494 -11.65 -45.87 3.58
CA GLN A 494 -12.71 -45.40 4.50
C GLN A 494 -12.84 -46.39 5.66
N ALA A 495 -11.71 -46.76 6.22
CA ALA A 495 -11.68 -47.67 7.36
C ALA A 495 -12.19 -46.96 8.59
N SER B 1 -20.03 -24.51 1.35
CA SER B 1 -19.41 -24.03 2.57
C SER B 1 -18.40 -25.05 3.08
N VAL B 2 -18.37 -25.21 4.40
CA VAL B 2 -17.46 -26.18 5.00
C VAL B 2 -18.01 -27.58 4.97
N ALA B 3 -19.29 -27.76 4.64
CA ALA B 3 -19.80 -29.11 4.42
C ALA B 3 -19.24 -29.72 3.15
N LEU B 4 -18.72 -28.90 2.25
CA LEU B 4 -17.91 -29.37 1.14
C LEU B 4 -16.48 -29.60 1.62
N VAL B 5 -15.65 -30.12 0.73
CA VAL B 5 -14.29 -30.66 0.95
C VAL B 5 -14.21 -31.46 2.25
N PRO B 6 -14.77 -32.67 2.28
CA PRO B 6 -15.09 -33.31 3.56
C PRO B 6 -13.96 -34.12 4.20
N HIS B 7 -12.70 -33.88 3.81
CA HIS B 7 -11.51 -34.52 4.40
C HIS B 7 -11.53 -36.04 4.19
N VAL B 8 -11.49 -36.43 2.93
CA VAL B 8 -11.59 -37.84 2.55
C VAL B 8 -10.30 -38.37 1.94
N GLY B 9 -9.78 -37.72 0.90
CA GLY B 9 -8.63 -38.25 0.19
C GLY B 9 -7.31 -37.74 0.71
N MET B 10 -7.08 -37.88 2.02
CA MET B 10 -5.92 -37.30 2.66
C MET B 10 -4.80 -38.28 2.91
N GLY B 11 -5.09 -39.58 2.95
CA GLY B 11 -4.21 -40.52 3.60
C GLY B 11 -4.67 -40.60 5.04
N LEU B 12 -3.73 -40.68 5.99
CA LEU B 12 -3.96 -40.43 7.42
C LEU B 12 -4.90 -41.43 8.08
N GLU B 13 -5.25 -42.53 7.41
CA GLU B 13 -6.26 -43.45 7.92
C GLU B 13 -5.62 -44.67 8.55
N THR B 14 -6.24 -45.17 9.60
CA THR B 14 -5.69 -46.29 10.35
C THR B 14 -6.80 -47.33 10.49
N ARG B 15 -6.60 -48.36 11.30
CA ARG B 15 -7.56 -49.47 11.37
C ARG B 15 -8.78 -49.11 12.20
N THR B 16 -8.63 -48.21 13.18
CA THR B 16 -9.80 -47.69 13.88
C THR B 16 -10.63 -46.82 12.93
N GLU B 17 -11.93 -46.84 13.14
CA GLU B 17 -12.80 -46.21 12.16
C GLU B 17 -12.81 -44.70 12.31
N THR B 18 -13.29 -44.02 11.27
CA THR B 18 -13.27 -42.57 11.18
C THR B 18 -14.42 -41.95 11.97
N TRP B 19 -14.69 -40.68 11.73
CA TRP B 19 -15.76 -39.99 12.44
C TRP B 19 -17.13 -40.49 12.00
N MET B 20 -17.46 -40.33 10.73
CA MET B 20 -18.63 -41.02 10.18
C MET B 20 -18.27 -41.72 8.88
N SER B 21 -17.73 -42.91 9.01
CA SER B 21 -17.80 -43.92 7.97
C SER B 21 -18.97 -44.84 8.29
N SER B 22 -19.38 -45.62 7.28
CA SER B 22 -20.58 -46.46 7.17
C SER B 22 -21.86 -45.64 7.08
N GLU B 23 -21.79 -44.31 7.19
CA GLU B 23 -22.87 -43.42 6.78
C GLU B 23 -22.41 -42.58 5.59
N GLY B 24 -21.33 -41.82 5.75
CA GLY B 24 -20.80 -41.00 4.67
C GLY B 24 -19.88 -41.78 3.75
N ALA B 25 -20.36 -42.91 3.24
CA ALA B 25 -19.64 -43.72 2.29
C ALA B 25 -20.57 -44.03 1.13
N TRP B 26 -21.86 -43.97 1.39
CA TRP B 26 -22.90 -44.15 0.38
C TRP B 26 -23.84 -42.97 0.33
N LYS B 27 -23.36 -41.77 0.72
CA LYS B 27 -24.22 -40.60 0.65
C LYS B 27 -24.25 -40.01 -0.75
N HIS B 28 -23.14 -40.07 -1.47
CA HIS B 28 -23.10 -39.38 -2.76
C HIS B 28 -23.83 -40.14 -3.84
N ALA B 29 -23.82 -41.48 -3.80
CA ALA B 29 -24.57 -42.24 -4.79
C ALA B 29 -26.07 -42.15 -4.52
N GLN B 30 -26.46 -42.19 -3.25
CA GLN B 30 -27.85 -41.99 -2.86
C GLN B 30 -28.33 -40.59 -3.23
N ARG B 31 -27.46 -39.59 -3.05
CA ARG B 31 -27.81 -38.21 -3.36
C ARG B 31 -27.97 -37.98 -4.85
N ILE B 32 -27.02 -38.49 -5.65
CA ILE B 32 -27.15 -38.27 -7.08
C ILE B 32 -28.23 -39.14 -7.69
N GLU B 33 -28.60 -40.25 -7.07
CA GLU B 33 -29.67 -41.03 -7.69
C GLU B 33 -31.06 -40.64 -7.22
N THR B 34 -31.21 -40.06 -6.03
CA THR B 34 -32.46 -39.37 -5.77
C THR B 34 -32.56 -38.08 -6.57
N TRP B 35 -31.42 -37.49 -6.94
CA TRP B 35 -31.46 -36.37 -7.87
C TRP B 35 -31.90 -36.82 -9.26
N ILE B 36 -31.43 -37.98 -9.70
CA ILE B 36 -31.84 -38.51 -11.01
C ILE B 36 -33.32 -38.84 -11.01
N LEU B 37 -33.81 -39.51 -9.97
CA LEU B 37 -35.23 -39.84 -9.99
C LEU B 37 -36.12 -38.66 -9.66
N ARG B 38 -35.58 -37.53 -9.22
CA ARG B 38 -36.39 -36.32 -9.08
C ARG B 38 -36.04 -35.24 -10.10
N HIS B 39 -35.09 -35.50 -11.00
CA HIS B 39 -34.84 -34.61 -12.15
C HIS B 39 -34.40 -35.45 -13.34
N PRO B 40 -35.33 -36.16 -13.98
CA PRO B 40 -34.91 -37.13 -15.00
C PRO B 40 -34.54 -36.50 -16.34
N GLY B 41 -35.08 -35.32 -16.65
CA GLY B 41 -34.89 -34.73 -17.97
C GLY B 41 -33.46 -34.36 -18.28
N PHE B 42 -32.66 -34.07 -17.26
CA PHE B 42 -31.24 -33.85 -17.50
C PHE B 42 -30.53 -35.16 -17.79
N THR B 43 -31.05 -36.28 -17.30
CA THR B 43 -30.43 -37.56 -17.63
C THR B 43 -30.78 -38.01 -19.03
N ILE B 44 -32.01 -37.73 -19.50
CA ILE B 44 -32.32 -37.91 -20.91
C ILE B 44 -31.43 -37.00 -21.77
N MET B 45 -31.27 -35.74 -21.34
CA MET B 45 -30.46 -34.78 -22.09
C MET B 45 -28.99 -35.21 -22.15
N ALA B 46 -28.47 -35.74 -21.04
CA ALA B 46 -27.11 -36.27 -21.04
C ALA B 46 -27.01 -37.58 -21.80
N ALA B 47 -28.13 -38.28 -22.00
CA ALA B 47 -28.08 -39.49 -22.82
C ALA B 47 -27.96 -39.16 -24.30
N ILE B 48 -28.74 -38.17 -24.77
CA ILE B 48 -28.61 -37.75 -26.17
C ILE B 48 -27.28 -37.05 -26.41
N LEU B 49 -26.90 -36.12 -25.53
CA LEU B 49 -25.64 -35.41 -25.70
C LEU B 49 -24.44 -36.32 -25.53
N ALA B 50 -24.54 -37.32 -24.66
CA ALA B 50 -23.44 -38.26 -24.48
C ALA B 50 -23.36 -39.24 -25.63
N TYR B 51 -24.51 -39.64 -26.18
CA TYR B 51 -24.50 -40.55 -27.33
C TYR B 51 -24.06 -39.86 -28.61
N THR B 52 -24.22 -38.54 -28.71
CA THR B 52 -23.85 -37.84 -29.94
C THR B 52 -22.34 -37.71 -30.09
N ILE B 53 -21.69 -37.02 -29.16
CA ILE B 53 -20.23 -36.89 -29.19
C ILE B 53 -19.61 -38.16 -28.64
N GLY B 54 -18.29 -38.30 -28.79
CA GLY B 54 -17.64 -39.47 -28.26
C GLY B 54 -17.91 -40.75 -29.03
N THR B 55 -17.27 -40.89 -30.19
CA THR B 55 -17.48 -41.96 -31.18
C THR B 55 -17.52 -43.39 -30.63
N THR B 56 -16.45 -43.84 -29.98
CA THR B 56 -16.37 -45.24 -29.57
C THR B 56 -17.30 -45.54 -28.41
N HIS B 57 -17.63 -46.82 -28.26
CA HIS B 57 -18.77 -47.25 -27.47
C HIS B 57 -18.55 -47.14 -25.97
N PHE B 58 -17.32 -46.96 -25.52
CA PHE B 58 -17.01 -46.75 -24.11
C PHE B 58 -17.05 -45.27 -23.73
N GLN B 59 -16.79 -44.38 -24.70
CA GLN B 59 -16.84 -42.95 -24.45
C GLN B 59 -18.26 -42.48 -24.19
N ARG B 60 -19.27 -43.17 -24.75
CA ARG B 60 -20.66 -42.84 -24.44
C ARG B 60 -20.96 -43.08 -22.97
N ALA B 61 -20.51 -44.22 -22.44
CA ALA B 61 -20.78 -44.56 -21.05
C ALA B 61 -19.97 -43.68 -20.11
N LEU B 62 -18.71 -43.40 -20.45
CA LEU B 62 -17.88 -42.58 -19.57
C LEU B 62 -18.36 -41.14 -19.53
N ILE B 63 -18.64 -40.55 -20.70
CA ILE B 63 -19.16 -39.19 -20.76
C ILE B 63 -20.56 -39.11 -20.15
N PHE B 64 -21.35 -40.18 -20.26
CA PHE B 64 -22.68 -40.14 -19.65
C PHE B 64 -22.62 -40.21 -18.13
N ILE B 65 -21.75 -41.06 -17.58
CA ILE B 65 -21.60 -41.15 -16.12
C ILE B 65 -21.03 -39.85 -15.56
N LEU B 66 -20.04 -39.27 -16.26
CA LEU B 66 -19.45 -38.03 -15.77
C LEU B 66 -20.40 -36.85 -15.90
N LEU B 67 -21.19 -36.79 -16.98
CA LEU B 67 -22.17 -35.71 -17.10
C LEU B 67 -23.33 -35.86 -16.14
N THR B 68 -23.73 -37.08 -15.80
CA THR B 68 -24.78 -37.20 -14.80
C THR B 68 -24.24 -37.15 -13.38
N ALA B 69 -22.92 -37.14 -13.21
CA ALA B 69 -22.34 -37.09 -11.87
C ALA B 69 -21.85 -35.71 -11.47
N VAL B 70 -21.47 -34.86 -12.42
CA VAL B 70 -21.04 -33.50 -12.08
C VAL B 70 -22.23 -32.68 -11.61
N ALA B 71 -23.29 -32.63 -12.41
CA ALA B 71 -24.56 -32.04 -11.99
C ALA B 71 -25.12 -32.88 -10.86
N PRO B 72 -25.24 -32.33 -9.65
CA PRO B 72 -25.51 -33.10 -8.43
C PRO B 72 -26.87 -33.75 -8.39
N MET C 1 -12.21 46.39 -32.65
CA MET C 1 -12.35 46.91 -31.30
C MET C 1 -12.39 45.77 -30.31
N ARG C 2 -11.30 45.62 -29.56
CA ARG C 2 -10.96 44.65 -28.53
C ARG C 2 -10.59 43.28 -29.14
N CYS C 3 -10.85 43.06 -30.42
CA CYS C 3 -10.44 41.86 -31.12
C CYS C 3 -9.19 42.07 -31.95
N ILE C 4 -8.97 43.31 -32.38
CA ILE C 4 -7.86 43.65 -33.25
C ILE C 4 -6.56 43.52 -32.48
N GLY C 5 -5.72 42.57 -32.86
CA GLY C 5 -4.47 42.33 -32.20
C GLY C 5 -4.40 41.03 -31.44
N ILE C 6 -5.56 40.49 -31.04
CA ILE C 6 -5.59 39.12 -30.53
C ILE C 6 -5.31 38.16 -31.67
N SER C 7 -4.37 37.24 -31.45
CA SER C 7 -4.04 36.25 -32.45
C SER C 7 -5.19 35.25 -32.60
N ASN C 8 -5.11 34.48 -33.69
CA ASN C 8 -6.01 33.43 -34.19
C ASN C 8 -7.50 33.68 -33.97
N ARG C 9 -7.93 34.93 -34.15
CA ARG C 9 -9.34 35.25 -34.22
C ARG C 9 -9.86 34.90 -35.61
N ASP C 10 -11.18 34.89 -35.77
CA ASP C 10 -11.74 34.54 -37.06
C ASP C 10 -12.97 35.39 -37.34
N PHE C 11 -13.28 35.53 -38.62
CA PHE C 11 -14.40 36.30 -39.10
C PHE C 11 -15.49 35.36 -39.60
N VAL C 12 -16.75 35.77 -39.41
CA VAL C 12 -17.88 35.10 -40.03
C VAL C 12 -18.73 36.14 -40.75
N GLU C 13 -19.02 35.88 -42.02
CA GLU C 13 -19.96 36.68 -42.80
C GLU C 13 -21.23 35.88 -43.02
N GLY C 14 -22.37 36.55 -42.84
CA GLY C 14 -23.60 35.86 -43.21
C GLY C 14 -24.52 35.69 -42.02
N VAL C 15 -25.80 36.00 -42.26
CA VAL C 15 -26.86 35.79 -41.29
C VAL C 15 -27.93 34.94 -41.96
N SER C 16 -27.51 34.12 -42.92
CA SER C 16 -28.41 33.51 -43.88
C SER C 16 -29.31 32.46 -43.23
N GLY C 17 -30.26 31.98 -44.02
CA GLY C 17 -31.36 31.21 -43.47
C GLY C 17 -32.44 32.18 -43.01
N GLY C 18 -32.52 32.38 -41.69
CA GLY C 18 -33.34 33.45 -41.16
C GLY C 18 -32.50 34.69 -40.99
N SER C 19 -32.27 35.09 -39.75
CA SER C 19 -31.39 36.20 -39.44
C SER C 19 -30.40 35.79 -38.36
N TRP C 20 -29.97 34.54 -38.38
CA TRP C 20 -29.13 33.97 -37.35
C TRP C 20 -27.83 33.41 -37.93
N VAL C 21 -26.87 33.15 -37.04
CA VAL C 21 -25.62 32.51 -37.42
C VAL C 21 -25.12 31.71 -36.22
N ASP C 22 -24.50 30.57 -36.49
CA ASP C 22 -23.93 29.72 -35.45
C ASP C 22 -22.44 30.00 -35.36
N ILE C 23 -21.99 30.42 -34.19
CA ILE C 23 -20.58 30.60 -33.90
C ILE C 23 -20.22 29.81 -32.66
N VAL C 24 -19.02 29.26 -32.67
CA VAL C 24 -18.44 28.59 -31.50
C VAL C 24 -17.11 29.27 -31.20
N LEU C 25 -16.94 29.68 -29.95
CA LEU C 25 -15.86 30.59 -29.59
C LEU C 25 -15.12 30.07 -28.37
N GLU C 26 -13.81 29.98 -28.48
CA GLU C 26 -12.97 29.48 -27.39
C GLU C 26 -12.59 30.62 -26.46
N HIS C 27 -11.72 30.32 -25.50
CA HIS C 27 -11.17 31.38 -24.65
C HIS C 27 -10.10 32.18 -25.37
N GLY C 28 -9.34 31.54 -26.27
CA GLY C 28 -8.29 32.23 -26.98
C GLY C 28 -8.76 33.04 -28.17
N SER C 29 -9.65 32.47 -28.98
CA SER C 29 -10.08 33.14 -30.19
C SER C 29 -11.08 34.24 -29.87
N CYS C 30 -11.46 35.00 -30.90
CA CYS C 30 -12.40 36.13 -30.73
C CYS C 30 -13.15 36.33 -32.05
N VAL C 31 -14.35 35.77 -32.12
CA VAL C 31 -15.08 35.70 -33.39
C VAL C 31 -15.72 37.05 -33.69
N THR C 32 -15.58 37.50 -34.93
CA THR C 32 -16.14 38.75 -35.43
C THR C 32 -17.19 38.46 -36.49
N THR C 33 -18.38 39.05 -36.32
CA THR C 33 -19.51 38.81 -37.19
C THR C 33 -19.72 39.97 -38.16
N MET C 34 -20.16 39.63 -39.37
CA MET C 34 -20.42 40.62 -40.42
C MET C 34 -21.65 40.18 -41.22
N ALA C 35 -22.29 41.15 -41.87
CA ALA C 35 -23.47 40.89 -42.68
C ALA C 35 -23.51 41.89 -43.83
N LYS C 36 -24.62 41.86 -44.59
CA LYS C 36 -24.88 42.85 -45.63
C LYS C 36 -25.38 44.16 -45.05
N ASN C 37 -25.73 44.15 -43.77
CA ASN C 37 -26.29 45.25 -43.01
C ASN C 37 -25.72 44.95 -41.63
N LYS C 38 -26.38 45.39 -40.55
CA LYS C 38 -26.23 44.74 -39.24
C LYS C 38 -24.83 44.84 -38.64
N PRO C 39 -24.53 45.95 -37.96
CA PRO C 39 -23.14 46.33 -37.64
C PRO C 39 -22.34 45.27 -36.89
N THR C 40 -21.02 45.34 -37.06
CA THR C 40 -20.15 44.25 -36.67
C THR C 40 -19.92 44.22 -35.17
N LEU C 41 -19.62 43.03 -34.66
CA LEU C 41 -19.53 42.76 -33.24
C LEU C 41 -18.31 41.90 -32.97
N ASP C 42 -17.85 41.90 -31.73
CA ASP C 42 -16.69 41.11 -31.32
C ASP C 42 -17.01 40.34 -30.05
N PHE C 43 -16.96 39.01 -30.14
CA PHE C 43 -17.35 38.10 -29.07
C PHE C 43 -16.14 37.27 -28.67
N GLU C 44 -15.95 37.04 -27.37
CA GLU C 44 -15.11 35.94 -26.89
C GLU C 44 -15.45 35.65 -25.43
N LEU C 45 -15.18 34.41 -25.01
CA LEU C 45 -15.27 34.09 -23.60
C LEU C 45 -14.15 34.75 -22.83
N ILE C 46 -14.44 35.12 -21.59
CA ILE C 46 -13.40 35.66 -20.73
C ILE C 46 -13.29 34.81 -19.47
N GLU C 47 -14.33 34.08 -19.11
CA GLU C 47 -14.39 33.48 -17.79
C GLU C 47 -15.38 32.33 -17.81
N THR C 48 -15.09 31.31 -17.03
CA THR C 48 -15.95 30.13 -16.91
C THR C 48 -15.72 29.60 -15.51
N GLU C 49 -16.69 29.75 -14.62
CA GLU C 49 -16.54 29.28 -13.27
C GLU C 49 -17.57 28.20 -12.95
N ALA C 50 -17.12 27.17 -12.24
CA ALA C 50 -18.03 26.23 -11.61
C ALA C 50 -18.34 26.75 -10.22
N LYS C 51 -19.63 26.88 -9.90
CA LYS C 51 -20.01 27.64 -8.71
C LYS C 51 -19.83 26.82 -7.43
N GLN C 52 -20.53 25.71 -7.32
CA GLN C 52 -20.57 24.94 -6.08
C GLN C 52 -19.96 23.57 -6.30
N PRO C 53 -18.74 23.32 -5.86
CA PRO C 53 -18.10 22.02 -6.08
C PRO C 53 -18.39 21.07 -4.92
N ALA C 54 -18.00 19.82 -5.11
CA ALA C 54 -18.13 18.81 -4.07
C ALA C 54 -17.06 17.76 -4.30
N THR C 55 -16.33 17.44 -3.24
CA THR C 55 -15.14 16.59 -3.37
C THR C 55 -15.51 15.14 -3.67
N LEU C 56 -14.70 14.51 -4.51
CA LEU C 56 -14.91 13.15 -4.96
C LEU C 56 -14.03 12.16 -4.21
N ARG C 57 -12.72 12.37 -4.26
CA ARG C 57 -11.76 11.46 -3.63
C ARG C 57 -10.53 12.26 -3.25
N LYS C 58 -10.19 12.25 -1.97
CA LYS C 58 -8.95 12.86 -1.51
C LYS C 58 -7.82 11.86 -1.59
N TYR C 59 -6.67 12.29 -2.12
CA TYR C 59 -5.46 11.48 -2.14
C TYR C 59 -4.46 12.00 -1.13
N CYS C 60 -3.31 11.33 -1.06
CA CYS C 60 -2.29 11.57 -0.04
C CYS C 60 -0.94 11.76 -0.72
N ILE C 61 -0.49 13.01 -0.80
CA ILE C 61 0.79 13.30 -1.46
C ILE C 61 1.95 12.84 -0.59
N GLU C 62 1.93 13.19 0.69
CA GLU C 62 3.07 13.02 1.58
C GLU C 62 2.59 12.53 2.94
N ALA C 63 3.26 11.51 3.48
CA ALA C 63 2.90 10.93 4.76
C ALA C 63 4.11 10.82 5.66
N LYS C 64 3.84 10.55 6.93
CA LYS C 64 4.88 10.19 7.89
C LYS C 64 4.41 8.99 8.70
N LEU C 65 5.38 8.20 9.15
CA LEU C 65 5.12 6.99 9.92
C LEU C 65 5.67 7.15 11.32
N THR C 66 4.82 6.92 12.32
CA THR C 66 5.24 6.86 13.71
C THR C 66 4.71 5.58 14.33
N ASN C 67 5.18 5.30 15.54
CA ASN C 67 4.71 4.20 16.40
C ASN C 67 4.89 2.85 15.72
N THR C 68 6.15 2.50 15.48
CA THR C 68 6.49 1.22 14.88
C THR C 68 6.59 0.17 15.98
N THR C 69 5.76 -0.86 15.89
CA THR C 69 5.82 -2.02 16.76
C THR C 69 5.82 -3.26 15.89
N THR C 70 6.74 -4.17 16.16
CA THR C 70 6.85 -5.43 15.43
C THR C 70 6.57 -6.60 16.36
N ASP C 71 6.36 -7.76 15.74
CA ASP C 71 5.98 -8.96 16.47
C ASP C 71 6.34 -10.15 15.60
N SER C 72 7.14 -11.07 16.14
CA SER C 72 7.65 -12.19 15.38
C SER C 72 7.57 -13.44 16.24
N ARG C 73 7.23 -14.57 15.61
CA ARG C 73 7.01 -15.79 16.37
C ARG C 73 7.76 -16.96 15.76
N CYS C 74 7.63 -18.09 16.45
CA CYS C 74 8.47 -19.26 16.26
C CYS C 74 8.11 -19.95 14.94
N PRO C 75 9.04 -20.72 14.36
CA PRO C 75 8.71 -21.45 13.15
C PRO C 75 7.76 -22.60 13.44
N THR C 76 6.94 -22.90 12.42
CA THR C 76 5.85 -23.88 12.42
C THR C 76 4.92 -23.68 13.61
N GLN C 77 4.69 -22.43 14.03
CA GLN C 77 3.67 -22.10 15.02
C GLN C 77 2.88 -20.89 14.53
N GLY C 78 1.96 -21.11 13.61
CA GLY C 78 1.00 -20.10 13.21
C GLY C 78 1.60 -18.87 12.58
N GLU C 79 0.98 -17.72 12.87
CA GLU C 79 1.35 -16.41 12.39
C GLU C 79 1.44 -15.48 13.59
N PRO C 80 2.17 -14.38 13.48
CA PRO C 80 2.16 -13.38 14.55
C PRO C 80 0.84 -12.64 14.60
N SER C 81 0.66 -11.90 15.68
CA SER C 81 -0.59 -11.18 15.92
C SER C 81 -0.29 -10.02 16.85
N LEU C 82 -0.71 -8.82 16.46
CA LEU C 82 -0.39 -7.63 17.22
C LEU C 82 -1.64 -6.80 17.41
N ASN C 83 -1.69 -6.07 18.53
CA ASN C 83 -2.90 -5.37 18.95
C ASN C 83 -3.27 -4.23 18.00
N GLU C 84 -2.27 -3.61 17.37
CA GLU C 84 -2.49 -2.49 16.49
C GLU C 84 -2.75 -2.91 15.05
N GLU C 85 -2.85 -4.22 14.80
CA GLU C 85 -3.26 -4.70 13.50
C GLU C 85 -4.77 -4.61 13.35
N GLN C 86 -5.50 -4.54 14.47
CA GLN C 86 -6.94 -4.36 14.45
C GLN C 86 -7.32 -2.99 13.92
N ASP C 87 -6.55 -1.97 14.26
CA ASP C 87 -6.74 -0.63 13.70
C ASP C 87 -6.31 -0.62 12.25
N LYS C 88 -6.87 0.30 11.48
CA LYS C 88 -6.58 0.35 10.05
C LYS C 88 -5.83 1.65 9.69
N ARG C 89 -5.49 2.47 10.67
CA ARG C 89 -4.47 3.48 10.44
C ARG C 89 -3.11 2.83 10.22
N PHE C 90 -2.80 1.81 11.02
CA PHE C 90 -1.54 1.10 10.91
C PHE C 90 -1.49 0.30 9.61
N VAL C 91 -0.31 0.27 9.00
CA VAL C 91 -0.06 -0.56 7.83
C VAL C 91 0.75 -1.77 8.27
N CYS C 92 0.50 -2.92 7.66
CA CYS C 92 1.06 -4.18 8.11
C CYS C 92 1.59 -4.98 6.94
N LYS C 93 2.53 -5.87 7.23
CA LYS C 93 2.97 -6.86 6.25
C LYS C 93 3.53 -8.07 6.98
N HIS C 94 3.11 -9.25 6.52
CA HIS C 94 3.63 -10.52 6.99
C HIS C 94 4.78 -10.95 6.09
N SER C 95 5.90 -11.34 6.69
CA SER C 95 7.02 -11.86 5.91
C SER C 95 7.74 -12.90 6.75
N MET C 96 8.82 -13.44 6.20
CA MET C 96 9.47 -14.63 6.74
C MET C 96 10.89 -14.29 7.17
N VAL C 97 11.12 -14.27 8.48
CA VAL C 97 12.48 -14.27 9.01
C VAL C 97 12.87 -15.71 9.31
N ASP C 98 14.16 -15.98 9.34
CA ASP C 98 14.65 -17.30 9.72
C ASP C 98 15.18 -17.27 11.14
N ARG C 99 14.92 -18.34 11.88
CA ARG C 99 15.14 -18.35 13.32
C ARG C 99 15.84 -19.64 13.75
N GLY C 100 16.41 -19.60 14.94
CA GLY C 100 17.14 -20.73 15.46
C GLY C 100 17.21 -20.70 16.97
N TRP C 101 18.26 -21.34 17.51
CA TRP C 101 18.48 -21.30 18.95
C TRP C 101 19.08 -19.97 19.39
N GLY C 102 19.82 -19.31 18.51
CA GLY C 102 20.39 -18.02 18.84
C GLY C 102 19.35 -16.93 18.93
N ASN C 103 18.25 -17.09 18.20
CA ASN C 103 17.09 -16.22 18.35
C ASN C 103 16.16 -16.69 19.44
N GLY C 104 16.45 -17.83 20.07
CA GLY C 104 15.73 -18.28 21.24
C GLY C 104 14.34 -18.83 20.96
N CYS C 105 14.22 -19.76 20.02
CA CYS C 105 12.93 -20.38 19.78
C CYS C 105 12.94 -21.88 19.59
N GLY C 106 14.04 -22.50 19.20
CA GLY C 106 14.01 -23.90 18.85
C GLY C 106 13.68 -24.12 17.39
N LEU C 107 13.75 -25.39 16.98
CA LEU C 107 13.22 -25.94 15.74
C LEU C 107 13.94 -25.51 14.45
N PHE C 108 14.80 -24.50 14.53
CA PHE C 108 15.60 -23.96 13.42
C PHE C 108 14.88 -23.81 12.10
N GLY C 109 13.81 -23.02 12.06
CA GLY C 109 13.11 -22.87 10.80
C GLY C 109 13.01 -21.43 10.35
N LYS C 110 12.07 -21.16 9.45
CA LYS C 110 11.83 -19.82 8.93
C LYS C 110 10.49 -19.36 9.48
N GLY C 111 10.52 -18.41 10.40
CA GLY C 111 9.36 -18.02 11.16
C GLY C 111 8.61 -16.85 10.55
N GLY C 112 7.60 -16.38 11.27
CA GLY C 112 6.78 -15.27 10.83
C GLY C 112 7.15 -13.99 11.53
N ILE C 113 6.77 -12.87 10.92
CA ILE C 113 7.00 -11.54 11.49
C ILE C 113 5.91 -10.61 10.95
N VAL C 114 5.46 -9.70 11.81
CA VAL C 114 4.64 -8.57 11.35
C VAL C 114 5.34 -7.29 11.78
N THR C 115 5.01 -6.21 11.09
CA THR C 115 5.43 -4.89 11.53
C THR C 115 4.29 -3.92 11.31
N CYS C 116 4.02 -3.09 12.31
CA CYS C 116 2.98 -2.09 12.23
C CYS C 116 3.60 -0.71 12.23
N ALA C 117 2.92 0.23 11.58
CA ALA C 117 3.35 1.63 11.56
C ALA C 117 2.15 2.47 11.20
N MET C 118 1.76 3.40 12.06
CA MET C 118 0.56 4.14 11.75
C MET C 118 0.84 5.22 10.71
N PHE C 119 -0.21 5.55 9.97
CA PHE C 119 -0.12 6.33 8.75
C PHE C 119 -0.74 7.68 9.03
N THR C 120 -0.02 8.75 8.69
CA THR C 120 -0.48 10.10 8.98
C THR C 120 -0.17 10.98 7.78
N CYS C 121 -1.21 11.36 7.05
CA CYS C 121 -1.03 12.28 5.95
C CYS C 121 -0.78 13.69 6.47
N LYS C 122 0.03 14.43 5.72
CA LYS C 122 0.25 15.84 6.03
C LYS C 122 0.28 16.69 4.77
N LYS C 123 -0.18 16.15 3.65
CA LYS C 123 -0.29 16.92 2.42
C LYS C 123 -1.38 16.28 1.56
N ASN C 124 -2.51 16.94 1.43
CA ASN C 124 -3.67 16.43 0.72
C ASN C 124 -3.76 16.99 -0.68
N MET C 125 -4.58 16.33 -1.50
CA MET C 125 -4.74 16.70 -2.90
C MET C 125 -6.12 16.17 -3.28
N LYS C 126 -7.09 17.05 -3.37
CA LYS C 126 -8.47 16.64 -3.54
C LYS C 126 -9.01 17.12 -4.88
N GLY C 127 -9.95 16.35 -5.42
CA GLY C 127 -10.59 16.68 -6.68
C GLY C 127 -12.09 16.83 -6.48
N LYS C 128 -12.67 17.77 -7.22
CA LYS C 128 -14.03 18.23 -6.94
C LYS C 128 -14.84 18.15 -8.21
N VAL C 129 -15.80 17.24 -8.25
CA VAL C 129 -16.67 17.10 -9.42
C VAL C 129 -17.73 18.19 -9.38
N VAL C 130 -18.11 18.68 -10.56
CA VAL C 130 -19.25 19.56 -10.73
C VAL C 130 -20.14 19.00 -11.83
N GLN C 131 -21.41 19.15 -11.68
CA GLN C 131 -22.40 18.73 -12.65
C GLN C 131 -22.64 19.84 -13.67
N PRO C 132 -23.09 19.52 -14.91
CA PRO C 132 -23.17 20.55 -15.95
C PRO C 132 -24.23 21.62 -15.77
N GLU C 133 -24.95 21.64 -14.64
CA GLU C 133 -25.69 22.82 -14.22
C GLU C 133 -24.73 23.75 -13.49
N ASN C 134 -25.29 24.78 -12.82
CA ASN C 134 -24.66 25.73 -11.89
C ASN C 134 -23.22 26.11 -12.20
N LEU C 135 -22.94 26.38 -13.47
CA LEU C 135 -21.65 26.87 -13.92
C LEU C 135 -21.90 28.02 -14.89
N GLU C 136 -21.11 29.07 -14.77
CA GLU C 136 -21.47 30.39 -15.29
C GLU C 136 -20.42 30.90 -16.26
N TYR C 137 -20.66 30.69 -17.56
CA TYR C 137 -19.87 31.32 -18.59
C TYR C 137 -20.06 32.83 -18.56
N THR C 138 -19.08 33.57 -19.06
CA THR C 138 -19.20 35.02 -19.18
C THR C 138 -18.66 35.43 -20.54
N ILE C 139 -19.56 35.96 -21.37
CA ILE C 139 -19.29 36.29 -22.76
C ILE C 139 -19.40 37.81 -22.92
N VAL C 140 -18.39 38.42 -23.53
CA VAL C 140 -18.30 39.87 -23.68
C VAL C 140 -18.61 40.22 -25.14
N ILE C 141 -19.38 41.29 -25.32
CA ILE C 141 -19.85 41.70 -26.64
C ILE C 141 -19.44 43.15 -26.84
N THR C 142 -18.60 43.39 -27.83
CA THR C 142 -18.12 44.74 -28.14
C THR C 142 -18.32 45.01 -29.61
N PRO C 143 -19.13 45.99 -30.00
CA PRO C 143 -19.24 46.37 -31.40
C PRO C 143 -18.04 47.18 -31.85
N HIS C 144 -17.83 47.21 -33.17
CA HIS C 144 -16.84 48.12 -33.75
C HIS C 144 -17.46 49.51 -33.75
N SER C 145 -17.36 50.17 -32.60
CA SER C 145 -17.96 51.49 -32.46
C SER C 145 -17.09 52.57 -33.08
N GLY C 146 -15.81 52.31 -33.27
CA GLY C 146 -14.90 53.38 -33.61
C GLY C 146 -14.74 54.39 -32.51
N GLU C 147 -14.89 53.97 -31.26
CA GLU C 147 -14.68 54.89 -30.16
C GLU C 147 -13.19 55.07 -29.95
N GLU C 148 -12.84 56.28 -29.48
CA GLU C 148 -11.45 56.68 -29.29
C GLU C 148 -10.74 55.76 -28.31
N HIS C 149 -9.44 55.51 -28.59
CA HIS C 149 -8.48 54.75 -27.76
C HIS C 149 -9.01 53.39 -27.30
N ALA C 150 -9.87 52.76 -28.10
CA ALA C 150 -10.46 51.46 -27.76
C ALA C 150 -10.28 50.52 -28.96
N VAL C 151 -9.09 49.90 -29.03
CA VAL C 151 -8.74 48.93 -30.05
C VAL C 151 -7.62 48.06 -29.49
N GLY C 152 -7.75 46.74 -29.61
CA GLY C 152 -6.92 45.86 -28.81
C GLY C 152 -7.21 45.95 -27.33
N ASN C 153 -8.42 46.40 -26.98
CA ASN C 153 -8.71 46.96 -25.68
C ASN C 153 -9.36 45.92 -24.79
N ASP C 154 -8.56 44.92 -24.40
CA ASP C 154 -9.04 43.79 -23.62
C ASP C 154 -9.49 44.17 -22.20
N THR C 155 -9.23 45.40 -21.77
CA THR C 155 -9.67 45.95 -20.51
C THR C 155 -10.68 47.07 -20.76
N GLY C 156 -11.14 47.68 -19.68
CA GLY C 156 -11.97 48.87 -19.76
C GLY C 156 -13.43 48.66 -20.09
N LYS C 157 -14.29 49.53 -19.55
CA LYS C 157 -15.72 49.47 -19.79
C LYS C 157 -15.98 49.99 -21.21
N HIS C 158 -16.08 49.07 -22.17
CA HIS C 158 -16.43 49.43 -23.53
C HIS C 158 -17.45 48.50 -24.17
N GLY C 159 -17.71 47.34 -23.57
CA GLY C 159 -18.68 46.41 -24.12
C GLY C 159 -19.67 45.92 -23.09
N LYS C 160 -20.36 44.83 -23.38
CA LYS C 160 -21.35 44.27 -22.47
C LYS C 160 -20.91 42.87 -22.08
N GLU C 161 -20.68 42.66 -20.78
CA GLU C 161 -20.41 41.33 -20.25
C GLU C 161 -21.70 40.73 -19.73
N ILE C 162 -22.19 39.69 -20.40
CA ILE C 162 -23.39 38.99 -19.99
C ILE C 162 -22.99 37.59 -19.51
N LYS C 163 -23.64 37.14 -18.46
CA LYS C 163 -23.25 35.93 -17.74
C LYS C 163 -24.32 34.88 -17.95
N ILE C 164 -24.02 33.85 -18.72
CA ILE C 164 -25.00 32.84 -19.09
C ILE C 164 -24.70 31.54 -18.36
N THR C 165 -25.78 30.83 -18.02
CA THR C 165 -25.77 29.53 -17.35
C THR C 165 -26.74 28.62 -18.08
N PRO C 166 -26.77 27.31 -17.80
CA PRO C 166 -27.95 26.53 -18.19
C PRO C 166 -29.15 26.78 -17.30
N GLN C 167 -28.95 27.40 -16.14
CA GLN C 167 -30.06 27.96 -15.36
C GLN C 167 -30.71 29.12 -16.12
N SER C 168 -29.94 29.81 -16.95
CA SER C 168 -30.36 31.04 -17.62
C SER C 168 -31.23 30.75 -18.84
N SER C 169 -31.35 31.76 -19.69
CA SER C 169 -32.40 31.88 -20.69
C SER C 169 -31.79 32.50 -21.95
N ILE C 170 -32.63 33.16 -22.75
CA ILE C 170 -32.20 33.82 -23.98
C ILE C 170 -31.05 34.80 -23.74
N THR C 171 -31.09 35.52 -22.61
CA THR C 171 -30.05 36.44 -22.12
C THR C 171 -29.67 37.49 -23.17
N GLU C 172 -30.62 38.38 -23.42
CA GLU C 172 -30.45 39.43 -24.41
C GLU C 172 -29.79 40.65 -23.80
N ALA C 173 -28.98 41.33 -24.59
CA ALA C 173 -28.19 42.47 -24.15
C ALA C 173 -28.51 43.68 -25.01
N GLU C 174 -28.95 44.77 -24.38
CA GLU C 174 -29.20 46.01 -25.09
C GLU C 174 -27.94 46.88 -25.05
N LEU C 175 -27.02 46.55 -25.96
CA LEU C 175 -25.83 47.36 -26.12
C LEU C 175 -26.21 48.63 -26.87
N THR C 176 -25.97 49.78 -26.23
CA THR C 176 -26.69 51.00 -26.57
C THR C 176 -26.22 51.58 -27.90
N GLY C 177 -27.15 52.24 -28.58
CA GLY C 177 -26.94 52.77 -29.91
C GLY C 177 -27.27 51.81 -31.02
N TYR C 178 -26.99 50.53 -30.80
CA TYR C 178 -27.09 49.53 -31.85
C TYR C 178 -28.26 48.57 -31.67
N GLY C 179 -29.01 48.67 -30.58
CA GLY C 179 -30.13 47.79 -30.37
C GLY C 179 -29.76 46.60 -29.49
N THR C 180 -30.63 45.60 -29.52
CA THR C 180 -30.44 44.40 -28.73
C THR C 180 -29.89 43.28 -29.59
N VAL C 181 -29.30 42.30 -28.92
CA VAL C 181 -28.83 41.07 -29.57
C VAL C 181 -29.05 39.93 -28.59
N THR C 182 -29.49 38.79 -29.12
CA THR C 182 -29.85 37.63 -28.31
C THR C 182 -28.95 36.46 -28.70
N MET C 183 -28.45 35.75 -27.70
CA MET C 183 -27.57 34.60 -27.91
C MET C 183 -28.23 33.36 -27.32
N GLU C 184 -28.77 32.51 -28.18
CA GLU C 184 -29.26 31.20 -27.75
C GLU C 184 -28.09 30.24 -27.73
N CYS C 185 -27.53 30.01 -26.53
CA CYS C 185 -26.32 29.24 -26.38
C CYS C 185 -26.61 27.84 -25.86
N SER C 186 -25.60 26.97 -25.94
CA SER C 186 -25.69 25.63 -25.40
C SER C 186 -24.56 25.43 -24.39
N PRO C 187 -24.82 25.75 -23.12
CA PRO C 187 -23.75 25.65 -22.11
C PRO C 187 -23.61 24.25 -21.52
N ARG C 188 -24.17 23.24 -22.17
CA ARG C 188 -24.05 21.87 -21.74
C ARG C 188 -23.27 20.99 -22.70
N THR C 189 -23.42 21.22 -24.01
CA THR C 189 -22.82 20.32 -25.00
C THR C 189 -21.30 20.47 -25.06
N GLY C 190 -20.78 21.67 -24.79
CA GLY C 190 -19.41 21.99 -25.08
C GLY C 190 -18.32 21.31 -24.28
N LEU C 191 -18.18 21.65 -23.00
CA LEU C 191 -17.01 21.24 -22.26
C LEU C 191 -17.13 19.83 -21.68
N ASP C 192 -18.35 19.28 -21.59
CA ASP C 192 -18.63 17.88 -21.28
C ASP C 192 -18.10 17.49 -19.89
N PHE C 193 -18.74 18.06 -18.87
CA PHE C 193 -18.47 17.66 -17.49
C PHE C 193 -19.08 16.28 -17.21
N ASN C 194 -18.92 15.85 -15.95
CA ASN C 194 -19.09 14.48 -15.45
C ASN C 194 -18.11 13.50 -16.08
N GLU C 195 -17.04 14.01 -16.68
CA GLU C 195 -15.81 13.29 -16.90
C GLU C 195 -14.63 14.12 -16.41
N MET C 196 -14.90 15.28 -15.83
CA MET C 196 -13.90 16.23 -15.42
C MET C 196 -13.83 16.23 -13.92
N VAL C 197 -12.61 16.21 -13.39
CA VAL C 197 -12.39 16.34 -11.95
C VAL C 197 -11.52 17.55 -11.73
N LEU C 198 -12.06 18.56 -11.06
CA LEU C 198 -11.35 19.80 -10.80
C LEU C 198 -10.30 19.54 -9.72
N LEU C 199 -9.16 19.03 -10.15
CA LEU C 199 -8.08 18.63 -9.26
C LEU C 199 -7.48 19.85 -8.58
N GLN C 200 -6.89 19.64 -7.40
CA GLN C 200 -6.35 20.76 -6.65
C GLN C 200 -5.16 20.32 -5.82
N MET C 201 -3.99 20.87 -6.13
CA MET C 201 -2.80 20.82 -5.30
C MET C 201 -2.84 21.86 -4.19
N GLU C 202 -1.69 22.17 -3.62
CA GLU C 202 -1.56 23.21 -2.60
C GLU C 202 -2.02 24.58 -3.08
N ASN C 203 -1.39 25.13 -4.11
CA ASN C 203 -1.79 26.42 -4.65
C ASN C 203 -2.10 26.37 -6.14
N LYS C 204 -2.29 25.18 -6.70
CA LYS C 204 -2.52 25.00 -8.11
C LYS C 204 -3.80 24.20 -8.30
N ALA C 205 -4.17 23.98 -9.56
CA ALA C 205 -5.38 23.25 -9.89
C ALA C 205 -5.35 22.84 -11.35
N TRP C 206 -5.91 21.67 -11.66
CA TRP C 206 -5.98 21.16 -13.02
C TRP C 206 -7.38 20.69 -13.34
N LEU C 207 -7.62 20.47 -14.63
CA LEU C 207 -8.85 19.86 -15.11
C LEU C 207 -8.46 18.51 -15.72
N VAL C 208 -8.65 17.44 -14.96
CA VAL C 208 -8.20 16.12 -15.34
C VAL C 208 -9.41 15.25 -15.68
N HIS C 209 -9.13 14.12 -16.31
CA HIS C 209 -10.16 13.15 -16.64
C HIS C 209 -10.66 12.47 -15.37
N ARG C 210 -11.93 12.07 -15.38
CA ARG C 210 -12.50 11.41 -14.21
C ARG C 210 -11.87 10.05 -13.98
N GLN C 211 -11.88 9.21 -15.03
CA GLN C 211 -11.39 7.84 -14.89
C GLN C 211 -9.90 7.80 -14.67
N TRP C 212 -9.17 8.82 -15.14
CA TRP C 212 -7.76 8.95 -14.80
C TRP C 212 -7.58 9.32 -13.34
N PHE C 213 -8.44 10.17 -12.81
CA PHE C 213 -8.32 10.60 -11.43
C PHE C 213 -8.65 9.49 -10.46
N LEU C 214 -9.50 8.55 -10.86
CA LEU C 214 -9.96 7.53 -9.93
C LEU C 214 -8.88 6.49 -9.66
N ASP C 215 -8.20 6.02 -10.71
CA ASP C 215 -7.19 4.98 -10.53
C ASP C 215 -5.78 5.56 -10.46
N LEU C 216 -5.56 6.40 -9.44
CA LEU C 216 -4.17 6.79 -9.25
C LEU C 216 -3.52 5.91 -8.19
N PRO C 217 -2.20 5.70 -8.27
CA PRO C 217 -1.55 4.80 -7.30
C PRO C 217 -1.23 5.43 -5.95
N LEU C 218 -1.87 6.52 -5.60
CA LEU C 218 -1.67 7.10 -4.27
C LEU C 218 -2.67 6.51 -3.29
N PRO C 219 -2.35 6.52 -1.99
CA PRO C 219 -3.36 6.15 -0.99
C PRO C 219 -4.46 7.19 -0.94
N TRP C 220 -5.69 6.73 -0.94
CA TRP C 220 -6.83 7.61 -1.07
C TRP C 220 -7.80 7.40 0.07
N LEU C 221 -8.88 8.17 0.03
CA LEU C 221 -9.82 8.29 1.11
C LEU C 221 -11.06 8.90 0.49
N PRO C 222 -12.27 8.43 0.82
CA PRO C 222 -13.46 8.94 0.14
C PRO C 222 -13.75 10.38 0.50
N GLY C 223 -14.48 11.04 -0.40
CA GLY C 223 -14.69 12.49 -0.38
C GLY C 223 -15.27 13.07 0.89
N ALA C 224 -16.52 12.76 1.17
CA ALA C 224 -17.16 13.25 2.40
C ALA C 224 -16.66 12.42 3.56
N ASP C 225 -15.58 12.87 4.19
CA ASP C 225 -15.01 12.16 5.32
C ASP C 225 -14.32 13.15 6.25
N THR C 226 -14.98 13.47 7.36
CA THR C 226 -14.31 14.05 8.51
C THR C 226 -13.47 12.94 9.15
N GLN C 227 -12.53 13.34 10.03
CA GLN C 227 -11.45 12.53 10.62
C GLN C 227 -10.76 11.69 9.55
N GLY C 228 -10.09 12.41 8.65
CA GLY C 228 -9.46 11.78 7.51
C GLY C 228 -8.23 10.97 7.84
N SER C 229 -8.43 9.84 8.51
CA SER C 229 -7.34 8.97 8.92
C SER C 229 -7.46 7.55 8.41
N ASN C 230 -8.60 7.16 7.83
CA ASN C 230 -8.78 5.81 7.33
C ASN C 230 -8.38 5.79 5.86
N TRP C 231 -7.08 5.83 5.63
CA TRP C 231 -6.56 5.80 4.27
C TRP C 231 -6.63 4.39 3.73
N ILE C 232 -7.04 4.25 2.47
CA ILE C 232 -7.48 2.95 1.97
C ILE C 232 -6.36 2.22 1.23
N GLN C 233 -5.50 2.93 0.51
CA GLN C 233 -4.54 2.24 -0.33
C GLN C 233 -3.14 2.57 0.17
N LYS C 234 -2.94 2.41 1.48
CA LYS C 234 -1.68 2.77 2.15
C LYS C 234 -0.48 1.96 1.69
N GLU C 235 -0.71 0.83 1.01
CA GLU C 235 0.36 -0.07 0.60
C GLU C 235 1.27 0.51 -0.47
N THR C 236 0.87 1.60 -1.12
CA THR C 236 1.62 2.17 -2.22
C THR C 236 2.34 3.46 -1.83
N LEU C 237 2.45 3.75 -0.54
CA LEU C 237 3.22 4.89 -0.09
C LEU C 237 4.19 4.50 1.01
N VAL C 238 4.19 3.24 1.44
CA VAL C 238 5.22 2.74 2.35
C VAL C 238 5.83 1.51 1.71
N THR C 239 7.10 1.27 2.02
CA THR C 239 7.77 0.08 1.53
C THR C 239 8.40 -0.67 2.69
N PHE C 240 8.35 -2.00 2.60
CA PHE C 240 8.72 -2.88 3.70
C PHE C 240 10.07 -3.49 3.37
N LYS C 241 11.10 -3.06 4.10
CA LYS C 241 12.48 -3.45 3.83
C LYS C 241 12.79 -4.73 4.60
N ASN C 242 12.96 -5.84 3.89
CA ASN C 242 13.43 -7.08 4.51
C ASN C 242 14.69 -7.50 3.76
N PRO C 243 15.84 -6.82 4.02
CA PRO C 243 17.02 -6.96 3.14
C PRO C 243 17.65 -8.35 3.11
N HIS C 244 18.02 -8.85 4.28
CA HIS C 244 18.40 -10.23 4.46
C HIS C 244 17.18 -10.99 4.98
N ALA C 245 17.38 -12.20 5.47
CA ALA C 245 16.32 -12.90 6.17
C ALA C 245 16.27 -12.57 7.65
N LYS C 246 16.92 -11.48 8.08
CA LYS C 246 16.78 -10.95 9.44
C LYS C 246 15.47 -10.17 9.52
N LYS C 247 15.29 -9.39 10.58
CA LYS C 247 14.03 -8.69 10.79
C LYS C 247 13.85 -7.56 9.78
N GLN C 248 12.63 -7.01 9.75
CA GLN C 248 12.26 -6.03 8.75
C GLN C 248 11.94 -4.70 9.41
N ASP C 249 11.76 -3.68 8.57
CA ASP C 249 11.59 -2.32 9.03
C ASP C 249 10.80 -1.57 7.97
N VAL C 250 10.18 -0.48 8.39
CA VAL C 250 9.30 0.31 7.54
C VAL C 250 9.90 1.68 7.29
N VAL C 251 9.67 2.20 6.09
CA VAL C 251 10.00 3.58 5.72
C VAL C 251 8.89 4.12 4.85
N VAL C 252 8.61 5.41 5.00
CA VAL C 252 7.64 6.13 4.17
C VAL C 252 8.38 6.54 2.89
N LEU C 253 7.65 6.99 1.87
CA LEU C 253 8.21 7.08 0.53
C LEU C 253 8.07 8.50 -0.04
N GLY C 254 8.47 9.50 0.75
CA GLY C 254 8.68 10.85 0.24
C GLY C 254 7.42 11.59 -0.14
N SER C 255 7.58 12.54 -1.07
CA SER C 255 6.49 13.37 -1.57
C SER C 255 6.31 13.13 -3.06
N GLN C 256 5.08 12.83 -3.47
CA GLN C 256 4.76 12.76 -4.89
C GLN C 256 4.20 14.05 -5.44
N GLU C 257 4.59 15.19 -4.87
CA GLU C 257 4.19 16.47 -5.46
C GLU C 257 4.90 16.68 -6.79
N GLY C 258 6.23 16.62 -6.78
CA GLY C 258 6.98 16.67 -8.01
C GLY C 258 6.78 15.45 -8.88
N ALA C 259 6.49 14.30 -8.26
CA ALA C 259 6.23 13.10 -9.03
C ALA C 259 4.87 13.13 -9.69
N MET C 260 3.96 13.99 -9.24
CA MET C 260 2.69 14.15 -9.91
C MET C 260 2.67 15.35 -10.83
N HIS C 261 3.54 16.34 -10.62
CA HIS C 261 3.68 17.40 -11.60
C HIS C 261 4.24 16.92 -12.93
N THR C 262 4.86 15.74 -12.97
CA THR C 262 5.14 15.04 -14.20
C THR C 262 3.92 14.26 -14.69
N ALA C 263 3.14 13.71 -13.76
CA ALA C 263 1.92 12.97 -14.11
C ALA C 263 0.86 13.89 -14.71
N LEU C 264 0.88 15.17 -14.36
CA LEU C 264 -0.07 16.13 -14.87
C LEU C 264 0.41 16.81 -16.14
N THR C 265 1.37 16.21 -16.84
CA THR C 265 1.66 16.58 -18.22
C THR C 265 0.41 16.38 -19.05
N GLY C 266 0.08 17.33 -19.91
CA GLY C 266 -1.07 17.19 -20.77
C GLY C 266 -2.40 17.59 -20.15
N ALA C 267 -2.46 17.83 -18.85
CA ALA C 267 -3.68 18.27 -18.20
C ALA C 267 -3.72 19.80 -18.19
N THR C 268 -4.81 20.37 -18.68
CA THR C 268 -4.90 21.81 -18.82
C THR C 268 -5.16 22.45 -17.46
N GLU C 269 -4.36 23.46 -17.13
CA GLU C 269 -4.43 24.09 -15.82
C GLU C 269 -5.62 25.03 -15.72
N ILE C 270 -6.30 24.99 -14.57
CA ILE C 270 -7.36 25.93 -14.23
C ILE C 270 -6.94 26.64 -12.95
N GLN C 271 -7.81 27.49 -12.42
CA GLN C 271 -7.46 28.33 -11.27
C GLN C 271 -8.51 28.18 -10.17
N MET C 272 -8.23 27.33 -9.20
CA MET C 272 -9.05 27.19 -8.00
C MET C 272 -8.37 27.91 -6.84
N SER C 273 -8.44 29.22 -6.85
CA SER C 273 -7.87 30.03 -5.77
C SER C 273 -8.91 30.86 -5.04
N SER C 274 -9.78 31.56 -5.78
CA SER C 274 -10.93 32.25 -5.22
C SER C 274 -12.06 32.05 -6.24
N GLY C 275 -12.82 30.98 -6.06
CA GLY C 275 -13.76 30.56 -7.08
C GLY C 275 -13.07 29.67 -8.09
N ASN C 276 -13.79 28.68 -8.63
CA ASN C 276 -13.18 27.69 -9.51
C ASN C 276 -13.21 28.20 -10.94
N LEU C 277 -12.34 29.17 -11.20
CA LEU C 277 -12.32 29.84 -12.51
C LEU C 277 -11.55 28.97 -13.51
N LEU C 278 -12.24 28.52 -14.55
CA LEU C 278 -11.63 27.77 -15.63
C LEU C 278 -11.33 28.73 -16.78
N PHE C 279 -10.34 28.37 -17.58
CA PHE C 279 -10.00 29.13 -18.77
C PHE C 279 -9.72 28.19 -19.93
N THR C 280 -10.62 27.22 -20.10
CA THR C 280 -10.41 26.13 -21.04
C THR C 280 -11.74 25.85 -21.75
N GLY C 281 -11.66 25.54 -23.04
CA GLY C 281 -12.80 25.01 -23.73
C GLY C 281 -13.56 26.04 -24.54
N HIS C 282 -14.67 25.58 -25.09
CA HIS C 282 -15.46 26.38 -26.01
C HIS C 282 -16.89 26.47 -25.52
N LEU C 283 -17.72 27.16 -26.31
CA LEU C 283 -19.11 27.39 -25.98
C LEU C 283 -19.86 27.70 -27.27
N LYS C 284 -20.69 26.78 -27.73
CA LYS C 284 -21.43 26.99 -28.97
C LYS C 284 -22.58 27.96 -28.70
N CYS C 285 -22.78 28.89 -29.63
CA CYS C 285 -23.71 30.00 -29.43
C CYS C 285 -24.41 30.26 -30.74
N ARG C 286 -25.72 30.05 -30.79
CA ARG C 286 -26.50 30.54 -31.91
C ARG C 286 -26.81 32.02 -31.71
N LEU C 287 -26.42 32.82 -32.69
CA LEU C 287 -26.47 34.27 -32.62
C LEU C 287 -27.44 34.78 -33.68
N ARG C 288 -28.58 35.30 -33.27
CA ARG C 288 -29.51 35.90 -34.23
C ARG C 288 -29.51 37.42 -34.09
N MET C 289 -29.64 38.07 -35.24
CA MET C 289 -29.26 39.46 -35.47
C MET C 289 -30.38 40.20 -36.18
N ASP C 290 -31.61 40.08 -35.70
CA ASP C 290 -32.72 40.74 -36.37
C ASP C 290 -33.21 41.99 -35.65
N LYS C 291 -32.50 42.44 -34.62
CA LYS C 291 -32.82 43.68 -33.93
C LYS C 291 -31.57 44.53 -33.72
N LEU C 292 -30.64 44.49 -34.66
CA LEU C 292 -29.43 45.29 -34.58
C LEU C 292 -29.61 46.56 -35.42
N GLN C 293 -29.91 47.66 -34.74
CA GLN C 293 -29.80 48.98 -35.36
C GLN C 293 -28.32 49.27 -35.64
N LEU C 294 -28.07 50.15 -36.60
CA LEU C 294 -26.72 50.26 -37.12
C LEU C 294 -25.95 51.47 -36.59
N LYS C 295 -26.62 52.46 -35.99
CA LYS C 295 -26.00 53.58 -35.27
C LYS C 295 -25.08 54.39 -36.20
N GLY C 296 -25.73 55.12 -37.08
CA GLY C 296 -25.00 55.86 -38.07
C GLY C 296 -25.80 56.03 -39.33
N MET C 297 -26.93 55.35 -39.44
CA MET C 297 -27.90 55.77 -40.43
C MET C 297 -28.64 57.01 -39.92
N SER C 298 -29.37 57.66 -40.83
CA SER C 298 -30.04 58.95 -40.63
C SER C 298 -29.06 60.06 -40.24
N TYR C 299 -27.80 59.93 -40.66
CA TYR C 299 -26.80 60.98 -40.54
C TYR C 299 -26.29 61.34 -41.92
N SER C 300 -26.00 62.63 -42.12
CA SER C 300 -25.53 63.08 -43.41
C SER C 300 -24.04 62.79 -43.57
N MET C 301 -23.49 63.13 -44.72
CA MET C 301 -22.10 62.86 -45.03
C MET C 301 -21.23 63.97 -44.43
N CYS C 302 -19.93 63.94 -44.74
CA CYS C 302 -19.03 65.00 -44.33
C CYS C 302 -18.88 66.08 -45.40
N THR C 303 -18.12 67.10 -45.05
CA THR C 303 -17.65 68.09 -46.02
C THR C 303 -16.16 67.97 -46.29
N GLY C 304 -15.42 67.24 -45.48
CA GLY C 304 -14.05 66.88 -45.79
C GLY C 304 -13.06 67.41 -44.79
N LYS C 305 -11.79 67.36 -45.18
CA LYS C 305 -10.63 67.78 -44.39
C LYS C 305 -10.57 67.01 -43.07
N PHE C 306 -10.29 65.72 -43.20
CA PHE C 306 -9.94 64.91 -42.05
C PHE C 306 -8.48 65.13 -41.68
N LYS C 307 -8.03 64.34 -40.71
CA LYS C 307 -6.69 64.48 -40.17
C LYS C 307 -6.32 63.13 -39.56
N VAL C 308 -5.42 62.41 -40.21
CA VAL C 308 -5.00 61.11 -39.66
C VAL C 308 -4.09 61.34 -38.47
N VAL C 309 -4.48 60.81 -37.31
CA VAL C 309 -3.82 61.09 -36.05
C VAL C 309 -3.08 59.90 -35.50
N LYS C 310 -3.17 58.75 -36.14
CA LYS C 310 -2.30 57.62 -35.83
C LYS C 310 -2.10 56.84 -37.10
N GLU C 311 -0.86 56.40 -37.33
CA GLU C 311 -0.45 55.86 -38.62
C GLU C 311 -1.22 54.59 -38.96
N ILE C 312 -1.53 54.43 -40.25
CA ILE C 312 -2.09 53.19 -40.77
C ILE C 312 -1.17 52.02 -40.43
N ALA C 313 -1.75 50.97 -39.86
CA ALA C 313 -0.96 49.87 -39.33
C ALA C 313 -1.72 48.58 -39.57
N GLU C 314 -1.18 47.70 -40.41
CA GLU C 314 -1.83 46.42 -40.64
C GLU C 314 -1.65 45.51 -39.44
N THR C 315 -2.60 44.59 -39.31
CA THR C 315 -2.61 43.60 -38.25
C THR C 315 -2.21 42.25 -38.82
N GLN C 316 -2.36 41.21 -38.02
CA GLN C 316 -2.42 39.88 -38.59
C GLN C 316 -3.70 39.77 -39.41
N HIS C 317 -3.68 38.85 -40.38
CA HIS C 317 -4.74 38.48 -41.34
C HIS C 317 -4.93 39.56 -42.40
N GLY C 318 -4.13 40.61 -42.42
CA GLY C 318 -4.10 41.54 -43.53
C GLY C 318 -5.18 42.58 -43.52
N THR C 319 -5.40 43.25 -42.40
CA THR C 319 -6.37 44.34 -42.31
C THR C 319 -5.71 45.56 -41.68
N ILE C 320 -5.84 46.70 -42.34
CA ILE C 320 -5.31 47.94 -41.79
C ILE C 320 -6.19 48.42 -40.66
N VAL C 321 -5.62 49.29 -39.81
CA VAL C 321 -6.37 50.03 -38.81
C VAL C 321 -5.82 51.45 -38.80
N ILE C 322 -6.65 52.42 -39.15
CA ILE C 322 -6.24 53.82 -39.16
C ILE C 322 -6.99 54.54 -38.05
N ARG C 323 -6.62 55.79 -37.83
CA ARG C 323 -7.32 56.65 -36.90
C ARG C 323 -7.35 58.06 -37.44
N VAL C 324 -8.54 58.54 -37.83
CA VAL C 324 -8.68 59.87 -38.41
C VAL C 324 -9.47 60.76 -37.47
N GLN C 325 -9.65 62.02 -37.83
CA GLN C 325 -10.34 62.97 -36.97
C GLN C 325 -10.91 64.08 -37.84
N TYR C 326 -12.18 64.40 -37.62
CA TYR C 326 -12.87 65.40 -38.42
C TYR C 326 -12.45 66.80 -38.04
N GLU C 327 -12.33 67.66 -39.04
CA GLU C 327 -12.14 69.10 -38.86
C GLU C 327 -13.29 69.82 -39.56
N GLY C 328 -14.02 70.64 -38.81
CA GLY C 328 -15.08 71.40 -39.44
C GLY C 328 -16.34 71.56 -38.63
N ASP C 329 -17.50 71.44 -39.27
CA ASP C 329 -18.77 71.65 -38.61
C ASP C 329 -19.78 70.66 -39.17
N GLY C 330 -20.79 70.36 -38.36
CA GLY C 330 -21.73 69.32 -38.70
C GLY C 330 -21.21 67.98 -38.23
N SER C 331 -20.84 67.91 -36.96
CA SER C 331 -20.05 66.81 -36.44
C SER C 331 -20.74 65.45 -36.31
N PRO C 332 -22.05 65.32 -35.93
CA PRO C 332 -22.65 63.98 -36.04
C PRO C 332 -22.98 63.66 -37.50
N CYS C 333 -22.15 62.81 -38.10
CA CYS C 333 -22.22 62.59 -39.55
C CYS C 333 -21.49 61.29 -39.88
N LYS C 334 -21.66 60.85 -41.12
CA LYS C 334 -20.99 59.64 -41.60
C LYS C 334 -19.55 59.98 -42.00
N ILE C 335 -18.85 59.03 -42.60
CA ILE C 335 -17.50 59.23 -43.10
C ILE C 335 -17.40 58.67 -44.51
N PRO C 336 -16.92 59.43 -45.49
CA PRO C 336 -16.75 58.90 -46.85
C PRO C 336 -15.49 58.07 -47.02
N PHE C 337 -15.42 56.96 -46.29
CA PHE C 337 -14.31 56.02 -46.40
C PHE C 337 -14.57 55.05 -47.55
N GLU C 338 -13.64 54.96 -48.48
CA GLU C 338 -13.65 53.87 -49.46
C GLU C 338 -12.23 53.57 -49.91
N ILE C 339 -11.95 52.28 -50.04
CA ILE C 339 -10.69 51.80 -50.59
C ILE C 339 -10.90 51.49 -52.06
N MET C 340 -10.03 51.99 -52.93
CA MET C 340 -10.08 51.63 -54.33
C MET C 340 -8.65 51.46 -54.82
N ASP C 341 -8.49 51.39 -56.14
CA ASP C 341 -7.24 50.96 -56.72
C ASP C 341 -6.57 52.09 -57.50
N LEU C 342 -5.43 51.76 -58.10
CA LEU C 342 -4.85 52.56 -59.15
C LEU C 342 -5.83 52.63 -60.32
N GLU C 343 -5.84 53.79 -61.00
CA GLU C 343 -6.70 54.24 -62.09
C GLU C 343 -8.10 54.63 -61.56
N LYS C 344 -8.40 54.37 -60.29
CA LYS C 344 -9.37 55.08 -59.46
C LYS C 344 -10.84 54.84 -59.82
N ARG C 345 -11.15 53.81 -60.62
CA ARG C 345 -12.56 53.55 -60.84
C ARG C 345 -13.07 52.47 -59.90
N HIS C 346 -12.48 51.28 -59.95
CA HIS C 346 -13.02 50.11 -59.28
C HIS C 346 -12.87 50.22 -57.77
N VAL C 347 -14.00 50.19 -57.07
CA VAL C 347 -14.01 50.11 -55.61
C VAL C 347 -13.84 48.64 -55.23
N LEU C 348 -12.71 48.33 -54.63
CA LEU C 348 -12.38 46.95 -54.28
C LEU C 348 -11.59 46.94 -52.98
N GLY C 349 -11.90 45.98 -52.12
CA GLY C 349 -11.43 46.02 -50.76
C GLY C 349 -12.50 46.55 -49.83
N ARG C 350 -13.07 45.67 -49.02
CA ARG C 350 -14.24 45.97 -48.23
C ARG C 350 -13.87 46.53 -46.86
N LEU C 351 -14.88 46.78 -46.04
CA LEU C 351 -14.70 47.30 -44.70
C LEU C 351 -15.04 46.24 -43.65
N ILE C 352 -14.51 46.47 -42.45
CA ILE C 352 -14.88 45.71 -41.26
C ILE C 352 -15.49 46.60 -40.19
N THR C 353 -15.31 47.91 -40.27
CA THR C 353 -15.88 48.84 -39.31
C THR C 353 -16.96 49.60 -40.07
N VAL C 354 -17.87 48.82 -40.69
CA VAL C 354 -18.84 49.33 -41.64
C VAL C 354 -19.70 50.44 -41.02
N ASN C 355 -19.99 51.45 -41.85
CA ASN C 355 -20.49 52.77 -41.49
C ASN C 355 -19.61 53.39 -40.42
N PRO C 356 -18.43 53.91 -40.75
CA PRO C 356 -17.71 54.73 -39.80
C PRO C 356 -18.45 56.04 -39.57
N ILE C 357 -18.31 56.58 -38.38
CA ILE C 357 -19.17 57.67 -37.92
C ILE C 357 -18.36 58.59 -37.03
N VAL C 358 -18.49 59.90 -37.24
CA VAL C 358 -17.93 60.89 -36.33
C VAL C 358 -18.97 61.15 -35.26
N THR C 359 -18.67 60.73 -34.03
CA THR C 359 -19.65 60.71 -32.95
C THR C 359 -19.68 62.06 -32.22
N GLU C 360 -20.07 63.09 -32.98
CA GLU C 360 -20.55 64.41 -32.54
C GLU C 360 -19.46 65.27 -31.91
N LYS C 361 -18.25 64.75 -31.70
CA LYS C 361 -17.22 65.57 -31.07
C LYS C 361 -15.97 65.64 -31.93
N ASP C 362 -14.90 66.20 -31.36
CA ASP C 362 -13.55 66.11 -31.91
C ASP C 362 -12.78 64.94 -31.31
N SER C 363 -13.40 63.76 -31.36
CA SER C 363 -12.82 62.54 -30.85
C SER C 363 -12.45 61.64 -32.01
N PRO C 364 -11.21 61.18 -32.09
CA PRO C 364 -10.81 60.38 -33.25
C PRO C 364 -11.43 59.00 -33.25
N VAL C 365 -11.74 58.52 -34.46
CA VAL C 365 -12.42 57.25 -34.63
C VAL C 365 -11.47 56.27 -35.31
N ASN C 366 -11.78 54.99 -35.16
CA ASN C 366 -10.93 53.91 -35.63
C ASN C 366 -11.66 53.13 -36.71
N ILE C 367 -11.01 52.97 -37.86
CA ILE C 367 -11.61 52.31 -39.00
C ILE C 367 -10.73 51.11 -39.36
N GLU C 368 -11.33 49.92 -39.38
CA GLU C 368 -10.64 48.74 -39.88
C GLU C 368 -11.27 48.35 -41.20
N ALA C 369 -10.43 48.02 -42.17
CA ALA C 369 -10.92 47.58 -43.47
C ALA C 369 -9.88 46.65 -44.06
N GLU C 370 -10.33 45.78 -44.95
CA GLU C 370 -9.44 44.80 -45.56
C GLU C 370 -9.06 45.24 -46.97
N PRO C 371 -7.82 45.64 -47.20
CA PRO C 371 -7.41 46.09 -48.53
C PRO C 371 -7.26 44.91 -49.47
N PRO C 372 -7.07 45.14 -50.79
CA PRO C 372 -6.73 44.01 -51.66
C PRO C 372 -5.29 43.56 -51.48
N PHE C 373 -4.85 42.62 -52.31
CA PHE C 373 -3.55 41.98 -52.12
C PHE C 373 -2.44 42.65 -52.93
N GLY C 374 -2.58 43.92 -53.26
CA GLY C 374 -1.55 44.66 -53.98
C GLY C 374 -1.55 46.11 -53.60
N ASP C 375 -1.29 46.97 -54.57
CA ASP C 375 -1.37 48.41 -54.34
C ASP C 375 -2.83 48.85 -54.32
N SER C 376 -3.12 49.85 -53.48
CA SER C 376 -4.48 50.33 -53.30
C SER C 376 -4.45 51.73 -52.70
N TYR C 377 -5.41 52.54 -53.13
CA TYR C 377 -5.66 53.85 -52.55
C TYR C 377 -6.76 53.75 -51.51
N ILE C 378 -6.57 54.42 -50.38
CA ILE C 378 -7.51 54.36 -49.28
C ILE C 378 -7.97 55.79 -49.04
N ILE C 379 -9.21 56.09 -49.44
CA ILE C 379 -9.70 57.46 -49.58
C ILE C 379 -10.61 57.78 -48.40
N ILE C 380 -10.33 58.90 -47.72
CA ILE C 380 -10.92 59.18 -46.42
C ILE C 380 -11.73 60.47 -46.52
N GLY C 381 -12.43 60.71 -47.61
CA GLY C 381 -13.30 61.89 -47.61
C GLY C 381 -13.80 62.26 -48.99
N VAL C 382 -14.13 63.54 -49.13
CA VAL C 382 -14.65 64.08 -50.38
C VAL C 382 -13.68 65.12 -50.91
N GLU C 383 -13.96 65.64 -52.11
CA GLU C 383 -12.97 66.32 -52.95
C GLU C 383 -12.30 67.57 -52.40
N PRO C 384 -12.95 68.47 -51.62
CA PRO C 384 -12.13 69.50 -50.96
C PRO C 384 -11.38 68.92 -49.77
N GLY C 385 -10.13 68.55 -49.99
CA GLY C 385 -9.28 68.04 -48.93
C GLY C 385 -9.54 66.60 -48.53
N GLN C 386 -9.45 65.67 -49.48
CA GLN C 386 -9.52 64.26 -49.12
C GLN C 386 -8.12 63.72 -48.88
N LEU C 387 -8.07 62.51 -48.32
CA LEU C 387 -6.82 61.87 -47.93
C LEU C 387 -6.66 60.63 -48.79
N LYS C 388 -5.71 60.66 -49.72
CA LYS C 388 -5.38 59.47 -50.51
C LYS C 388 -4.11 58.87 -49.94
N LEU C 389 -4.28 57.87 -49.08
CA LEU C 389 -3.19 57.15 -48.47
C LEU C 389 -2.90 55.91 -49.31
N ASN C 390 -1.63 55.71 -49.65
CA ASN C 390 -1.24 54.57 -50.46
C ASN C 390 -0.92 53.39 -49.55
N TRP C 391 -1.13 52.18 -50.05
CA TRP C 391 -0.90 50.99 -49.26
C TRP C 391 -0.60 49.80 -50.16
N PHE C 392 0.23 48.88 -49.64
CA PHE C 392 0.54 47.61 -50.30
C PHE C 392 0.47 46.48 -49.28
N LYS C 393 -0.42 45.52 -49.51
CA LYS C 393 -0.57 44.36 -48.64
C LYS C 393 0.21 43.19 -49.23
N LYS C 394 0.95 42.49 -48.38
CA LYS C 394 1.93 41.52 -48.85
C LYS C 394 1.27 40.19 -49.22
N GLY C 395 1.64 39.66 -50.37
CA GLY C 395 1.24 38.33 -50.80
C GLY C 395 -0.24 38.17 -51.05
N SER C 396 -0.86 37.25 -50.30
CA SER C 396 -2.32 37.10 -50.21
C SER C 396 -2.97 36.77 -51.55
N SER C 397 -2.31 35.93 -52.35
CA SER C 397 -2.87 35.63 -53.65
C SER C 397 -3.74 34.38 -53.61
N ILE C 398 -3.10 33.24 -53.36
CA ILE C 398 -3.78 31.96 -53.13
C ILE C 398 -3.20 31.41 -51.84
N GLY C 399 -2.22 32.13 -51.29
CA GLY C 399 -1.70 31.78 -49.98
C GLY C 399 -2.71 32.00 -48.87
N GLN C 400 -3.67 32.90 -49.09
CA GLN C 400 -4.70 33.15 -48.10
C GLN C 400 -5.65 31.96 -47.98
N MET C 401 -6.09 31.39 -49.10
CA MET C 401 -7.01 30.27 -49.04
C MET C 401 -6.31 28.98 -48.63
N ILE C 402 -5.05 28.81 -49.01
CA ILE C 402 -4.29 27.66 -48.53
C ILE C 402 -3.86 27.85 -47.08
N GLU C 403 -3.96 29.07 -46.55
CA GLU C 403 -3.75 29.30 -45.14
C GLU C 403 -5.00 29.03 -44.33
N THR C 404 -6.16 29.51 -44.79
CA THR C 404 -7.39 29.26 -44.07
C THR C 404 -7.91 27.84 -44.26
N THR C 405 -7.39 27.10 -45.24
CA THR C 405 -7.64 25.67 -45.29
C THR C 405 -6.93 24.95 -44.14
N MET C 406 -5.66 25.29 -43.92
CA MET C 406 -4.91 24.68 -42.82
C MET C 406 -5.45 25.11 -41.47
N ARG C 407 -5.89 26.37 -41.36
CA ARG C 407 -6.40 26.84 -40.09
C ARG C 407 -7.81 26.32 -39.82
N GLY C 408 -8.61 26.13 -40.87
CA GLY C 408 -9.89 25.46 -40.70
C GLY C 408 -9.72 24.00 -40.33
N ALA C 409 -8.70 23.35 -40.89
CA ALA C 409 -8.42 21.96 -40.51
C ALA C 409 -7.92 21.87 -39.07
N LYS C 410 -7.14 22.85 -38.60
CA LYS C 410 -6.75 22.81 -37.20
C LYS C 410 -7.91 23.18 -36.28
N ARG C 411 -8.90 23.93 -36.77
CA ARG C 411 -10.14 24.06 -36.01
C ARG C 411 -10.89 22.74 -35.97
N MET C 412 -10.80 21.94 -37.02
CA MET C 412 -11.35 20.59 -36.96
C MET C 412 -10.48 19.63 -36.16
N ALA C 413 -9.26 20.02 -35.79
CA ALA C 413 -8.44 19.18 -34.93
C ALA C 413 -8.62 19.52 -33.46
N ILE C 414 -8.69 20.80 -33.12
CA ILE C 414 -8.92 21.20 -31.73
C ILE C 414 -10.35 20.89 -31.31
N LEU C 415 -11.32 21.44 -32.04
CA LEU C 415 -12.70 21.05 -31.82
C LEU C 415 -12.98 19.72 -32.51
N GLY C 416 -14.02 19.05 -32.04
CA GLY C 416 -14.39 17.80 -32.65
C GLY C 416 -15.41 18.01 -33.74
N ASP C 417 -16.64 17.57 -33.51
CA ASP C 417 -17.73 17.84 -34.44
C ASP C 417 -18.24 19.27 -34.35
N THR C 418 -17.85 20.00 -33.30
CA THR C 418 -18.37 21.33 -33.06
C THR C 418 -17.84 22.33 -34.08
N ALA C 419 -16.76 22.00 -34.79
CA ALA C 419 -16.26 22.85 -35.86
C ALA C 419 -17.17 22.89 -37.07
N TRP C 420 -18.16 22.00 -37.16
CA TRP C 420 -19.20 22.13 -38.17
C TRP C 420 -20.35 23.02 -37.72
N ASP C 421 -20.33 23.46 -36.47
CA ASP C 421 -21.29 24.45 -35.98
C ASP C 421 -20.73 25.86 -36.06
N PHE C 422 -19.91 26.11 -37.09
CA PHE C 422 -19.30 27.41 -37.30
C PHE C 422 -20.03 28.21 -38.39
N GLY C 423 -20.96 27.58 -39.10
CA GLY C 423 -21.77 28.27 -40.09
C GLY C 423 -23.25 28.05 -39.83
N SER C 424 -24.06 28.63 -40.71
CA SER C 424 -25.50 28.79 -40.46
C SER C 424 -26.32 27.94 -41.43
N LEU C 425 -26.47 26.66 -41.05
CA LEU C 425 -27.38 25.67 -41.66
C LEU C 425 -27.12 25.51 -43.17
N GLY C 426 -25.97 24.91 -43.46
CA GLY C 426 -25.71 24.47 -44.81
C GLY C 426 -26.72 23.45 -45.30
N GLY C 427 -27.23 22.62 -44.40
CA GLY C 427 -28.37 21.81 -44.75
C GLY C 427 -27.95 20.53 -45.43
N VAL C 428 -27.98 20.59 -46.77
CA VAL C 428 -27.60 19.46 -47.61
C VAL C 428 -26.15 19.03 -47.43
N PHE C 429 -25.26 19.93 -46.99
CA PHE C 429 -23.86 19.56 -46.81
C PHE C 429 -23.37 19.67 -45.37
N THR C 430 -23.75 20.72 -44.65
CA THR C 430 -23.21 20.91 -43.30
C THR C 430 -23.82 19.93 -42.31
N SER C 431 -25.14 19.73 -42.38
CA SER C 431 -25.81 18.87 -41.42
C SER C 431 -25.53 17.40 -41.63
N ILE C 432 -24.97 17.00 -42.76
CA ILE C 432 -24.56 15.63 -42.98
C ILE C 432 -23.08 15.42 -42.69
N GLY C 433 -22.25 16.43 -42.96
CA GLY C 433 -20.85 16.33 -42.58
C GLY C 433 -20.64 16.40 -41.09
N LYS C 434 -21.59 17.01 -40.38
CA LYS C 434 -21.64 16.92 -38.93
C LYS C 434 -21.76 15.48 -38.46
N ALA C 435 -22.69 14.72 -39.05
CA ALA C 435 -22.93 13.35 -38.60
C ALA C 435 -21.82 12.41 -39.04
N LEU C 436 -21.33 12.56 -40.28
CA LEU C 436 -20.20 11.75 -40.73
C LEU C 436 -18.94 12.06 -39.93
N HIS C 437 -18.78 13.30 -39.49
CA HIS C 437 -17.68 13.59 -38.60
C HIS C 437 -17.92 13.06 -37.20
N GLN C 438 -19.18 12.84 -36.82
CA GLN C 438 -19.48 12.23 -35.53
C GLN C 438 -19.27 10.72 -35.54
N VAL C 439 -19.42 10.07 -36.68
CA VAL C 439 -19.17 8.63 -36.69
C VAL C 439 -17.72 8.31 -37.02
N PHE C 440 -17.06 9.12 -37.87
CA PHE C 440 -15.63 8.94 -38.09
C PHE C 440 -14.84 9.35 -36.85
N GLY C 441 -15.23 10.47 -36.24
CA GLY C 441 -14.67 10.85 -34.96
C GLY C 441 -15.15 10.01 -33.80
N ALA C 442 -16.23 9.27 -33.97
CA ALA C 442 -16.69 8.38 -32.92
C ALA C 442 -15.90 7.08 -32.90
N ILE C 443 -15.71 6.44 -34.07
CA ILE C 443 -14.90 5.24 -34.09
C ILE C 443 -13.42 5.56 -34.10
N TYR C 444 -13.04 6.82 -34.33
CA TYR C 444 -11.68 7.25 -34.04
C TYR C 444 -11.50 7.49 -32.55
N GLY C 445 -12.57 7.79 -31.84
CA GLY C 445 -12.45 8.04 -30.41
C GLY C 445 -12.32 6.77 -29.59
N ALA C 446 -12.93 5.68 -30.02
CA ALA C 446 -12.77 4.38 -29.36
C ALA C 446 -11.62 3.60 -29.98
N ALA C 447 -10.49 4.29 -30.09
CA ALA C 447 -9.19 3.89 -30.59
C ALA C 447 -8.35 5.13 -30.38
N PHE C 448 -7.02 4.98 -30.53
CA PHE C 448 -6.05 6.07 -30.43
C PHE C 448 -6.13 6.85 -29.11
N SER C 449 -6.64 6.24 -28.05
CA SER C 449 -6.88 6.92 -26.78
C SER C 449 -5.91 6.39 -25.73
N GLY C 450 -5.18 7.31 -25.11
CA GLY C 450 -3.96 6.96 -24.40
C GLY C 450 -2.73 6.99 -25.28
N VAL C 451 -2.93 6.93 -26.59
CA VAL C 451 -1.83 6.99 -27.56
C VAL C 451 -1.28 8.41 -27.62
N SER C 452 0.04 8.54 -27.62
CA SER C 452 0.71 9.81 -27.38
C SER C 452 0.99 10.57 -28.67
N TRP C 453 1.85 11.60 -28.54
CA TRP C 453 2.41 12.36 -29.67
C TRP C 453 3.01 11.44 -30.74
N ILE C 454 3.91 10.56 -30.33
CA ILE C 454 4.74 9.83 -31.30
C ILE C 454 3.94 8.69 -31.93
N MET C 455 3.14 8.00 -31.12
CA MET C 455 2.55 6.74 -31.55
C MET C 455 1.40 6.96 -32.52
N LYS C 456 0.77 8.14 -32.50
CA LYS C 456 -0.18 8.49 -33.56
C LYS C 456 0.53 8.61 -34.90
N ILE C 457 1.71 9.21 -34.91
CA ILE C 457 2.52 9.29 -36.12
C ILE C 457 2.94 7.91 -36.58
N LEU C 458 3.25 7.02 -35.63
CA LEU C 458 3.71 5.68 -35.98
C LEU C 458 2.60 4.85 -36.59
N ILE C 459 1.39 4.91 -36.01
CA ILE C 459 0.26 4.19 -36.60
C ILE C 459 -0.13 4.83 -37.92
N GLY C 460 0.09 6.14 -38.08
CA GLY C 460 -0.12 6.77 -39.38
C GLY C 460 0.83 6.25 -40.44
N VAL C 461 2.09 6.00 -40.07
CA VAL C 461 3.05 5.40 -40.99
C VAL C 461 2.66 3.98 -41.34
N ILE C 462 2.14 3.23 -40.36
CA ILE C 462 1.77 1.83 -40.61
C ILE C 462 0.57 1.74 -41.54
N ILE C 463 -0.50 2.50 -41.27
CA ILE C 463 -1.68 2.47 -42.12
C ILE C 463 -1.37 3.05 -43.50
N THR C 464 -0.45 4.02 -43.56
CA THR C 464 0.00 4.55 -44.84
C THR C 464 0.72 3.49 -45.66
N TRP C 465 1.54 2.66 -45.00
CA TRP C 465 2.28 1.63 -45.73
C TRP C 465 1.37 0.49 -46.18
N ILE C 466 0.46 0.05 -45.29
CA ILE C 466 -0.48 -1.02 -45.63
C ILE C 466 -1.40 -0.58 -46.76
N GLY C 467 -1.80 0.70 -46.76
CA GLY C 467 -2.55 1.22 -47.88
C GLY C 467 -1.74 1.31 -49.16
N MET C 468 -0.47 1.70 -49.05
CA MET C 468 0.38 1.79 -50.23
C MET C 468 0.86 0.43 -50.75
N ASN C 469 0.54 -0.67 -50.07
CA ASN C 469 0.81 -1.98 -50.65
C ASN C 469 -0.43 -2.78 -51.01
N SER C 470 -1.58 -2.52 -50.38
CA SER C 470 -2.76 -3.33 -50.60
C SER C 470 -3.36 -3.08 -51.98
N ARG C 471 -4.24 -3.98 -52.39
CA ARG C 471 -4.87 -3.89 -53.71
C ARG C 471 -6.38 -3.92 -53.59
N SER C 472 -7.05 -4.04 -54.75
CA SER C 472 -8.50 -3.91 -54.92
C SER C 472 -8.99 -2.57 -54.36
N THR C 473 -8.45 -1.49 -54.94
CA THR C 473 -8.73 -0.06 -54.75
C THR C 473 -8.98 0.38 -53.30
N SER C 474 -8.28 -0.24 -52.35
CA SER C 474 -8.28 0.20 -50.97
C SER C 474 -7.12 1.13 -50.66
N LEU C 475 -6.40 1.60 -51.69
CA LEU C 475 -5.34 2.58 -51.48
C LEU C 475 -5.93 3.90 -51.02
N SER C 476 -6.96 4.38 -51.72
CA SER C 476 -7.58 5.64 -51.34
C SER C 476 -8.37 5.52 -50.05
N VAL C 477 -8.82 4.30 -49.70
CA VAL C 477 -9.53 4.10 -48.45
C VAL C 477 -8.56 4.16 -47.28
N SER C 478 -7.35 3.67 -47.45
CA SER C 478 -6.42 3.50 -46.35
C SER C 478 -5.34 4.56 -46.27
N LEU C 479 -5.19 5.40 -47.29
CA LEU C 479 -4.29 6.55 -47.15
C LEU C 479 -5.03 7.82 -46.76
N VAL C 480 -6.16 8.10 -47.41
CA VAL C 480 -6.73 9.45 -47.38
C VAL C 480 -7.32 9.78 -46.02
N LEU C 481 -8.24 8.95 -45.55
CA LEU C 481 -8.99 9.31 -44.34
C LEU C 481 -8.36 8.77 -43.07
N VAL C 482 -7.43 7.82 -43.16
CA VAL C 482 -6.78 7.24 -42.00
C VAL C 482 -5.26 7.36 -42.08
N GLY C 483 -4.67 7.07 -43.24
CA GLY C 483 -3.23 7.02 -43.34
C GLY C 483 -2.55 8.36 -43.33
N VAL C 484 -3.26 9.43 -43.67
CA VAL C 484 -2.72 10.78 -43.66
C VAL C 484 -3.33 11.63 -42.55
N VAL C 485 -4.63 11.42 -42.27
CA VAL C 485 -5.32 12.17 -41.23
C VAL C 485 -4.74 11.86 -39.86
N THR C 486 -4.36 10.61 -39.61
CA THR C 486 -3.70 10.29 -38.36
C THR C 486 -2.26 10.80 -38.28
N LEU C 487 -1.64 11.12 -39.41
CA LEU C 487 -0.36 11.81 -39.35
C LEU C 487 -0.55 13.29 -38.98
N TYR C 488 -1.55 13.94 -39.58
CA TYR C 488 -1.84 15.33 -39.27
C TYR C 488 -2.30 15.50 -37.84
N LEU C 489 -3.14 14.57 -37.36
CA LEU C 489 -3.46 14.51 -35.94
C LEU C 489 -2.24 14.16 -35.12
N GLY C 490 -1.34 13.35 -35.67
CA GLY C 490 -0.10 13.04 -34.98
C GLY C 490 0.83 14.22 -34.82
N VAL C 491 0.67 15.25 -35.64
CA VAL C 491 1.44 16.48 -35.49
C VAL C 491 0.70 17.51 -34.64
N MET C 492 -0.61 17.67 -34.84
CA MET C 492 -1.37 18.78 -34.28
C MET C 492 -1.97 18.48 -32.91
N VAL C 493 -1.35 17.61 -32.11
CA VAL C 493 -1.79 17.37 -30.73
C VAL C 493 -0.69 17.82 -29.79
N GLN C 494 -0.90 17.58 -28.48
CA GLN C 494 -0.07 18.06 -27.38
C GLN C 494 -0.01 19.59 -27.41
N ALA C 495 -1.18 20.18 -27.23
CA ALA C 495 -1.35 21.62 -27.33
C ALA C 495 -0.64 22.34 -26.20
N SER D 1 5.66 4.79 -10.88
CA SER D 1 4.64 5.07 -9.88
C SER D 1 3.55 5.93 -10.48
N VAL D 2 3.23 7.03 -9.79
CA VAL D 2 2.23 7.95 -10.31
C VAL D 2 2.79 8.77 -11.47
N ALA D 3 4.11 8.91 -11.57
CA ALA D 3 4.72 9.63 -12.68
C ALA D 3 4.64 8.87 -14.00
N LEU D 4 4.35 7.58 -13.95
CA LEU D 4 3.98 6.83 -15.13
C LEU D 4 2.48 7.04 -15.38
N VAL D 5 2.00 6.54 -16.53
CA VAL D 5 0.71 6.87 -17.18
C VAL D 5 0.43 8.37 -17.07
N PRO D 6 1.11 9.18 -17.89
CA PRO D 6 1.27 10.60 -17.58
C PRO D 6 0.14 11.51 -18.04
N HIS D 7 -1.06 10.97 -18.27
CA HIS D 7 -2.26 11.72 -18.67
C HIS D 7 -2.08 12.41 -20.04
N VAL D 8 -1.89 11.59 -21.07
CA VAL D 8 -1.64 12.15 -22.39
C VAL D 8 -2.89 12.02 -23.26
N GLY D 9 -3.30 10.81 -23.57
CA GLY D 9 -4.43 10.63 -24.46
C GLY D 9 -5.73 10.46 -23.71
N MET D 10 -6.49 11.55 -23.56
CA MET D 10 -7.76 11.51 -22.86
C MET D 10 -8.88 12.20 -23.61
N GLY D 11 -8.61 12.73 -24.81
CA GLY D 11 -9.45 13.79 -25.33
C GLY D 11 -9.06 15.04 -24.58
N LEU D 12 -10.02 15.89 -24.21
CA LEU D 12 -9.88 16.98 -23.24
C LEU D 12 -8.91 18.09 -23.63
N GLU D 13 -8.31 18.05 -24.82
CA GLU D 13 -7.32 19.05 -25.19
C GLU D 13 -7.98 20.16 -26.00
N THR D 14 -7.59 21.40 -25.70
CA THR D 14 -8.17 22.57 -26.35
C THR D 14 -7.08 23.41 -26.98
N ARG D 15 -7.45 24.61 -27.45
CA ARG D 15 -6.48 25.50 -28.08
C ARG D 15 -5.52 26.11 -27.07
N THR D 16 -5.90 26.14 -25.79
CA THR D 16 -4.99 26.55 -24.74
C THR D 16 -3.89 25.53 -24.57
N GLU D 17 -2.73 25.96 -24.09
CA GLU D 17 -1.68 24.98 -23.91
C GLU D 17 -1.83 24.30 -22.55
N THR D 18 -1.30 23.09 -22.46
CA THR D 18 -1.45 22.27 -21.27
C THR D 18 -0.42 22.63 -20.20
N TRP D 19 -0.25 21.76 -19.21
CA TRP D 19 0.70 22.02 -18.13
C TRP D 19 2.15 21.91 -18.63
N MET D 20 2.45 20.87 -19.41
CA MET D 20 3.81 20.66 -19.90
C MET D 20 3.82 20.42 -21.39
N SER D 21 3.17 21.29 -22.16
CA SER D 21 3.47 21.36 -23.57
C SER D 21 4.89 21.87 -23.76
N SER D 22 5.63 21.21 -24.65
CA SER D 22 7.02 21.49 -25.10
C SER D 22 8.08 21.17 -24.05
N GLU D 23 7.69 20.76 -22.84
CA GLU D 23 8.62 20.15 -21.91
C GLU D 23 8.39 18.65 -21.77
N GLY D 24 7.38 18.11 -22.44
CA GLY D 24 7.08 16.71 -22.38
C GLY D 24 6.82 16.14 -23.76
N ALA D 25 6.91 17.00 -24.77
CA ALA D 25 6.70 16.55 -26.14
C ALA D 25 7.92 15.86 -26.71
N TRP D 26 9.11 16.14 -26.17
CA TRP D 26 10.34 15.57 -26.69
C TRP D 26 11.22 14.96 -25.59
N LYS D 27 10.67 14.73 -24.39
CA LYS D 27 11.46 14.09 -23.35
C LYS D 27 11.55 12.59 -23.54
N HIS D 28 10.55 11.98 -24.18
CA HIS D 28 10.58 10.54 -24.42
C HIS D 28 11.61 10.19 -25.48
N ALA D 29 11.67 11.00 -26.53
CA ALA D 29 12.59 10.75 -27.64
C ALA D 29 14.03 10.95 -27.20
N GLN D 30 14.33 12.06 -26.52
CA GLN D 30 15.70 12.26 -26.05
C GLN D 30 16.02 11.37 -24.87
N ARG D 31 15.00 10.81 -24.20
CA ARG D 31 15.24 9.85 -23.14
C ARG D 31 15.69 8.51 -23.72
N ILE D 32 15.04 8.04 -24.79
CA ILE D 32 15.52 6.78 -25.36
C ILE D 32 16.77 6.99 -26.20
N GLU D 33 16.98 8.20 -26.75
CA GLU D 33 18.23 8.43 -27.49
C GLU D 33 19.40 8.64 -26.55
N THR D 34 19.17 9.11 -25.32
CA THR D 34 20.25 9.03 -24.34
C THR D 34 20.32 7.67 -23.69
N TRP D 35 19.32 6.81 -23.90
CA TRP D 35 19.45 5.44 -23.43
C TRP D 35 20.29 4.61 -24.39
N ILE D 36 20.17 4.84 -25.70
CA ILE D 36 20.91 4.06 -26.69
C ILE D 36 22.40 4.34 -26.60
N LEU D 37 22.77 5.61 -26.40
CA LEU D 37 24.18 6.00 -26.38
C LEU D 37 24.89 5.58 -25.11
N ARG D 38 24.19 4.98 -24.15
CA ARG D 38 24.80 4.40 -22.96
C ARG D 38 24.57 2.91 -22.85
N HIS D 39 23.76 2.31 -23.73
CA HIS D 39 23.61 0.87 -23.82
C HIS D 39 23.51 0.47 -25.28
N PRO D 40 24.64 0.51 -26.02
CA PRO D 40 24.55 0.23 -27.46
C PRO D 40 24.40 -1.24 -27.79
N GLY D 41 24.86 -2.13 -26.90
CA GLY D 41 24.84 -3.56 -27.20
C GLY D 41 23.45 -4.12 -27.35
N PHE D 42 22.47 -3.53 -26.67
CA PHE D 42 21.09 -3.91 -26.93
C PHE D 42 20.61 -3.41 -28.29
N THR D 43 21.22 -2.35 -28.83
CA THR D 43 20.83 -1.90 -30.15
C THR D 43 21.42 -2.79 -31.23
N ILE D 44 22.66 -3.25 -31.05
CA ILE D 44 23.22 -4.23 -31.99
C ILE D 44 22.46 -5.56 -31.90
N MET D 45 22.17 -6.01 -30.68
CA MET D 45 21.50 -7.30 -30.50
C MET D 45 20.05 -7.25 -30.99
N ALA D 46 19.35 -6.16 -30.70
CA ALA D 46 18.00 -5.99 -31.23
C ALA D 46 18.00 -5.81 -32.74
N ALA D 47 19.09 -5.28 -33.30
CA ALA D 47 19.22 -5.19 -34.75
C ALA D 47 19.34 -6.57 -35.38
N ILE D 48 20.21 -7.43 -34.82
CA ILE D 48 20.40 -8.73 -35.46
C ILE D 48 19.25 -9.68 -35.14
N LEU D 49 18.55 -9.48 -34.02
CA LEU D 49 17.39 -10.32 -33.75
C LEU D 49 16.16 -9.86 -34.53
N ALA D 50 16.05 -8.55 -34.77
CA ALA D 50 14.97 -8.07 -35.62
C ALA D 50 15.25 -8.32 -37.09
N TYR D 51 16.52 -8.50 -37.48
CA TYR D 51 16.83 -8.78 -38.87
C TYR D 51 16.46 -10.21 -39.24
N THR D 52 16.65 -11.15 -38.32
CA THR D 52 16.42 -12.56 -38.61
C THR D 52 14.98 -12.99 -38.35
N ILE D 53 14.09 -12.05 -38.05
CA ILE D 53 12.66 -12.30 -37.94
C ILE D 53 11.97 -11.36 -38.92
N GLY D 54 10.86 -11.80 -39.49
CA GLY D 54 10.12 -10.90 -40.34
C GLY D 54 10.74 -10.65 -41.69
N THR D 55 10.65 -11.60 -42.61
CA THR D 55 11.44 -11.55 -43.84
C THR D 55 10.90 -10.57 -44.90
N THR D 56 10.61 -9.33 -44.48
CA THR D 56 10.53 -8.17 -45.34
C THR D 56 11.26 -7.04 -44.61
N HIS D 57 11.66 -6.02 -45.36
CA HIS D 57 12.43 -4.92 -44.75
C HIS D 57 11.58 -4.09 -43.80
N PHE D 58 10.27 -4.00 -44.06
CA PHE D 58 9.43 -3.19 -43.20
C PHE D 58 9.10 -3.88 -41.89
N GLN D 59 8.98 -5.22 -41.89
CA GLN D 59 8.79 -5.93 -40.64
C GLN D 59 10.07 -5.92 -39.81
N ARG D 60 11.23 -5.98 -40.47
CA ARG D 60 12.50 -5.87 -39.76
C ARG D 60 12.67 -4.48 -39.15
N ALA D 61 12.34 -3.44 -39.90
CA ALA D 61 12.44 -2.08 -39.37
C ALA D 61 11.43 -1.85 -38.26
N LEU D 62 10.23 -2.42 -38.39
CA LEU D 62 9.21 -2.24 -37.37
C LEU D 62 9.57 -2.95 -36.07
N ILE D 63 10.06 -4.19 -36.16
CA ILE D 63 10.47 -4.91 -34.96
C ILE D 63 11.71 -4.30 -34.34
N PHE D 64 12.60 -3.70 -35.16
CA PHE D 64 13.74 -2.99 -34.58
C PHE D 64 13.31 -1.74 -33.82
N ILE D 65 12.39 -0.95 -34.39
CA ILE D 65 11.88 0.26 -33.74
C ILE D 65 11.15 -0.10 -32.44
N LEU D 66 10.33 -1.16 -32.49
CA LEU D 66 9.55 -1.52 -31.32
C LEU D 66 10.41 -2.12 -30.22
N LEU D 67 11.33 -3.04 -30.57
CA LEU D 67 12.21 -3.63 -29.57
C LEU D 67 13.16 -2.62 -28.97
N THR D 68 13.56 -1.60 -29.72
CA THR D 68 14.34 -0.53 -29.11
C THR D 68 13.46 0.33 -28.21
N ALA D 69 12.21 0.58 -28.62
CA ALA D 69 11.36 1.52 -27.91
C ALA D 69 10.76 0.93 -26.63
N VAL D 70 10.70 -0.39 -26.49
CA VAL D 70 10.11 -0.99 -25.28
C VAL D 70 11.02 -0.75 -24.08
N ALA D 71 12.30 -1.08 -24.22
CA ALA D 71 13.31 -0.90 -23.18
C ALA D 71 13.49 0.58 -22.88
N PRO D 72 13.17 1.04 -21.66
CA PRO D 72 13.20 2.46 -21.30
C PRO D 72 14.61 3.03 -21.27
N MET E 1 29.28 -22.75 14.32
CA MET E 1 28.86 -21.81 15.36
C MET E 1 28.61 -20.44 14.72
N ARG E 2 27.47 -19.84 15.08
CA ARG E 2 26.81 -18.68 14.45
C ARG E 2 26.76 -18.77 12.92
N CYS E 3 26.75 -19.99 12.39
CA CYS E 3 26.44 -20.31 11.01
C CYS E 3 25.10 -21.02 10.93
N ILE E 4 24.49 -21.28 12.07
CA ILE E 4 23.45 -22.28 12.21
C ILE E 4 22.11 -21.56 12.23
N GLY E 5 21.23 -21.93 11.32
CA GLY E 5 19.97 -21.24 11.17
C GLY E 5 20.16 -19.87 10.55
N ILE E 6 20.73 -19.84 9.35
CA ILE E 6 20.93 -18.59 8.64
C ILE E 6 20.43 -18.78 7.21
N SER E 7 20.16 -20.03 6.85
CA SER E 7 19.56 -20.48 5.59
C SER E 7 20.38 -20.16 4.36
N ASN E 8 21.64 -19.74 4.53
CA ASN E 8 22.58 -19.53 3.43
C ASN E 8 23.95 -19.93 3.98
N ARG E 9 24.40 -21.16 3.69
CA ARG E 9 25.66 -21.62 4.24
C ARG E 9 26.70 -21.94 3.20
N ASP E 10 26.38 -22.79 2.21
CA ASP E 10 27.28 -23.20 1.12
C ASP E 10 28.57 -23.82 1.69
N PHE E 11 28.40 -25.03 2.24
CA PHE E 11 29.50 -25.82 2.78
C PHE E 11 30.66 -25.97 1.80
N VAL E 12 31.87 -25.71 2.28
CA VAL E 12 33.10 -25.91 1.54
C VAL E 12 33.89 -27.01 2.23
N GLU E 13 34.18 -28.08 1.52
CA GLU E 13 35.11 -29.08 2.00
C GLU E 13 36.16 -29.36 0.95
N GLY E 14 37.40 -29.52 1.39
CA GLY E 14 38.51 -29.77 0.50
C GLY E 14 39.66 -28.81 0.76
N VAL E 15 40.88 -29.32 0.59
CA VAL E 15 42.12 -28.57 0.76
C VAL E 15 43.08 -29.02 -0.33
N SER E 16 43.67 -28.08 -1.06
CA SER E 16 44.39 -28.40 -2.29
C SER E 16 45.89 -28.44 -2.07
N GLY E 17 46.39 -29.58 -1.60
CA GLY E 17 47.83 -29.79 -1.55
C GLY E 17 48.46 -29.04 -0.41
N GLY E 18 49.14 -27.94 -0.75
CA GLY E 18 49.43 -26.94 0.26
C GLY E 18 48.14 -26.42 0.86
N SER E 19 48.15 -26.22 2.17
CA SER E 19 46.90 -26.10 2.93
C SER E 19 46.27 -24.72 2.70
N TRP E 20 45.60 -24.59 1.55
CA TRP E 20 44.81 -23.41 1.24
C TRP E 20 43.55 -23.83 0.49
N VAL E 21 42.44 -23.17 0.79
CA VAL E 21 41.20 -23.32 0.03
C VAL E 21 40.74 -21.93 -0.38
N ASP E 22 40.05 -21.85 -1.51
CA ASP E 22 39.75 -20.60 -2.17
C ASP E 22 38.24 -20.40 -2.17
N ILE E 23 37.75 -19.44 -1.39
CA ILE E 23 36.32 -19.23 -1.22
C ILE E 23 35.98 -17.79 -1.57
N VAL E 24 34.70 -17.55 -1.79
CA VAL E 24 34.16 -16.21 -1.95
C VAL E 24 32.98 -16.05 -1.01
N LEU E 25 33.10 -15.16 -0.05
CA LEU E 25 32.10 -15.03 1.01
C LEU E 25 31.47 -13.65 0.96
N GLU E 26 30.18 -13.60 1.26
CA GLU E 26 29.35 -12.42 1.05
C GLU E 26 28.48 -12.18 2.28
N HIS E 27 27.70 -11.10 2.25
CA HIS E 27 27.02 -10.61 3.44
C HIS E 27 25.80 -11.45 3.80
N GLY E 28 25.07 -11.97 2.81
CA GLY E 28 23.90 -12.76 3.10
C GLY E 28 24.23 -14.11 3.68
N SER E 29 25.29 -14.75 3.18
CA SER E 29 25.64 -16.10 3.58
C SER E 29 26.78 -16.09 4.60
N CYS E 30 27.16 -17.29 5.03
CA CYS E 30 28.34 -17.50 5.84
C CYS E 30 28.84 -18.92 5.61
N VAL E 31 30.14 -19.05 5.33
CA VAL E 31 30.70 -20.28 4.81
C VAL E 31 31.25 -21.13 5.95
N THR E 32 30.82 -22.39 6.00
CA THR E 32 31.39 -23.38 6.91
C THR E 32 32.41 -24.22 6.15
N THR E 33 33.66 -24.17 6.60
CA THR E 33 34.76 -24.88 5.94
C THR E 33 35.09 -26.14 6.72
N MET E 34 35.26 -27.25 6.01
CA MET E 34 35.54 -28.55 6.62
C MET E 34 36.75 -29.16 5.94
N ALA E 35 37.89 -29.15 6.63
CA ALA E 35 39.10 -29.72 6.06
C ALA E 35 39.20 -31.19 6.46
N LYS E 36 40.37 -31.81 6.23
CA LYS E 36 40.50 -33.23 6.50
C LYS E 36 40.65 -33.51 7.98
N ASN E 37 41.75 -33.06 8.59
CA ASN E 37 41.90 -33.10 10.05
C ASN E 37 42.35 -31.72 10.52
N LYS E 38 41.40 -30.80 10.62
CA LYS E 38 41.54 -29.39 10.96
C LYS E 38 40.15 -29.01 11.44
N PRO E 39 40.04 -28.15 12.46
CA PRO E 39 38.72 -27.85 13.01
C PRO E 39 37.89 -27.01 12.05
N THR E 40 36.58 -27.23 12.10
CA THR E 40 35.71 -26.58 11.13
C THR E 40 35.37 -25.17 11.58
N LEU E 41 35.48 -24.23 10.66
CA LEU E 41 35.42 -22.81 10.95
C LEU E 41 34.21 -22.20 10.26
N ASP E 42 33.86 -20.99 10.68
CA ASP E 42 32.73 -20.24 10.12
C ASP E 42 33.15 -18.80 9.88
N PHE E 43 32.85 -18.29 8.68
CA PHE E 43 33.32 -17.00 8.21
C PHE E 43 32.15 -16.20 7.68
N GLU E 44 32.06 -14.90 8.02
CA GLU E 44 31.11 -14.03 7.36
C GLU E 44 31.58 -12.60 7.36
N LEU E 45 31.20 -11.86 6.31
CA LEU E 45 31.32 -10.41 6.29
C LEU E 45 30.27 -9.82 7.21
N ILE E 46 30.69 -9.25 8.35
CA ILE E 46 29.73 -8.61 9.22
C ILE E 46 29.61 -7.11 8.96
N GLU E 47 30.52 -6.53 8.18
CA GLU E 47 30.61 -5.07 8.05
C GLU E 47 31.48 -4.76 6.84
N THR E 48 31.20 -3.63 6.20
CA THR E 48 32.02 -3.15 5.09
C THR E 48 31.94 -1.63 5.11
N GLU E 49 33.03 -0.97 5.46
CA GLU E 49 33.03 0.47 5.70
C GLU E 49 33.96 1.18 4.73
N ALA E 50 33.48 2.28 4.15
CA ALA E 50 34.31 3.22 3.43
C ALA E 50 34.56 4.44 4.31
N LYS E 51 35.80 4.93 4.32
CA LYS E 51 36.25 5.74 5.44
C LYS E 51 36.30 7.24 5.16
N GLN E 52 36.96 7.68 4.09
CA GLN E 52 36.96 9.10 3.76
C GLN E 52 36.24 9.34 2.43
N PRO E 53 34.95 9.67 2.45
CA PRO E 53 34.27 10.07 1.21
C PRO E 53 34.31 11.58 1.02
N ALA E 54 34.17 11.98 -0.24
CA ALA E 54 34.06 13.38 -0.59
C ALA E 54 33.06 13.49 -1.73
N THR E 55 32.15 14.46 -1.63
CA THR E 55 31.08 14.58 -2.62
C THR E 55 31.62 15.07 -3.95
N LEU E 56 31.04 14.56 -5.04
CA LEU E 56 31.47 14.97 -6.37
C LEU E 56 30.40 15.75 -7.13
N ARG E 57 29.13 15.60 -6.77
CA ARG E 57 28.04 16.30 -7.42
C ARG E 57 26.84 16.24 -6.51
N LYS E 58 26.24 17.39 -6.22
CA LYS E 58 25.03 17.44 -5.42
C LYS E 58 23.88 17.92 -6.28
N TYR E 59 22.76 17.24 -6.19
CA TYR E 59 21.54 17.61 -6.89
C TYR E 59 20.62 18.36 -5.94
N CYS E 60 19.57 18.96 -6.49
CA CYS E 60 18.55 19.59 -5.67
C CYS E 60 17.24 18.85 -5.86
N ILE E 61 16.49 18.71 -4.77
CA ILE E 61 15.26 17.97 -4.78
C ILE E 61 14.06 18.90 -4.78
N GLU E 62 14.04 19.86 -3.87
CA GLU E 62 12.96 20.83 -3.76
C GLU E 62 13.57 22.22 -3.80
N ALA E 63 13.12 23.06 -4.73
CA ALA E 63 13.61 24.43 -4.84
C ALA E 63 12.46 25.41 -4.66
N LYS E 64 12.76 26.69 -4.83
CA LYS E 64 11.77 27.75 -4.75
C LYS E 64 12.24 28.89 -5.63
N LEU E 65 11.29 29.74 -6.02
CA LEU E 65 11.56 30.84 -6.93
C LEU E 65 11.19 32.17 -6.30
N THR E 66 12.07 33.15 -6.43
CA THR E 66 11.86 34.47 -5.86
C THR E 66 12.31 35.46 -6.93
N ASN E 67 11.91 36.73 -6.76
CA ASN E 67 12.37 37.87 -7.57
C ASN E 67 12.00 37.71 -9.04
N THR E 68 10.72 37.49 -9.31
CA THR E 68 10.28 37.30 -10.68
C THR E 68 10.23 38.63 -11.41
N THR E 69 10.98 38.74 -12.50
CA THR E 69 11.02 39.93 -13.34
C THR E 69 10.64 39.57 -14.76
N THR E 70 10.36 40.60 -15.56
CA THR E 70 10.03 40.41 -16.96
C THR E 70 10.39 41.67 -17.74
N ASP E 71 10.48 41.52 -19.06
CA ASP E 71 10.81 42.65 -19.91
C ASP E 71 10.25 42.36 -21.30
N SER E 72 9.37 43.24 -21.78
CA SER E 72 8.69 43.06 -23.05
C SER E 72 9.17 44.11 -24.04
N ARG E 73 8.98 43.82 -25.32
CA ARG E 73 9.42 44.74 -26.37
C ARG E 73 8.49 44.57 -27.56
N CYS E 74 8.37 45.65 -28.35
CA CYS E 74 7.65 45.82 -29.61
C CYS E 74 7.97 44.72 -30.62
N PRO E 75 7.12 44.48 -31.63
CA PRO E 75 7.31 43.29 -32.49
C PRO E 75 8.57 43.28 -33.32
N THR E 76 8.86 44.35 -34.07
CA THR E 76 10.02 44.38 -34.96
C THR E 76 11.19 45.12 -34.35
N GLN E 77 11.38 45.02 -33.03
CA GLN E 77 12.52 45.65 -32.37
C GLN E 77 13.45 44.64 -31.71
N GLY E 78 13.32 43.36 -32.04
CA GLY E 78 14.23 42.35 -31.56
C GLY E 78 13.93 41.92 -30.13
N GLU E 79 14.77 41.02 -29.65
CA GLU E 79 14.56 40.40 -28.35
C GLU E 79 14.92 41.35 -27.22
N PRO E 80 14.29 41.21 -26.06
CA PRO E 80 14.66 42.02 -24.90
C PRO E 80 15.93 41.50 -24.27
N SER E 81 16.36 42.17 -23.21
CA SER E 81 17.54 41.76 -22.48
C SER E 81 17.43 42.28 -21.05
N LEU E 82 17.86 41.46 -20.10
CA LEU E 82 17.90 41.86 -18.70
C LEU E 82 19.28 41.62 -18.15
N ASN E 83 19.64 42.40 -17.12
CA ASN E 83 20.87 42.12 -16.39
C ASN E 83 20.74 40.88 -15.52
N GLU E 84 19.52 40.43 -15.23
CA GLU E 84 19.31 39.16 -14.57
C GLU E 84 19.49 37.97 -15.50
N GLU E 85 19.60 38.20 -16.81
CA GLU E 85 19.66 37.08 -17.73
C GLU E 85 21.03 36.40 -17.72
N GLN E 86 22.10 37.16 -17.52
CA GLN E 86 23.43 36.60 -17.46
C GLN E 86 23.91 36.41 -16.02
N ASP E 87 23.05 36.67 -15.04
CA ASP E 87 23.26 36.18 -13.68
C ASP E 87 22.87 34.72 -13.65
N LYS E 88 23.81 33.85 -13.25
CA LYS E 88 23.61 32.42 -13.38
C LYS E 88 22.65 31.84 -12.35
N ARG E 89 22.28 32.60 -11.33
CA ARG E 89 21.30 32.13 -10.36
C ARG E 89 19.88 32.54 -10.72
N PHE E 90 19.63 32.92 -11.97
CA PHE E 90 18.31 33.19 -12.50
C PHE E 90 18.04 32.25 -13.67
N VAL E 91 16.79 31.84 -13.82
CA VAL E 91 16.38 30.96 -14.91
C VAL E 91 15.58 31.78 -15.91
N CYS E 92 15.89 31.61 -17.20
CA CYS E 92 15.41 32.48 -18.26
C CYS E 92 14.92 31.67 -19.44
N LYS E 93 13.97 32.23 -20.19
CA LYS E 93 13.58 31.68 -21.48
C LYS E 93 12.91 32.77 -22.30
N HIS E 94 13.12 32.71 -23.62
CA HIS E 94 12.61 33.68 -24.57
C HIS E 94 11.37 33.11 -25.24
N SER E 95 10.23 33.75 -25.00
CA SER E 95 9.02 33.46 -25.77
C SER E 95 8.50 34.77 -26.33
N MET E 96 7.28 34.78 -26.87
CA MET E 96 6.74 36.03 -27.40
C MET E 96 5.23 36.09 -27.21
N VAL E 97 4.75 37.29 -26.92
CA VAL E 97 3.34 37.56 -26.77
C VAL E 97 2.91 38.42 -27.96
N ASP E 98 1.60 38.53 -28.16
CA ASP E 98 1.08 39.36 -29.24
C ASP E 98 0.74 40.75 -28.73
N ARG E 99 1.07 41.76 -29.54
CA ARG E 99 1.01 43.15 -29.12
C ARG E 99 0.16 43.94 -30.09
N GLY E 100 -0.26 45.11 -29.66
CA GLY E 100 -1.08 45.95 -30.50
C GLY E 100 -1.25 47.33 -29.91
N TRP E 101 -2.29 48.04 -30.39
CA TRP E 101 -2.53 49.38 -29.89
C TRP E 101 -3.13 49.37 -28.49
N GLY E 102 -3.74 48.26 -28.09
CA GLY E 102 -4.26 48.13 -26.75
C GLY E 102 -3.23 47.75 -25.71
N ASN E 103 -2.00 47.52 -26.13
CA ASN E 103 -0.88 47.29 -25.22
C ASN E 103 0.09 48.46 -25.26
N GLY E 104 -0.31 49.59 -25.84
CA GLY E 104 0.54 50.76 -25.93
C GLY E 104 1.73 50.59 -26.82
N CYS E 105 1.63 49.77 -27.86
CA CYS E 105 2.79 49.30 -28.58
C CYS E 105 2.86 49.79 -30.02
N GLY E 106 1.84 49.52 -30.82
CA GLY E 106 1.92 49.74 -32.25
C GLY E 106 2.31 48.47 -33.00
N LEU E 107 2.11 48.56 -34.32
CA LEU E 107 2.58 47.65 -35.37
C LEU E 107 1.86 46.29 -35.42
N PHE E 108 1.07 45.95 -34.39
CA PHE E 108 0.21 44.76 -34.33
C PHE E 108 0.93 43.47 -34.69
N GLY E 109 1.88 43.09 -33.86
CA GLY E 109 2.61 41.87 -34.11
C GLY E 109 2.92 41.06 -32.87
N LYS E 110 3.86 40.13 -32.97
CA LYS E 110 4.19 39.22 -31.88
C LYS E 110 5.49 39.69 -31.25
N GLY E 111 5.38 40.49 -30.18
CA GLY E 111 6.55 41.05 -29.55
C GLY E 111 7.21 40.10 -28.58
N GLY E 112 8.54 40.14 -28.52
CA GLY E 112 9.29 39.24 -27.68
C GLY E 112 9.13 39.55 -26.20
N ILE E 113 9.48 38.57 -25.37
CA ILE E 113 9.33 38.69 -23.92
C ILE E 113 10.35 37.77 -23.28
N VAL E 114 10.80 38.14 -22.07
CA VAL E 114 11.61 37.29 -21.22
C VAL E 114 10.91 37.21 -19.86
N THR E 115 11.31 36.21 -19.08
CA THR E 115 10.91 36.14 -17.68
C THR E 115 12.04 35.50 -16.89
N CYS E 116 12.41 36.12 -15.78
CA CYS E 116 13.55 35.68 -14.98
C CYS E 116 13.10 35.49 -13.55
N ALA E 117 13.65 34.48 -12.88
CA ALA E 117 13.23 34.16 -11.52
C ALA E 117 14.37 33.48 -10.79
N MET E 118 14.65 33.92 -9.57
CA MET E 118 15.85 33.50 -8.86
C MET E 118 15.68 32.09 -8.30
N PHE E 119 16.47 31.16 -8.80
CA PHE E 119 16.38 29.75 -8.41
C PHE E 119 17.06 29.57 -7.06
N THR E 120 16.31 29.15 -6.05
CA THR E 120 16.82 29.02 -4.69
C THR E 120 16.53 27.61 -4.18
N CYS E 121 17.59 26.83 -3.98
CA CYS E 121 17.44 25.47 -3.49
C CYS E 121 17.17 25.43 -1.99
N LYS E 122 16.45 24.39 -1.56
CA LYS E 122 16.26 24.16 -0.15
C LYS E 122 16.26 22.70 0.28
N LYS E 123 16.49 21.75 -0.63
CA LYS E 123 16.75 20.35 -0.29
C LYS E 123 17.77 19.78 -1.25
N ASN E 124 18.71 19.00 -0.72
CA ASN E 124 19.84 18.49 -1.50
C ASN E 124 19.88 16.98 -1.51
N MET E 125 20.38 16.43 -2.61
CA MET E 125 20.70 15.01 -2.75
C MET E 125 22.16 14.95 -3.14
N LYS E 126 23.04 14.93 -2.15
CA LYS E 126 24.47 14.86 -2.42
C LYS E 126 24.91 13.41 -2.56
N GLY E 127 25.86 13.20 -3.45
CA GLY E 127 26.40 11.87 -3.68
C GLY E 127 27.88 11.80 -3.41
N LYS E 128 28.29 11.07 -2.39
CA LYS E 128 29.69 10.95 -2.04
C LYS E 128 30.35 9.86 -2.87
N VAL E 129 31.67 9.90 -2.94
CA VAL E 129 32.44 8.93 -3.71
C VAL E 129 33.64 8.49 -2.87
N VAL E 130 34.05 7.22 -3.06
CA VAL E 130 35.22 6.68 -2.39
C VAL E 130 36.10 5.98 -3.42
N GLN E 131 37.40 6.26 -3.36
CA GLN E 131 38.38 5.50 -4.13
C GLN E 131 38.55 4.11 -3.51
N PRO E 132 39.01 3.12 -4.29
CA PRO E 132 39.05 1.74 -3.77
C PRO E 132 40.06 1.47 -2.65
N GLU E 133 40.91 2.41 -2.26
CA GLU E 133 41.65 2.24 -1.02
C GLU E 133 40.77 2.75 0.12
N ASN E 134 41.33 2.81 1.33
CA ASN E 134 40.68 3.15 2.63
C ASN E 134 39.23 2.65 2.75
N LEU E 135 39.05 1.39 2.35
CA LEU E 135 37.77 0.71 2.30
C LEU E 135 37.92 -0.53 3.17
N GLU E 136 37.48 -0.43 4.41
CA GLU E 136 37.91 -1.30 5.51
C GLU E 136 36.83 -2.33 5.81
N TYR E 137 37.08 -3.57 5.42
CA TYR E 137 36.18 -4.68 5.70
C TYR E 137 36.30 -5.13 7.15
N THR E 138 35.39 -6.01 7.56
CA THR E 138 35.48 -6.67 8.87
C THR E 138 34.89 -8.06 8.76
N ILE E 139 35.70 -9.08 9.06
CA ILE E 139 35.30 -10.47 8.93
C ILE E 139 35.48 -11.14 10.29
N VAL E 140 34.51 -11.95 10.72
CA VAL E 140 34.63 -12.70 11.97
C VAL E 140 35.07 -14.12 11.67
N ILE E 141 35.81 -14.69 12.61
CA ILE E 141 36.33 -16.05 12.51
C ILE E 141 35.82 -16.82 13.70
N THR E 142 35.13 -17.93 13.46
CA THR E 142 34.69 -18.72 14.60
C THR E 142 34.69 -20.21 14.32
N PRO E 143 35.23 -21.02 15.24
CA PRO E 143 35.28 -22.47 15.03
C PRO E 143 34.09 -23.19 15.63
N HIS E 144 33.84 -24.40 15.13
CA HIS E 144 32.86 -25.28 15.76
C HIS E 144 33.50 -25.91 16.99
N SER E 145 33.56 -25.13 18.05
CA SER E 145 33.83 -25.68 19.36
C SER E 145 32.52 -26.10 20.01
N GLY E 146 32.56 -27.21 20.74
CA GLY E 146 31.42 -27.51 21.56
C GLY E 146 31.39 -26.53 22.70
N GLU E 147 30.48 -25.56 22.63
CA GLU E 147 30.46 -24.50 23.62
C GLU E 147 29.05 -23.94 23.64
N GLU E 148 28.48 -23.80 24.84
CA GLU E 148 27.11 -23.35 24.95
C GLU E 148 26.99 -21.87 24.60
N HIS E 149 25.81 -21.50 24.11
CA HIS E 149 25.50 -20.17 23.59
C HIS E 149 26.46 -19.79 22.45
N ALA E 150 26.63 -20.71 21.52
CA ALA E 150 27.45 -20.44 20.35
C ALA E 150 26.79 -20.84 19.04
N VAL E 151 25.63 -21.50 19.07
CA VAL E 151 25.07 -22.11 17.87
C VAL E 151 24.55 -21.06 16.88
N GLY E 152 23.69 -20.15 17.34
CA GLY E 152 23.10 -19.21 16.43
C GLY E 152 23.24 -17.76 16.83
N ASN E 153 23.80 -17.50 18.01
CA ASN E 153 23.90 -16.12 18.48
C ASN E 153 25.08 -15.44 17.79
N ASP E 154 24.77 -14.42 17.01
CA ASP E 154 25.78 -13.62 16.34
C ASP E 154 26.24 -12.45 17.21
N THR E 155 26.64 -12.78 18.44
CA THR E 155 27.12 -11.83 19.43
C THR E 155 28.22 -12.50 20.26
N GLY E 156 28.96 -11.68 21.00
CA GLY E 156 29.74 -12.17 22.12
C GLY E 156 31.21 -12.37 21.83
N LYS E 157 31.85 -13.01 22.81
CA LYS E 157 33.29 -13.30 22.87
C LYS E 157 33.65 -14.57 22.08
N HIS E 158 32.73 -15.07 21.26
CA HIS E 158 32.82 -16.43 20.73
C HIS E 158 33.54 -16.49 19.39
N GLY E 159 34.49 -15.59 19.15
CA GLY E 159 35.26 -15.61 17.93
C GLY E 159 36.07 -14.34 17.70
N LYS E 160 37.20 -14.46 17.01
CA LYS E 160 38.04 -13.31 16.72
C LYS E 160 37.63 -12.69 15.40
N GLU E 161 37.53 -11.36 15.37
CA GLU E 161 37.18 -10.64 14.17
C GLU E 161 38.42 -10.00 13.54
N ILE E 162 38.50 -10.06 12.22
CA ILE E 162 39.64 -9.53 11.48
C ILE E 162 39.15 -8.49 10.49
N LYS E 163 40.09 -7.69 10.00
CA LYS E 163 39.79 -6.52 9.18
C LYS E 163 40.62 -6.58 7.92
N ILE E 164 39.97 -6.36 6.77
CA ILE E 164 40.63 -6.35 5.47
C ILE E 164 40.63 -4.91 4.95
N THR E 165 41.81 -4.43 4.57
CA THR E 165 42.06 -3.14 3.97
C THR E 165 42.93 -3.42 2.75
N PRO E 166 42.65 -2.79 1.60
CA PRO E 166 43.32 -3.23 0.35
C PRO E 166 44.81 -2.93 0.25
N GLN E 167 45.43 -2.25 1.22
CA GLN E 167 46.88 -2.17 1.22
C GLN E 167 47.52 -3.11 2.22
N SER E 168 46.74 -3.71 3.13
CA SER E 168 47.24 -4.69 4.09
C SER E 168 46.15 -5.74 4.25
N SER E 169 46.25 -6.80 3.46
CA SER E 169 45.15 -7.74 3.22
C SER E 169 45.59 -9.17 3.48
N ILE E 170 46.23 -9.42 4.63
CA ILE E 170 46.66 -10.77 4.97
C ILE E 170 46.02 -11.18 6.29
N THR E 171 46.32 -10.44 7.37
CA THR E 171 45.79 -10.56 8.74
C THR E 171 45.67 -11.98 9.27
N GLU E 172 46.82 -12.60 9.53
CA GLU E 172 46.90 -13.80 10.36
C GLU E 172 46.12 -13.65 11.66
N ALA E 173 45.30 -14.64 11.98
CA ALA E 173 44.32 -14.56 13.05
C ALA E 173 44.55 -15.67 14.07
N GLU E 174 44.83 -15.28 15.30
CA GLU E 174 45.20 -16.22 16.36
C GLU E 174 43.96 -16.60 17.16
N LEU E 175 43.73 -17.90 17.33
CA LEU E 175 42.60 -18.41 18.07
C LEU E 175 43.09 -19.06 19.36
N THR E 176 42.17 -19.22 20.32
CA THR E 176 42.50 -19.92 21.54
C THR E 176 42.46 -21.42 21.28
N GLY E 177 43.58 -22.09 21.54
CA GLY E 177 43.77 -23.40 20.95
C GLY E 177 43.91 -23.22 19.46
N TYR E 178 43.58 -24.27 18.72
CA TYR E 178 43.18 -24.19 17.32
C TYR E 178 44.22 -23.67 16.32
N GLY E 179 45.42 -23.30 16.78
CA GLY E 179 46.39 -22.72 15.88
C GLY E 179 46.00 -21.31 15.45
N THR E 180 46.58 -20.88 14.33
CA THR E 180 46.25 -19.62 13.69
C THR E 180 45.77 -19.89 12.27
N VAL E 181 45.41 -18.82 11.57
CA VAL E 181 44.92 -18.92 10.20
C VAL E 181 45.17 -17.61 9.45
N THR E 182 45.68 -17.71 8.22
CA THR E 182 45.91 -16.55 7.37
C THR E 182 44.87 -16.54 6.27
N MET E 183 44.42 -15.35 5.88
CA MET E 183 43.38 -15.20 4.86
C MET E 183 43.86 -14.19 3.83
N GLU E 184 44.41 -14.70 2.73
CA GLU E 184 44.93 -13.86 1.64
C GLU E 184 43.75 -13.36 0.82
N CYS E 185 43.08 -12.33 1.32
CA CYS E 185 41.94 -11.75 0.64
C CYS E 185 42.42 -10.82 -0.47
N SER E 186 41.57 -10.67 -1.49
CA SER E 186 41.84 -9.75 -2.60
C SER E 186 40.65 -8.82 -2.75
N PRO E 187 40.66 -7.66 -2.08
CA PRO E 187 39.52 -6.75 -2.17
C PRO E 187 39.59 -5.77 -3.34
N ARG E 188 40.45 -6.03 -4.31
CA ARG E 188 40.47 -5.20 -5.52
C ARG E 188 39.55 -5.73 -6.60
N THR E 189 39.45 -7.06 -6.73
CA THR E 189 38.58 -7.68 -7.71
C THR E 189 37.17 -7.92 -7.19
N GLY E 190 36.76 -7.19 -6.16
CA GLY E 190 35.45 -7.38 -5.56
C GLY E 190 34.39 -6.52 -6.19
N LEU E 191 33.82 -5.61 -5.40
CA LEU E 191 32.66 -4.84 -5.82
C LEU E 191 33.01 -3.74 -6.83
N ASP E 192 34.30 -3.51 -7.08
CA ASP E 192 34.82 -2.71 -8.20
C ASP E 192 34.33 -1.26 -8.15
N PHE E 193 34.89 -0.52 -7.20
CA PHE E 193 34.60 0.90 -7.10
C PHE E 193 35.31 1.66 -8.24
N ASN E 194 35.23 3.00 -8.17
CA ASN E 194 35.44 4.03 -9.19
C ASN E 194 34.28 4.06 -10.18
N GLU E 195 33.31 3.18 -9.98
CA GLU E 195 32.02 3.19 -10.66
C GLU E 195 30.92 3.05 -9.64
N MET E 196 30.96 3.89 -8.61
CA MET E 196 29.92 3.91 -7.59
C MET E 196 29.74 5.35 -7.12
N VAL E 197 28.53 5.65 -6.64
CA VAL E 197 28.25 6.88 -5.93
C VAL E 197 27.47 6.53 -4.66
N LEU E 198 28.02 6.91 -3.52
CA LEU E 198 27.36 6.69 -2.23
C LEU E 198 26.37 7.83 -1.94
N LEU E 199 25.27 7.82 -2.69
CA LEU E 199 24.23 8.83 -2.66
C LEU E 199 23.58 8.98 -1.29
N GLN E 200 23.02 10.14 -0.99
CA GLN E 200 22.43 10.36 0.32
C GLN E 200 21.22 11.28 0.20
N MET E 201 20.07 10.81 0.65
CA MET E 201 18.84 11.59 0.77
C MET E 201 18.86 12.24 2.16
N GLU E 202 17.70 12.68 2.66
CA GLU E 202 17.59 13.28 3.99
C GLU E 202 18.20 12.40 5.09
N ASN E 203 17.72 11.16 5.22
CA ASN E 203 18.30 10.24 6.19
C ASN E 203 18.45 8.84 5.64
N LYS E 204 18.60 8.71 4.33
CA LYS E 204 18.75 7.42 3.67
C LYS E 204 20.01 7.46 2.82
N ALA E 205 20.36 6.32 2.22
CA ALA E 205 21.60 6.21 1.47
C ALA E 205 21.54 4.99 0.57
N TRP E 206 21.93 5.16 -0.69
CA TRP E 206 21.95 4.07 -1.65
C TRP E 206 23.38 3.84 -2.14
N LEU E 207 23.52 2.86 -3.03
CA LEU E 207 24.79 2.52 -3.68
C LEU E 207 24.48 2.36 -5.17
N VAL E 208 24.63 3.45 -5.92
CA VAL E 208 24.37 3.45 -7.35
C VAL E 208 25.69 3.72 -8.06
N HIS E 209 25.75 3.36 -9.34
CA HIS E 209 26.99 3.57 -10.07
C HIS E 209 26.97 4.94 -10.73
N ARG E 210 28.16 5.44 -11.05
CA ARG E 210 28.29 6.87 -11.28
C ARG E 210 27.72 7.32 -12.61
N GLN E 211 27.73 6.47 -13.63
CA GLN E 211 27.19 6.89 -14.93
C GLN E 211 25.68 7.03 -14.87
N TRP E 212 25.02 6.27 -14.02
CA TRP E 212 23.61 6.54 -13.77
C TRP E 212 23.43 7.81 -12.95
N PHE E 213 24.34 8.08 -12.02
CA PHE E 213 24.21 9.22 -11.12
C PHE E 213 24.43 10.53 -11.85
N LEU E 214 25.32 10.56 -12.84
CA LEU E 214 25.66 11.81 -13.49
C LEU E 214 24.63 12.24 -14.52
N ASP E 215 23.75 11.35 -14.93
CA ASP E 215 22.79 11.63 -16.01
C ASP E 215 21.39 11.86 -15.49
N LEU E 216 21.21 12.12 -14.20
CA LEU E 216 19.89 12.35 -13.64
C LEU E 216 19.36 13.71 -14.09
N PRO E 217 18.20 13.77 -14.76
CA PRO E 217 17.67 15.09 -15.13
C PRO E 217 17.13 15.84 -13.92
N LEU E 218 17.96 16.75 -13.41
CA LEU E 218 17.73 17.41 -12.13
C LEU E 218 18.82 18.47 -12.03
N PRO E 219 18.59 19.61 -11.38
CA PRO E 219 19.61 20.67 -11.35
C PRO E 219 20.74 20.32 -10.40
N TRP E 220 21.95 20.22 -10.92
CA TRP E 220 23.10 19.82 -10.13
C TRP E 220 24.05 21.00 -9.91
N LEU E 221 25.08 20.73 -9.11
CA LEU E 221 26.05 21.71 -8.72
C LEU E 221 27.33 20.91 -8.49
N PRO E 222 28.50 21.45 -8.83
CA PRO E 222 29.75 20.73 -8.53
C PRO E 222 29.93 20.55 -7.03
N GLY E 223 30.47 19.39 -6.67
CA GLY E 223 30.41 18.88 -5.32
C GLY E 223 31.04 19.70 -4.22
N ALA E 224 32.35 19.81 -4.22
CA ALA E 224 33.05 20.48 -3.13
C ALA E 224 33.01 21.98 -3.37
N ASP E 225 32.06 22.66 -2.73
CA ASP E 225 31.98 24.11 -2.86
C ASP E 225 31.30 24.72 -1.64
N THR E 226 31.45 26.04 -1.55
CA THR E 226 30.67 26.93 -0.69
C THR E 226 29.32 27.21 -1.36
N GLN E 227 28.71 28.35 -1.01
CA GLN E 227 27.44 28.90 -1.53
C GLN E 227 27.12 28.56 -2.98
N GLY E 228 25.91 28.10 -3.24
CA GLY E 228 25.66 27.49 -4.52
C GLY E 228 25.58 28.42 -5.71
N SER E 229 24.45 29.09 -5.88
CA SER E 229 24.20 30.17 -6.85
C SER E 229 24.58 29.89 -8.30
N ASN E 230 24.90 28.64 -8.65
CA ASN E 230 25.32 28.32 -10.01
C ASN E 230 24.80 26.93 -10.38
N TRP E 231 23.52 26.67 -10.09
CA TRP E 231 22.92 25.39 -10.47
C TRP E 231 22.86 25.28 -11.98
N ILE E 232 23.14 24.08 -12.50
CA ILE E 232 23.54 23.97 -13.89
C ILE E 232 22.36 23.79 -14.83
N GLN E 233 21.64 22.67 -14.71
CA GLN E 233 20.47 22.46 -15.55
C GLN E 233 19.21 22.76 -14.72
N LYS E 234 18.97 24.06 -14.55
CA LYS E 234 17.83 24.55 -13.80
C LYS E 234 16.51 24.36 -14.53
N GLU E 235 16.54 24.00 -15.81
CA GLU E 235 15.34 23.89 -16.63
C GLU E 235 14.54 22.63 -16.35
N THR E 236 15.06 21.70 -15.56
CA THR E 236 14.38 20.45 -15.27
C THR E 236 13.58 20.50 -13.98
N LEU E 237 13.58 21.63 -13.28
CA LEU E 237 12.77 21.72 -12.08
C LEU E 237 12.05 23.08 -12.05
N VAL E 238 11.95 23.76 -13.20
CA VAL E 238 10.99 24.83 -13.41
C VAL E 238 10.29 24.55 -14.73
N THR E 239 9.10 25.11 -14.88
CA THR E 239 8.37 25.05 -16.14
C THR E 239 7.73 26.41 -16.40
N PHE E 240 7.74 26.82 -17.66
CA PHE E 240 7.31 28.17 -18.02
C PHE E 240 6.03 28.05 -18.83
N LYS E 241 4.98 28.72 -18.37
CA LYS E 241 3.64 28.56 -18.91
C LYS E 241 3.31 29.76 -19.77
N ASN E 242 2.98 29.53 -21.04
CA ASN E 242 2.61 30.61 -21.96
C ASN E 242 1.20 30.34 -22.48
N PRO E 243 0.17 30.64 -21.70
CA PRO E 243 -1.20 30.38 -22.16
C PRO E 243 -1.70 31.49 -23.07
N HIS E 244 -2.45 31.09 -24.10
CA HIS E 244 -3.27 31.95 -24.96
C HIS E 244 -2.46 32.94 -25.78
N ALA E 245 -1.13 32.77 -25.87
CA ALA E 245 -0.16 33.71 -26.42
C ALA E 245 -0.19 35.09 -25.74
N LYS E 246 -0.75 35.16 -24.54
CA LYS E 246 -0.67 36.32 -23.66
C LYS E 246 0.54 36.11 -22.73
N LYS E 247 0.57 36.83 -21.60
CA LYS E 247 1.71 36.84 -20.68
C LYS E 247 2.13 35.44 -20.23
N GLN E 248 3.40 35.31 -19.88
CA GLN E 248 3.91 34.06 -19.36
C GLN E 248 4.35 34.23 -17.90
N ASP E 249 4.34 33.13 -17.17
CA ASP E 249 4.69 33.14 -15.77
C ASP E 249 5.56 31.92 -15.47
N VAL E 250 6.30 32.01 -14.37
CA VAL E 250 7.32 31.03 -14.00
C VAL E 250 6.92 30.41 -12.67
N VAL E 251 6.79 29.09 -12.66
CA VAL E 251 6.37 28.35 -11.47
C VAL E 251 7.43 27.30 -11.13
N VAL E 252 7.64 27.09 -9.83
CA VAL E 252 8.49 26.01 -9.37
C VAL E 252 7.76 24.69 -9.53
N LEU E 253 8.53 23.60 -9.60
CA LEU E 253 7.96 22.33 -10.00
C LEU E 253 7.65 21.40 -8.83
N GLY E 254 8.27 21.62 -7.67
CA GLY E 254 7.92 20.88 -6.47
C GLY E 254 8.97 19.84 -6.10
N SER E 255 8.75 19.24 -4.93
CA SER E 255 9.71 18.30 -4.34
C SER E 255 9.79 17.02 -5.14
N GLN E 256 10.99 16.72 -5.65
CA GLN E 256 11.26 15.53 -6.45
C GLN E 256 11.72 14.35 -5.61
N GLU E 257 11.27 14.26 -4.36
CA GLU E 257 11.81 13.24 -3.46
C GLU E 257 11.17 11.88 -3.70
N GLY E 258 9.84 11.83 -3.80
CA GLY E 258 9.18 10.57 -4.06
C GLY E 258 9.45 10.02 -5.44
N ALA E 259 9.59 10.92 -6.42
CA ALA E 259 10.02 10.50 -7.76
C ALA E 259 11.41 9.89 -7.75
N MET E 260 12.27 10.40 -6.89
CA MET E 260 13.59 9.82 -6.75
C MET E 260 13.55 8.52 -5.97
N HIS E 261 12.63 8.39 -5.01
CA HIS E 261 12.46 7.11 -4.32
C HIS E 261 11.93 6.03 -5.24
N THR E 262 11.17 6.40 -6.27
CA THR E 262 10.84 5.42 -7.30
C THR E 262 11.88 5.37 -8.40
N ALA E 263 12.88 6.25 -8.38
CA ALA E 263 13.98 6.17 -9.33
C ALA E 263 15.07 5.22 -8.89
N LEU E 264 15.08 4.83 -7.62
CA LEU E 264 16.10 3.97 -7.05
C LEU E 264 15.63 2.52 -6.95
N THR E 265 14.76 2.10 -7.86
CA THR E 265 14.23 0.74 -7.85
C THR E 265 15.30 -0.18 -8.42
N GLY E 266 16.06 -0.82 -7.54
CA GLY E 266 17.17 -1.64 -7.99
C GLY E 266 18.48 -1.08 -7.52
N ALA E 267 18.45 -0.39 -6.38
CA ALA E 267 19.64 0.22 -5.80
C ALA E 267 19.74 -0.22 -4.37
N THR E 268 20.83 -0.93 -4.03
CA THR E 268 20.94 -1.56 -2.74
C THR E 268 21.23 -0.52 -1.67
N GLU E 269 20.35 -0.44 -0.68
CA GLU E 269 20.46 0.57 0.36
C GLU E 269 21.63 0.29 1.28
N ILE E 270 22.37 1.34 1.60
CA ILE E 270 23.44 1.30 2.60
C ILE E 270 23.04 2.29 3.68
N GLN E 271 23.87 2.47 4.69
CA GLN E 271 23.56 3.48 5.70
C GLN E 271 24.78 4.33 5.98
N MET E 272 24.56 5.64 6.12
CA MET E 272 25.65 6.55 6.43
C MET E 272 25.23 7.62 7.42
N SER E 273 24.26 7.34 8.27
CA SER E 273 23.89 8.28 9.32
C SER E 273 24.88 8.28 10.47
N SER E 274 25.69 7.23 10.61
CA SER E 274 26.79 7.22 11.58
C SER E 274 27.83 6.27 11.00
N GLY E 275 28.87 6.84 10.41
CA GLY E 275 29.77 6.06 9.59
C GLY E 275 29.34 6.11 8.14
N ASN E 276 29.80 5.12 7.37
CA ASN E 276 29.41 4.96 5.97
C ASN E 276 29.20 3.49 5.65
N LEU E 277 28.52 2.77 6.53
CA LEU E 277 28.55 1.32 6.54
C LEU E 277 27.75 0.75 5.37
N LEU E 278 28.41 -0.03 4.53
CA LEU E 278 27.75 -0.81 3.51
C LEU E 278 27.41 -2.18 4.07
N PHE E 279 26.32 -2.76 3.61
CA PHE E 279 25.94 -4.12 3.99
C PHE E 279 25.52 -4.92 2.76
N THR E 280 26.34 -4.83 1.72
CA THR E 280 26.19 -5.65 0.54
C THR E 280 27.56 -5.85 -0.08
N GLY E 281 27.66 -6.84 -0.95
CA GLY E 281 28.90 -7.10 -1.66
C GLY E 281 29.53 -8.42 -1.23
N HIS E 282 30.72 -8.64 -1.76
CA HIS E 282 31.46 -9.87 -1.52
C HIS E 282 32.95 -9.57 -1.65
N LEU E 283 33.77 -10.50 -1.18
CA LEU E 283 35.19 -10.44 -1.47
C LEU E 283 35.71 -11.86 -1.61
N LYS E 284 36.46 -12.10 -2.67
CA LYS E 284 37.18 -13.35 -2.84
C LYS E 284 38.24 -13.48 -1.75
N CYS E 285 38.53 -14.71 -1.34
CA CYS E 285 39.48 -14.95 -0.28
C CYS E 285 40.16 -16.29 -0.47
N ARG E 286 41.47 -16.33 -0.26
CA ARG E 286 42.20 -17.58 -0.21
C ARG E 286 42.41 -17.93 1.26
N LEU E 287 41.57 -18.81 1.77
CA LEU E 287 41.70 -19.30 3.14
C LEU E 287 42.88 -20.25 3.20
N ARG E 288 43.97 -19.81 3.80
CA ARG E 288 45.19 -20.62 3.93
C ARG E 288 45.32 -21.04 5.40
N MET E 289 44.94 -22.28 5.68
CA MET E 289 45.00 -22.83 7.02
C MET E 289 46.11 -23.89 7.09
N ASP E 290 47.34 -23.41 7.25
CA ASP E 290 48.49 -24.30 7.36
C ASP E 290 48.64 -24.79 8.79
N LYS E 291 48.79 -23.86 9.73
CA LYS E 291 49.07 -24.15 11.12
C LYS E 291 47.80 -24.07 11.95
N LEU E 292 46.87 -24.97 11.66
CA LEU E 292 45.56 -24.97 12.30
C LEU E 292 45.42 -26.26 13.11
N GLN E 293 45.70 -26.18 14.41
CA GLN E 293 45.66 -27.33 15.30
C GLN E 293 44.22 -27.64 15.70
N LEU E 294 44.03 -28.77 16.40
CA LEU E 294 42.69 -29.28 16.68
C LEU E 294 42.14 -28.95 18.05
N LYS E 295 43.00 -28.72 19.06
CA LYS E 295 42.62 -28.40 20.43
C LYS E 295 41.73 -29.52 21.02
N GLY E 296 42.37 -30.64 21.30
CA GLY E 296 41.64 -31.74 21.88
C GLY E 296 42.13 -33.11 21.46
N MET E 297 43.05 -33.15 20.50
CA MET E 297 43.75 -34.39 20.22
C MET E 297 44.62 -34.78 21.41
N SER E 298 44.94 -36.08 21.48
CA SER E 298 45.65 -36.71 22.59
C SER E 298 44.92 -36.50 23.92
N TYR E 299 43.59 -36.56 23.87
CA TYR E 299 42.76 -36.66 25.06
C TYR E 299 42.19 -38.08 25.14
N SER E 300 42.01 -38.54 26.38
CA SER E 300 41.45 -39.87 26.59
C SER E 300 39.96 -39.85 26.33
N MET E 301 39.46 -40.95 25.77
CA MET E 301 38.04 -41.10 25.50
C MET E 301 37.27 -41.19 26.82
N CYS E 302 35.98 -40.83 26.77
CA CYS E 302 35.16 -40.72 27.97
C CYS E 302 34.92 -42.06 28.65
N THR E 303 34.33 -41.99 29.84
CA THR E 303 33.88 -43.15 30.59
C THR E 303 32.40 -43.44 30.37
N GLY E 304 31.55 -42.43 30.48
CA GLY E 304 30.16 -42.60 30.16
C GLY E 304 29.28 -41.63 30.94
N LYS E 305 27.98 -41.91 30.88
CA LYS E 305 26.91 -41.18 31.57
C LYS E 305 26.86 -39.71 31.12
N PHE E 306 26.47 -39.53 29.86
CA PHE E 306 26.11 -38.21 29.35
C PHE E 306 24.67 -37.87 29.74
N LYS E 307 24.23 -36.70 29.28
CA LYS E 307 22.89 -36.20 29.59
C LYS E 307 22.54 -35.12 28.58
N VAL E 308 21.45 -35.29 27.86
CA VAL E 308 20.98 -34.30 26.89
C VAL E 308 20.19 -33.22 27.60
N VAL E 309 20.55 -31.97 27.37
CA VAL E 309 19.84 -30.83 27.94
C VAL E 309 19.07 -30.02 26.90
N LYS E 310 19.23 -30.30 25.61
CA LYS E 310 18.44 -29.65 24.58
C LYS E 310 18.42 -30.57 23.37
N GLU E 311 17.25 -31.08 23.03
CA GLU E 311 17.14 -32.23 22.14
C GLU E 311 17.41 -31.86 20.69
N ILE E 312 17.47 -32.88 19.85
CA ILE E 312 17.83 -32.77 18.44
C ILE E 312 16.71 -32.05 17.68
N ALA E 313 17.05 -30.92 17.08
CA ALA E 313 16.26 -30.30 16.04
C ALA E 313 17.16 -30.05 14.85
N GLU E 314 16.67 -30.34 13.65
CA GLU E 314 17.47 -30.13 12.46
C GLU E 314 17.33 -28.69 12.00
N THR E 315 18.30 -28.27 11.20
CA THR E 315 18.32 -26.94 10.61
C THR E 315 17.66 -27.00 9.24
N GLN E 316 17.84 -25.96 8.43
CA GLN E 316 17.57 -26.10 7.01
C GLN E 316 18.59 -27.06 6.39
N HIS E 317 18.24 -27.56 5.19
CA HIS E 317 19.04 -28.41 4.29
C HIS E 317 19.62 -29.70 4.90
N GLY E 318 19.27 -30.01 6.14
CA GLY E 318 19.44 -31.32 6.73
C GLY E 318 20.74 -31.45 7.49
N THR E 319 20.68 -31.17 8.80
CA THR E 319 21.82 -31.23 9.71
C THR E 319 21.30 -31.07 11.14
N ILE E 320 21.60 -32.01 12.03
CA ILE E 320 21.03 -31.96 13.37
C ILE E 320 22.02 -31.30 14.34
N VAL E 321 21.49 -30.76 15.43
CA VAL E 321 22.27 -30.11 16.47
C VAL E 321 21.79 -30.66 17.82
N ILE E 322 22.56 -31.55 18.42
CA ILE E 322 22.30 -32.05 19.76
C ILE E 322 23.15 -31.26 20.74
N ARG E 323 22.67 -31.11 21.98
CA ARG E 323 23.47 -30.57 23.07
C ARG E 323 23.48 -31.55 24.24
N VAL E 324 24.66 -32.02 24.63
CA VAL E 324 24.80 -33.01 25.69
C VAL E 324 25.50 -32.37 26.88
N GLN E 325 25.59 -33.13 27.97
CA GLN E 325 26.33 -32.68 29.15
C GLN E 325 26.93 -33.88 29.84
N TYR E 326 28.26 -33.94 29.90
CA TYR E 326 28.94 -35.05 30.55
C TYR E 326 28.85 -34.91 32.07
N GLU E 327 28.73 -36.05 32.75
CA GLU E 327 29.04 -36.14 34.17
C GLU E 327 29.74 -37.47 34.40
N GLY E 328 30.75 -37.44 35.25
CA GLY E 328 31.59 -38.60 35.43
C GLY E 328 33.00 -38.18 35.81
N ASP E 329 33.97 -38.93 35.32
CA ASP E 329 35.35 -38.77 35.72
C ASP E 329 36.22 -38.56 34.50
N GLY E 330 37.40 -37.97 34.72
CA GLY E 330 38.31 -37.64 33.64
C GLY E 330 37.77 -36.51 32.79
N SER E 331 37.71 -35.30 33.36
CA SER E 331 36.93 -34.21 32.82
C SER E 331 37.43 -33.65 31.48
N PRO E 332 38.73 -33.51 31.20
CA PRO E 332 39.09 -33.25 29.79
C PRO E 332 39.13 -34.57 29.02
N CYS E 333 38.27 -34.68 28.00
CA CYS E 333 37.98 -35.97 27.38
C CYS E 333 37.25 -35.74 26.07
N LYS E 334 37.21 -36.80 25.25
CA LYS E 334 36.59 -36.76 23.92
C LYS E 334 35.22 -37.44 23.94
N ILE E 335 34.23 -36.77 23.40
CA ILE E 335 32.87 -37.33 23.36
C ILE E 335 32.80 -38.41 22.27
N PRO E 336 32.33 -39.62 22.60
CA PRO E 336 32.22 -40.72 21.60
C PRO E 336 30.98 -40.62 20.72
N PHE E 337 31.01 -39.71 19.75
CA PHE E 337 29.83 -39.36 18.99
C PHE E 337 29.84 -40.12 17.67
N GLU E 338 28.80 -40.90 17.42
CA GLU E 338 28.70 -41.71 16.20
C GLU E 338 27.29 -41.67 15.65
N ILE E 339 27.16 -41.33 14.37
CA ILE E 339 25.92 -41.47 13.62
C ILE E 339 26.02 -42.80 12.89
N MET E 340 25.15 -43.74 13.23
CA MET E 340 25.31 -45.08 12.69
C MET E 340 23.98 -45.81 12.69
N ASP E 341 24.00 -47.01 12.13
CA ASP E 341 22.81 -47.78 11.81
C ASP E 341 22.38 -48.59 13.04
N LEU E 342 21.35 -49.41 12.90
CA LEU E 342 21.00 -50.53 13.78
C LEU E 342 21.86 -51.75 13.47
N GLU E 343 21.35 -52.94 13.81
CA GLU E 343 21.99 -54.24 13.58
C GLU E 343 22.50 -54.46 12.15
N LYS E 344 23.36 -55.48 11.98
CA LYS E 344 24.40 -55.57 10.94
C LYS E 344 25.11 -54.23 10.82
N ARG E 345 25.81 -53.89 11.91
CA ARG E 345 26.14 -52.52 12.26
C ARG E 345 27.14 -51.90 11.30
N HIS E 346 26.79 -50.74 10.76
CA HIS E 346 27.67 -49.94 9.93
C HIS E 346 27.87 -48.59 10.61
N VAL E 347 28.53 -47.68 9.92
CA VAL E 347 28.64 -46.28 10.36
C VAL E 347 28.33 -45.38 9.17
N LEU E 348 27.32 -44.54 9.33
CA LEU E 348 26.83 -43.69 8.25
C LEU E 348 26.34 -42.38 8.82
N GLY E 349 26.94 -41.29 8.34
CA GLY E 349 26.68 -39.99 8.90
C GLY E 349 27.95 -39.24 9.24
N ARG E 350 28.07 -38.04 8.69
CA ARG E 350 29.25 -37.22 8.84
C ARG E 350 29.13 -36.32 10.06
N LEU E 351 30.18 -36.26 10.86
CA LEU E 351 30.24 -35.30 11.96
C LEU E 351 30.80 -33.98 11.44
N ILE E 352 30.22 -32.87 11.90
CA ILE E 352 30.65 -31.54 11.51
C ILE E 352 31.47 -30.87 12.61
N THR E 353 30.96 -30.83 13.83
CA THR E 353 31.79 -30.39 14.95
C THR E 353 32.80 -31.49 15.24
N VAL E 354 33.99 -31.39 14.64
CA VAL E 354 34.97 -32.46 14.71
C VAL E 354 35.63 -32.47 16.08
N ASN E 355 36.01 -33.68 16.53
CA ASN E 355 36.32 -34.18 17.87
C ASN E 355 35.78 -33.30 19.00
N PRO E 356 34.47 -33.37 19.26
CA PRO E 356 33.89 -32.54 20.33
C PRO E 356 34.37 -33.02 21.69
N ILE E 357 34.90 -32.09 22.48
CA ILE E 357 35.53 -32.43 23.74
C ILE E 357 34.75 -31.81 24.89
N VAL E 358 34.94 -32.37 26.07
CA VAL E 358 34.40 -31.81 27.31
C VAL E 358 35.52 -31.10 28.04
N THR E 359 35.31 -29.82 28.34
CA THR E 359 36.19 -29.07 29.22
C THR E 359 35.31 -28.45 30.29
N GLU E 360 35.74 -28.57 31.56
CA GLU E 360 35.00 -28.10 32.73
C GLU E 360 33.63 -28.76 32.77
N LYS E 361 33.62 -30.05 33.14
CA LYS E 361 32.52 -31.02 33.10
C LYS E 361 31.12 -30.46 33.35
N ASP E 362 30.98 -29.58 34.34
CA ASP E 362 29.70 -28.95 34.62
C ASP E 362 29.40 -27.77 33.70
N SER E 363 29.49 -27.99 32.38
CA SER E 363 29.15 -27.01 31.36
C SER E 363 28.83 -27.77 30.08
N PRO E 364 27.65 -27.57 29.49
CA PRO E 364 27.20 -28.42 28.39
C PRO E 364 27.97 -28.15 27.10
N VAL E 365 27.87 -29.14 26.21
CA VAL E 365 28.58 -29.16 24.94
C VAL E 365 27.57 -29.44 23.85
N ASN E 366 27.60 -28.65 22.79
CA ASN E 366 26.69 -28.79 21.66
C ASN E 366 27.42 -29.34 20.44
N ILE E 367 26.84 -30.37 19.83
CA ILE E 367 27.47 -31.18 18.79
C ILE E 367 26.60 -31.08 17.55
N GLU E 368 27.20 -31.25 16.38
CA GLU E 368 26.48 -31.07 15.13
C GLU E 368 26.98 -32.03 14.07
N ALA E 369 26.07 -32.71 13.38
CA ALA E 369 26.42 -33.75 12.43
C ALA E 369 25.35 -33.83 11.35
N GLU E 370 25.65 -34.57 10.29
CA GLU E 370 24.72 -34.70 9.16
C GLU E 370 24.21 -36.12 9.05
N PRO E 371 22.96 -36.39 9.39
CA PRO E 371 22.40 -37.73 9.21
C PRO E 371 22.10 -37.99 7.75
N PRO E 372 22.06 -39.25 7.31
CA PRO E 372 21.73 -39.54 5.92
C PRO E 372 20.25 -39.43 5.60
N PHE E 373 19.87 -39.82 4.38
CA PHE E 373 18.53 -39.54 3.88
C PHE E 373 17.44 -40.41 4.49
N GLY E 374 17.79 -41.48 5.18
CA GLY E 374 16.83 -42.29 5.88
C GLY E 374 16.76 -41.92 7.34
N ASP E 375 16.53 -42.93 8.19
CA ASP E 375 16.64 -42.77 9.62
C ASP E 375 17.98 -43.31 10.10
N SER E 376 18.61 -42.56 10.99
CA SER E 376 19.89 -42.94 11.56
C SER E 376 19.78 -42.85 13.07
N TYR E 377 20.85 -43.23 13.76
CA TYR E 377 20.83 -43.39 15.20
C TYR E 377 22.05 -42.72 15.79
N ILE E 378 21.87 -42.07 16.94
CA ILE E 378 22.86 -41.11 17.42
C ILE E 378 23.51 -41.65 18.68
N ILE E 379 24.63 -42.35 18.52
CA ILE E 379 25.30 -43.00 19.64
C ILE E 379 26.27 -42.02 20.28
N ILE E 380 26.18 -41.87 21.60
CA ILE E 380 26.96 -40.87 22.33
C ILE E 380 27.79 -41.48 23.46
N GLY E 381 27.16 -42.25 24.35
CA GLY E 381 27.89 -42.88 25.43
C GLY E 381 28.66 -44.12 24.99
N VAL E 382 29.15 -44.95 25.91
CA VAL E 382 29.71 -46.21 25.43
C VAL E 382 29.12 -47.48 26.03
N GLU E 383 29.55 -47.89 27.23
CA GLU E 383 29.00 -49.19 27.65
C GLU E 383 27.81 -49.04 28.61
N PRO E 384 27.89 -48.27 29.75
CA PRO E 384 26.64 -48.01 30.48
C PRO E 384 26.02 -46.68 30.10
N GLY E 385 24.70 -46.66 29.92
CA GLY E 385 24.03 -45.45 29.52
C GLY E 385 24.42 -44.94 28.16
N GLN E 386 24.58 -45.83 27.18
CA GLN E 386 24.93 -45.43 25.82
C GLN E 386 23.76 -44.65 25.25
N LEU E 387 23.92 -43.34 25.19
CA LEU E 387 22.82 -42.42 24.95
C LEU E 387 22.45 -42.48 23.48
N LYS E 388 21.59 -43.44 23.15
CA LYS E 388 21.20 -43.69 21.77
C LYS E 388 19.90 -42.96 21.46
N LEU E 389 19.88 -42.25 20.33
CA LEU E 389 18.76 -41.43 19.93
C LEU E 389 18.32 -41.81 18.53
N ASN E 390 17.08 -41.46 18.19
CA ASN E 390 16.56 -41.66 16.85
C ASN E 390 16.36 -40.30 16.18
N TRP E 391 16.62 -40.27 14.87
CA TRP E 391 16.31 -39.10 14.08
C TRP E 391 15.95 -39.55 12.67
N PHE E 392 14.89 -38.97 12.12
CA PHE E 392 14.47 -39.25 10.76
C PHE E 392 14.60 -37.99 9.92
N LYS E 393 14.98 -38.16 8.66
CA LYS E 393 15.27 -37.07 7.75
C LYS E 393 14.52 -37.30 6.44
N LYS E 394 13.92 -36.24 5.91
CA LYS E 394 13.03 -36.38 4.77
C LYS E 394 13.77 -36.17 3.46
N GLY E 395 13.39 -36.95 2.44
CA GLY E 395 13.89 -36.81 1.09
C GLY E 395 15.37 -37.08 0.93
N SER E 396 16.12 -36.04 0.56
CA SER E 396 17.57 -35.95 0.72
C SER E 396 18.35 -36.98 -0.09
N SER E 397 17.76 -37.49 -1.17
CA SER E 397 18.44 -38.48 -2.00
C SER E 397 18.75 -37.94 -3.39
N ILE E 398 17.74 -37.55 -4.15
CA ILE E 398 17.95 -36.87 -5.43
C ILE E 398 17.70 -35.37 -5.26
N GLY E 399 16.96 -34.97 -4.23
CA GLY E 399 16.71 -33.57 -3.99
C GLY E 399 17.95 -32.79 -3.62
N GLN E 400 18.92 -33.43 -2.96
CA GLN E 400 20.17 -32.76 -2.64
C GLN E 400 20.98 -32.45 -3.88
N MET E 401 20.91 -33.32 -4.89
CA MET E 401 21.67 -33.08 -6.11
C MET E 401 21.04 -31.97 -6.94
N ILE E 402 19.71 -31.92 -6.99
CA ILE E 402 19.08 -30.90 -7.82
C ILE E 402 19.04 -29.56 -7.10
N GLU E 403 18.93 -29.52 -5.78
CA GLU E 403 18.95 -28.21 -5.15
C GLU E 403 20.35 -27.72 -4.90
N THR E 404 21.34 -28.62 -4.84
CA THR E 404 22.73 -28.17 -4.89
C THR E 404 23.05 -27.65 -6.29
N THR E 405 22.47 -28.27 -7.33
CA THR E 405 22.59 -27.74 -8.68
C THR E 405 21.97 -26.36 -8.81
N MET E 406 20.79 -26.15 -8.20
CA MET E 406 20.12 -24.86 -8.32
C MET E 406 20.82 -23.79 -7.50
N ARG E 407 21.29 -24.13 -6.28
CA ARG E 407 21.93 -23.09 -5.49
C ARG E 407 23.34 -22.81 -5.97
N GLY E 408 23.97 -23.75 -6.68
CA GLY E 408 25.20 -23.42 -7.39
C GLY E 408 24.93 -22.59 -8.62
N ALA E 409 23.76 -22.80 -9.24
CA ALA E 409 23.40 -21.98 -10.41
C ALA E 409 23.11 -20.55 -10.00
N LYS E 410 22.42 -20.33 -8.88
CA LYS E 410 22.22 -18.96 -8.44
C LYS E 410 23.43 -18.40 -7.72
N ARG E 411 24.35 -19.24 -7.25
CA ARG E 411 25.66 -18.73 -6.84
C ARG E 411 26.44 -18.25 -8.05
N MET E 412 26.23 -18.89 -9.20
CA MET E 412 26.82 -18.44 -10.45
C MET E 412 26.09 -17.22 -11.01
N ALA E 413 24.83 -17.00 -10.62
CA ALA E 413 24.06 -15.88 -11.14
C ALA E 413 24.22 -14.61 -10.30
N ILE E 414 24.23 -14.72 -8.98
CA ILE E 414 24.42 -13.56 -8.12
C ILE E 414 25.83 -13.02 -8.24
N LEU E 415 26.81 -13.92 -8.22
CA LEU E 415 28.18 -13.58 -8.56
C LEU E 415 28.34 -13.64 -10.08
N GLY E 416 29.56 -13.46 -10.54
CA GLY E 416 29.82 -13.60 -11.96
C GLY E 416 30.83 -14.69 -12.25
N ASP E 417 31.98 -14.29 -12.79
CA ASP E 417 33.10 -15.21 -12.96
C ASP E 417 33.69 -15.63 -11.62
N THR E 418 33.48 -14.82 -10.58
CA THR E 418 34.05 -15.05 -9.26
C THR E 418 33.46 -16.29 -8.59
N ALA E 419 32.31 -16.78 -9.06
CA ALA E 419 31.72 -17.99 -8.51
C ALA E 419 32.57 -19.23 -8.79
N TRP E 420 33.47 -19.18 -9.77
CA TRP E 420 34.42 -20.27 -9.97
C TRP E 420 35.55 -20.24 -8.95
N ASP E 421 35.71 -19.14 -8.23
CA ASP E 421 36.70 -19.04 -7.16
C ASP E 421 36.15 -19.48 -5.82
N PHE E 422 35.11 -20.31 -5.83
CA PHE E 422 34.53 -20.88 -4.64
C PHE E 422 35.11 -22.27 -4.36
N GLY E 423 36.07 -22.72 -5.20
CA GLY E 423 36.72 -23.99 -5.00
C GLY E 423 38.23 -23.86 -5.12
N SER E 424 38.92 -24.88 -4.61
CA SER E 424 40.36 -24.82 -4.39
C SER E 424 41.17 -25.23 -5.63
N LEU E 425 40.89 -24.59 -6.76
CA LEU E 425 41.63 -24.73 -8.02
C LEU E 425 41.66 -26.20 -8.48
N GLY E 426 40.48 -26.65 -8.90
CA GLY E 426 40.26 -28.03 -9.32
C GLY E 426 41.16 -28.57 -10.42
N GLY E 427 41.86 -27.68 -11.13
CA GLY E 427 42.89 -28.07 -12.07
C GLY E 427 43.07 -27.00 -13.11
N VAL E 428 43.08 -27.41 -14.38
CA VAL E 428 43.02 -26.46 -15.48
C VAL E 428 41.64 -26.69 -16.07
N PHE E 429 40.71 -27.13 -15.22
CA PHE E 429 39.30 -27.20 -15.53
C PHE E 429 38.46 -26.24 -14.72
N THR E 430 38.97 -25.77 -13.58
CA THR E 430 38.36 -24.63 -12.91
C THR E 430 38.80 -23.33 -13.57
N SER E 431 40.06 -23.27 -14.03
CA SER E 431 40.57 -22.05 -14.64
C SER E 431 40.00 -21.83 -16.04
N ILE E 432 39.88 -22.91 -16.83
CA ILE E 432 39.33 -22.74 -18.17
C ILE E 432 37.82 -22.51 -18.11
N GLY E 433 37.17 -22.94 -17.02
CA GLY E 433 35.75 -22.68 -16.87
C GLY E 433 35.46 -21.22 -16.61
N LYS E 434 36.30 -20.55 -15.83
CA LYS E 434 36.12 -19.12 -15.68
C LYS E 434 36.80 -18.32 -16.77
N ALA E 435 37.66 -18.93 -17.59
CA ALA E 435 38.06 -18.26 -18.82
C ALA E 435 36.89 -18.16 -19.78
N LEU E 436 36.20 -19.29 -20.01
CA LEU E 436 34.99 -19.27 -20.84
C LEU E 436 33.88 -18.44 -20.19
N HIS E 437 33.82 -18.44 -18.87
CA HIS E 437 32.81 -17.65 -18.18
C HIS E 437 33.15 -16.16 -18.16
N GLN E 438 34.43 -15.80 -18.30
CA GLN E 438 34.77 -14.40 -18.49
C GLN E 438 34.52 -13.93 -19.91
N VAL E 439 34.68 -14.81 -20.90
CA VAL E 439 34.33 -14.43 -22.27
C VAL E 439 32.82 -14.26 -22.40
N PHE E 440 32.06 -15.29 -22.05
CA PHE E 440 30.60 -15.24 -22.19
C PHE E 440 29.98 -14.27 -21.20
N GLY E 441 30.56 -14.13 -20.02
CA GLY E 441 30.12 -13.11 -19.09
C GLY E 441 30.49 -11.70 -19.51
N ALA E 442 31.52 -11.56 -20.34
CA ALA E 442 31.86 -10.26 -20.91
C ALA E 442 31.03 -9.92 -22.13
N ILE E 443 30.41 -10.90 -22.76
CA ILE E 443 29.45 -10.64 -23.82
C ILE E 443 28.02 -10.50 -23.28
N TYR E 444 27.71 -11.10 -22.14
CA TYR E 444 26.47 -10.82 -21.44
C TYR E 444 26.53 -9.49 -20.70
N GLY E 445 27.69 -8.88 -20.60
CA GLY E 445 27.81 -7.46 -20.37
C GLY E 445 28.00 -6.78 -21.71
N ALA E 446 27.66 -5.48 -21.76
CA ALA E 446 27.61 -4.67 -22.98
C ALA E 446 26.70 -5.29 -24.06
N ALA E 447 25.69 -6.02 -23.60
CA ALA E 447 24.56 -6.59 -24.32
C ALA E 447 23.72 -7.10 -23.17
N PHE E 448 22.38 -7.11 -23.29
CA PHE E 448 21.45 -7.31 -22.18
C PHE E 448 21.72 -6.32 -21.04
N SER E 449 22.12 -5.10 -21.39
CA SER E 449 22.58 -4.11 -20.42
C SER E 449 21.56 -2.99 -20.35
N GLY E 450 20.97 -2.81 -19.17
CA GLY E 450 19.93 -1.83 -18.96
C GLY E 450 18.53 -2.42 -18.97
N VAL E 451 18.35 -3.58 -19.59
CA VAL E 451 17.03 -4.20 -19.63
C VAL E 451 16.68 -4.78 -18.25
N SER E 452 15.39 -4.99 -18.04
CA SER E 452 14.84 -5.31 -16.73
C SER E 452 14.36 -6.76 -16.67
N TRP E 453 13.66 -7.07 -15.57
CA TRP E 453 12.96 -8.33 -15.29
C TRP E 453 12.25 -8.93 -16.49
N ILE E 454 11.51 -8.11 -17.23
CA ILE E 454 10.59 -8.61 -18.25
C ILE E 454 11.26 -8.71 -19.61
N MET E 455 12.14 -7.75 -19.92
CA MET E 455 12.66 -7.61 -21.27
C MET E 455 13.59 -8.76 -21.62
N LYS E 456 14.42 -9.20 -20.69
CA LYS E 456 15.32 -10.31 -20.97
C LYS E 456 14.61 -11.65 -20.97
N ILE E 457 13.48 -11.78 -20.26
CA ILE E 457 12.64 -12.96 -20.44
C ILE E 457 12.07 -12.99 -21.85
N LEU E 458 11.54 -11.84 -22.30
CA LEU E 458 10.94 -11.74 -23.65
C LEU E 458 11.96 -12.08 -24.73
N ILE E 459 13.09 -11.37 -24.71
CA ILE E 459 14.12 -11.58 -25.72
C ILE E 459 14.82 -12.93 -25.52
N GLY E 460 14.70 -13.54 -24.34
CA GLY E 460 15.07 -14.93 -24.18
C GLY E 460 14.12 -15.87 -24.92
N VAL E 461 12.83 -15.54 -24.95
CA VAL E 461 11.88 -16.36 -25.69
C VAL E 461 12.08 -16.18 -27.19
N ILE E 462 12.45 -14.97 -27.63
CA ILE E 462 12.77 -14.75 -29.03
C ILE E 462 14.03 -15.52 -29.43
N ILE E 463 15.09 -15.46 -28.61
CA ILE E 463 16.34 -16.11 -28.99
C ILE E 463 16.21 -17.64 -28.88
N THR E 464 15.32 -18.11 -28.00
CA THR E 464 15.06 -19.54 -27.91
C THR E 464 14.23 -20.02 -29.10
N TRP E 465 13.26 -19.21 -29.52
CA TRP E 465 12.37 -19.62 -30.61
C TRP E 465 13.10 -19.61 -31.95
N ILE E 466 13.91 -18.58 -32.21
CA ILE E 466 14.65 -18.63 -33.46
C ILE E 466 15.87 -19.54 -33.35
N GLY E 467 16.29 -19.88 -32.13
CA GLY E 467 17.26 -20.94 -31.99
C GLY E 467 16.66 -22.33 -32.07
N MET E 468 15.33 -22.43 -32.11
CA MET E 468 14.64 -23.71 -32.13
C MET E 468 14.24 -24.13 -33.55
N ASN E 469 13.97 -23.18 -34.43
CA ASN E 469 13.60 -23.48 -35.80
C ASN E 469 14.77 -23.41 -36.76
N SER E 470 15.99 -23.26 -36.26
CA SER E 470 17.16 -23.14 -37.11
C SER E 470 17.60 -24.51 -37.63
N ARG E 471 18.62 -24.51 -38.49
CA ARG E 471 19.17 -25.72 -39.07
C ARG E 471 20.68 -25.77 -38.82
N SER E 472 21.34 -26.73 -39.48
CA SER E 472 22.79 -26.97 -39.41
C SER E 472 23.28 -27.26 -37.99
N THR E 473 22.38 -27.83 -37.17
CA THR E 473 22.59 -28.12 -35.74
C THR E 473 23.07 -26.86 -35.01
N SER E 474 22.36 -25.77 -35.26
CA SER E 474 22.50 -24.55 -34.46
C SER E 474 21.47 -24.49 -33.34
N LEU E 475 20.81 -25.61 -33.07
CA LEU E 475 19.80 -25.64 -32.02
C LEU E 475 20.44 -25.55 -30.64
N SER E 476 21.51 -26.32 -30.44
CA SER E 476 22.11 -26.44 -29.12
C SER E 476 22.88 -25.19 -28.73
N VAL E 477 23.51 -24.52 -29.69
CA VAL E 477 24.27 -23.32 -29.37
C VAL E 477 23.33 -22.13 -29.14
N SER E 478 22.40 -21.88 -30.08
CA SER E 478 21.52 -20.74 -30.01
C SER E 478 20.32 -20.96 -29.09
N LEU E 479 20.17 -22.16 -28.55
CA LEU E 479 19.14 -22.46 -27.56
C LEU E 479 19.77 -22.68 -26.18
N VAL E 480 20.72 -23.61 -26.10
CA VAL E 480 21.32 -23.96 -24.83
C VAL E 480 22.27 -22.85 -24.37
N LEU E 481 23.12 -22.37 -25.27
CA LEU E 481 24.21 -21.49 -24.86
C LEU E 481 23.72 -20.09 -24.52
N VAL E 482 22.57 -19.67 -25.06
CA VAL E 482 22.06 -18.34 -24.78
C VAL E 482 20.63 -18.36 -24.23
N GLY E 483 19.75 -19.17 -24.83
CA GLY E 483 18.32 -19.03 -24.62
C GLY E 483 17.80 -19.36 -23.23
N VAL E 484 17.98 -20.62 -22.81
CA VAL E 484 17.52 -21.06 -21.50
C VAL E 484 18.31 -20.38 -20.39
N VAL E 485 19.56 -20.01 -20.67
CA VAL E 485 20.36 -19.24 -19.72
C VAL E 485 19.76 -17.86 -19.50
N THR E 486 19.30 -17.21 -20.58
CA THR E 486 18.66 -15.91 -20.39
C THR E 486 17.25 -16.03 -19.83
N LEU E 487 16.58 -17.17 -19.99
CA LEU E 487 15.34 -17.39 -19.25
C LEU E 487 15.60 -17.47 -17.76
N TYR E 488 16.59 -18.28 -17.35
CA TYR E 488 16.88 -18.48 -15.94
C TYR E 488 17.42 -17.21 -15.28
N LEU E 489 18.33 -16.51 -15.97
CA LEU E 489 18.78 -15.22 -15.49
C LEU E 489 17.64 -14.21 -15.48
N GLY E 490 16.75 -14.29 -16.46
CA GLY E 490 15.58 -13.43 -16.49
C GLY E 490 14.60 -13.68 -15.35
N VAL E 491 14.65 -14.85 -14.74
CA VAL E 491 13.89 -15.08 -13.51
C VAL E 491 14.69 -14.65 -12.29
N MET E 492 16.01 -14.88 -12.27
CA MET E 492 16.78 -14.68 -11.04
C MET E 492 17.28 -13.25 -10.83
N VAL E 493 17.04 -12.32 -11.76
CA VAL E 493 17.41 -10.92 -11.57
C VAL E 493 16.44 -10.24 -10.60
N GLN E 494 16.76 -8.99 -10.25
CA GLN E 494 16.01 -8.17 -9.29
C GLN E 494 16.02 -8.81 -7.91
N ALA E 495 17.14 -9.42 -7.56
CA ALA E 495 17.31 -10.06 -6.27
C ALA E 495 17.41 -8.99 -5.18
N SER F 1 10.50 12.38 -16.34
CA SER F 1 11.26 13.07 -15.31
C SER F 1 12.37 12.20 -14.77
N VAL F 2 12.74 12.47 -13.51
CA VAL F 2 13.74 11.63 -12.84
C VAL F 2 13.15 10.30 -12.41
N ALA F 3 11.82 10.19 -12.36
CA ALA F 3 11.15 8.95 -11.96
C ALA F 3 11.15 7.89 -13.04
N LEU F 4 11.62 8.21 -14.24
CA LEU F 4 11.93 7.21 -15.24
C LEU F 4 13.41 6.86 -15.05
N VAL F 5 14.02 6.14 -15.99
CA VAL F 5 15.36 5.52 -15.96
C VAL F 5 15.70 4.94 -14.58
N PRO F 6 15.01 3.87 -14.15
CA PRO F 6 14.89 3.60 -12.72
C PRO F 6 16.01 2.79 -12.09
N HIS F 7 17.18 2.70 -12.72
CA HIS F 7 18.37 2.00 -12.22
C HIS F 7 18.09 0.50 -12.00
N VAL F 8 17.86 -0.19 -13.11
CA VAL F 8 17.52 -1.60 -13.03
C VAL F 8 18.59 -2.51 -13.62
N GLY F 9 18.93 -2.34 -14.90
CA GLY F 9 19.72 -3.35 -15.58
C GLY F 9 21.20 -3.06 -15.68
N MET F 10 21.79 -2.55 -14.61
CA MET F 10 23.17 -2.11 -14.64
C MET F 10 24.04 -2.87 -13.63
N GLY F 11 23.70 -4.13 -13.39
CA GLY F 11 24.52 -4.97 -12.55
C GLY F 11 24.41 -4.59 -11.08
N LEU F 12 25.55 -4.68 -10.39
CA LEU F 12 25.80 -4.20 -9.03
C LEU F 12 24.97 -4.89 -7.96
N GLU F 13 24.20 -5.91 -8.31
CA GLU F 13 23.26 -6.50 -7.36
C GLU F 13 23.87 -7.75 -6.73
N THR F 14 23.37 -8.08 -5.54
CA THR F 14 23.94 -9.12 -4.71
C THR F 14 22.79 -9.95 -4.13
N ARG F 15 23.10 -10.75 -3.10
CA ARG F 15 22.06 -11.50 -2.42
C ARG F 15 21.09 -10.60 -1.66
N THR F 16 21.56 -9.46 -1.18
CA THR F 16 20.71 -8.53 -0.45
C THR F 16 19.70 -7.92 -1.38
N GLU F 17 18.46 -7.79 -0.92
CA GLU F 17 17.46 -7.30 -1.84
C GLU F 17 17.54 -5.80 -1.98
N THR F 18 16.95 -5.29 -3.05
CA THR F 18 17.13 -3.91 -3.47
C THR F 18 16.25 -2.96 -2.67
N TRP F 19 16.11 -1.73 -3.16
CA TRP F 19 15.21 -0.78 -2.51
C TRP F 19 13.76 -1.15 -2.74
N MET F 20 13.42 -1.64 -3.93
CA MET F 20 12.08 -2.14 -4.21
C MET F 20 12.19 -3.46 -4.94
N SER F 21 12.27 -4.54 -4.18
CA SER F 21 11.93 -5.85 -4.70
C SER F 21 10.51 -6.18 -4.26
N SER F 22 9.78 -6.88 -5.11
CA SER F 22 8.37 -7.25 -5.01
C SER F 22 7.40 -6.07 -5.06
N GLU F 23 7.90 -4.84 -5.23
CA GLU F 23 7.06 -3.67 -5.48
C GLU F 23 7.35 -3.09 -6.85
N GLY F 24 8.62 -2.86 -7.17
CA GLY F 24 8.99 -2.34 -8.47
C GLY F 24 9.36 -3.44 -9.44
N ALA F 25 8.82 -4.64 -9.23
CA ALA F 25 9.03 -5.77 -10.11
C ALA F 25 7.82 -6.14 -10.93
N TRP F 26 6.64 -5.67 -10.54
CA TRP F 26 5.40 -5.95 -11.27
C TRP F 26 4.63 -4.68 -11.61
N LYS F 27 5.21 -3.50 -11.40
CA LYS F 27 4.46 -2.28 -11.64
C LYS F 27 4.39 -1.91 -13.12
N HIS F 28 5.34 -2.38 -13.93
CA HIS F 28 5.21 -2.23 -15.37
C HIS F 28 4.33 -3.31 -15.99
N ALA F 29 3.95 -4.34 -15.24
CA ALA F 29 3.05 -5.37 -15.73
C ALA F 29 1.62 -5.17 -15.27
N GLN F 30 1.39 -4.28 -14.31
CA GLN F 30 0.03 -3.96 -13.89
C GLN F 30 -0.57 -2.81 -14.68
N ARG F 31 0.19 -1.73 -14.85
CA ARG F 31 -0.37 -0.55 -15.49
C ARG F 31 -0.53 -0.72 -16.99
N ILE F 32 0.20 -1.65 -17.62
CA ILE F 32 -0.10 -2.01 -18.99
C ILE F 32 -1.46 -2.68 -19.07
N GLU F 33 -1.70 -3.67 -18.21
CA GLU F 33 -2.97 -4.40 -18.22
C GLU F 33 -4.13 -3.53 -17.74
N THR F 34 -3.89 -2.60 -16.82
CA THR F 34 -4.88 -1.60 -16.47
C THR F 34 -5.19 -0.70 -17.66
N TRP F 35 -4.16 -0.32 -18.43
CA TRP F 35 -4.37 0.45 -19.64
C TRP F 35 -5.12 -0.35 -20.69
N ILE F 36 -4.96 -1.68 -20.72
CA ILE F 36 -5.72 -2.50 -21.67
C ILE F 36 -7.18 -2.54 -21.26
N LEU F 37 -7.46 -2.76 -19.98
CA LEU F 37 -8.85 -2.81 -19.56
C LEU F 37 -9.51 -1.44 -19.52
N ARG F 38 -8.75 -0.36 -19.65
CA ARG F 38 -9.33 0.97 -19.67
C ARG F 38 -9.18 1.64 -21.03
N HIS F 39 -8.46 1.02 -21.96
CA HIS F 39 -8.42 1.48 -23.36
C HIS F 39 -8.38 0.28 -24.29
N PRO F 40 -9.53 -0.33 -24.56
CA PRO F 40 -9.53 -1.52 -25.43
C PRO F 40 -9.38 -1.22 -26.91
N GLY F 41 -9.58 0.03 -27.34
CA GLY F 41 -9.62 0.32 -28.77
C GLY F 41 -8.29 0.14 -29.47
N PHE F 42 -7.21 0.62 -28.85
CA PHE F 42 -5.87 0.37 -29.40
C PHE F 42 -5.46 -1.08 -29.25
N THR F 43 -6.13 -1.86 -28.39
CA THR F 43 -5.83 -3.27 -28.30
C THR F 43 -6.43 -4.04 -29.46
N ILE F 44 -7.71 -3.79 -29.78
CA ILE F 44 -8.31 -4.43 -30.95
C ILE F 44 -7.65 -3.94 -32.24
N MET F 45 -7.44 -2.62 -32.35
CA MET F 45 -6.85 -2.08 -33.57
C MET F 45 -5.38 -2.44 -33.71
N ALA F 46 -4.67 -2.59 -32.58
CA ALA F 46 -3.30 -3.08 -32.61
C ALA F 46 -3.26 -4.57 -32.96
N ALA F 47 -4.30 -5.32 -32.59
CA ALA F 47 -4.39 -6.71 -33.00
C ALA F 47 -4.65 -6.83 -34.49
N ILE F 48 -5.41 -5.88 -35.05
CA ILE F 48 -5.67 -5.90 -36.49
C ILE F 48 -4.42 -5.50 -37.26
N LEU F 49 -3.69 -4.50 -36.77
CA LEU F 49 -2.44 -4.10 -37.42
C LEU F 49 -1.37 -5.17 -37.31
N ALA F 50 -1.30 -5.86 -36.16
CA ALA F 50 -0.33 -6.93 -36.01
C ALA F 50 -0.71 -8.13 -36.85
N TYR F 51 -1.99 -8.42 -36.95
CA TYR F 51 -2.45 -9.53 -37.78
C TYR F 51 -2.30 -9.23 -39.26
N THR F 52 -2.31 -7.95 -39.64
CA THR F 52 -2.22 -7.60 -41.06
C THR F 52 -0.82 -7.80 -41.60
N ILE F 53 0.16 -7.07 -41.05
CA ILE F 53 1.54 -7.23 -41.46
C ILE F 53 2.22 -8.27 -40.56
N GLY F 54 2.71 -9.34 -41.17
CA GLY F 54 3.24 -10.47 -40.44
C GLY F 54 2.76 -11.76 -41.04
N THR F 55 3.70 -12.61 -41.46
CA THR F 55 3.36 -13.81 -42.20
C THR F 55 3.09 -15.00 -41.28
N THR F 56 4.04 -15.30 -40.40
CA THR F 56 3.85 -16.38 -39.45
C THR F 56 3.02 -15.89 -38.27
N HIS F 57 2.67 -16.82 -37.38
CA HIS F 57 1.93 -16.45 -36.18
C HIS F 57 2.85 -15.84 -35.12
N PHE F 58 4.13 -16.21 -35.16
CA PHE F 58 5.09 -15.71 -34.18
C PHE F 58 5.37 -14.23 -34.38
N GLN F 59 5.39 -13.77 -35.63
CA GLN F 59 5.60 -12.36 -35.90
C GLN F 59 4.37 -11.54 -35.56
N ARG F 60 3.18 -12.09 -35.79
CA ARG F 60 1.95 -11.39 -35.43
C ARG F 60 1.81 -11.26 -33.92
N ALA F 61 2.14 -12.32 -33.18
CA ALA F 61 2.15 -12.23 -31.73
C ALA F 61 3.26 -11.30 -31.24
N LEU F 62 4.39 -11.27 -31.93
CA LEU F 62 5.50 -10.43 -31.48
C LEU F 62 5.18 -8.95 -31.67
N ILE F 63 4.69 -8.57 -32.85
CA ILE F 63 4.31 -7.18 -33.11
C ILE F 63 3.10 -6.79 -32.26
N PHE F 64 2.22 -7.74 -31.95
CA PHE F 64 1.10 -7.44 -31.06
C PHE F 64 1.57 -7.12 -29.64
N ILE F 65 2.47 -7.93 -29.09
CA ILE F 65 2.96 -7.68 -27.73
C ILE F 65 3.83 -6.42 -27.69
N LEU F 66 4.58 -6.15 -28.74
CA LEU F 66 5.43 -4.96 -28.74
C LEU F 66 4.61 -3.68 -28.89
N LEU F 67 3.64 -3.65 -29.82
CA LEU F 67 2.75 -2.50 -29.94
C LEU F 67 1.89 -2.32 -28.71
N THR F 68 1.54 -3.41 -28.02
CA THR F 68 0.86 -3.29 -26.75
C THR F 68 1.78 -2.74 -25.67
N ALA F 69 3.08 -2.99 -25.78
CA ALA F 69 4.01 -2.60 -24.72
C ALA F 69 4.48 -1.15 -24.85
N VAL F 70 4.64 -0.65 -26.08
CA VAL F 70 5.20 0.70 -26.27
C VAL F 70 4.21 1.77 -25.84
N ALA F 71 2.91 1.52 -25.96
CA ALA F 71 1.92 2.46 -25.47
C ALA F 71 1.90 2.42 -23.94
N PRO F 72 1.66 3.56 -23.26
CA PRO F 72 1.69 3.63 -21.80
C PRO F 72 0.64 2.79 -21.06
N GLU G 1 -18.88 60.42 -8.72
CA GLU G 1 -19.57 59.15 -8.51
C GLU G 1 -18.58 58.05 -8.19
N VAL G 2 -17.32 58.28 -8.53
CA VAL G 2 -16.22 57.38 -8.18
C VAL G 2 -15.24 58.19 -7.35
N GLN G 3 -15.15 57.88 -6.07
CA GLN G 3 -14.33 58.64 -5.14
C GLN G 3 -13.32 57.73 -4.46
N LEU G 4 -12.07 58.18 -4.40
CA LEU G 4 -11.02 57.51 -3.64
C LEU G 4 -10.63 58.44 -2.50
N VAL G 5 -10.85 58.00 -1.27
CA VAL G 5 -10.52 58.80 -0.10
C VAL G 5 -9.53 58.03 0.75
N GLU G 6 -8.77 58.79 1.55
CA GLU G 6 -7.71 58.25 2.39
C GLU G 6 -7.93 58.68 3.84
N SER G 7 -6.94 58.43 4.68
CA SER G 7 -7.01 58.76 6.11
C SER G 7 -5.70 59.39 6.53
N GLY G 8 -5.73 60.68 6.85
CA GLY G 8 -4.52 61.42 7.16
C GLY G 8 -3.92 61.16 8.53
N ALA G 9 -2.65 60.73 8.55
CA ALA G 9 -1.89 60.53 9.77
C ALA G 9 -0.64 61.40 9.68
N GLU G 10 -0.49 62.33 10.63
CA GLU G 10 0.52 63.38 10.47
C GLU G 10 1.85 63.02 11.14
N VAL G 11 1.88 62.96 12.46
CA VAL G 11 3.13 62.94 13.21
C VAL G 11 3.54 61.49 13.45
N LYS G 12 4.73 61.14 12.97
CA LYS G 12 5.31 59.82 13.18
C LYS G 12 6.83 59.99 13.30
N LYS G 13 7.39 59.57 14.43
CA LYS G 13 8.80 59.77 14.67
C LYS G 13 9.64 58.83 13.81
N PRO G 14 10.84 59.24 13.41
CA PRO G 14 11.66 58.41 12.49
C PRO G 14 12.13 57.12 13.14
N GLY G 15 12.01 56.03 12.38
CA GLY G 15 12.35 54.71 12.84
C GLY G 15 11.15 53.79 13.04
N ALA G 16 9.96 54.36 13.13
CA ALA G 16 8.74 53.60 13.41
C ALA G 16 8.09 53.17 12.09
N SER G 17 6.85 52.70 12.18
CA SER G 17 6.08 52.26 11.02
C SER G 17 4.85 53.13 10.87
N VAL G 18 4.62 53.60 9.65
CA VAL G 18 3.45 54.42 9.34
C VAL G 18 2.55 53.64 8.38
N LYS G 19 1.24 53.78 8.55
CA LYS G 19 0.27 53.00 7.79
C LYS G 19 -0.76 53.95 7.18
N VAL G 20 -1.09 53.74 5.91
CA VAL G 20 -2.03 54.59 5.19
C VAL G 20 -3.08 53.70 4.54
N SER G 21 -4.31 54.20 4.47
CA SER G 21 -5.46 53.45 3.95
C SER G 21 -5.97 54.07 2.65
N CYS G 22 -6.94 53.41 2.05
CA CYS G 22 -7.58 53.91 0.83
C CYS G 22 -9.01 53.36 0.79
N LYS G 23 -9.97 54.15 1.26
CA LYS G 23 -11.36 53.75 1.25
C LYS G 23 -11.91 53.98 -0.16
N ALA G 24 -12.09 52.89 -0.90
CA ALA G 24 -12.55 52.96 -2.28
C ALA G 24 -14.07 52.85 -2.35
N SER G 25 -14.64 53.50 -3.37
CA SER G 25 -16.08 53.50 -3.56
C SER G 25 -16.38 53.78 -5.02
N GLY G 26 -17.59 53.43 -5.43
CA GLY G 26 -18.07 53.71 -6.77
C GLY G 26 -17.93 52.58 -7.77
N TYR G 27 -17.23 51.51 -7.40
CA TYR G 27 -16.96 50.41 -8.32
C TYR G 27 -16.73 49.13 -7.54
N THR G 28 -16.71 48.02 -8.27
CA THR G 28 -16.27 46.75 -7.70
C THR G 28 -14.75 46.76 -7.54
N PHE G 29 -14.28 46.66 -6.29
CA PHE G 29 -12.88 46.92 -6.01
C PHE G 29 -11.98 45.77 -6.45
N THR G 30 -12.51 44.55 -6.48
CA THR G 30 -11.68 43.38 -6.78
C THR G 30 -11.24 43.34 -8.23
N SER G 31 -11.92 44.06 -9.13
CA SER G 31 -11.60 44.02 -10.54
C SER G 31 -10.72 45.19 -10.99
N TYR G 32 -10.44 46.15 -10.12
CA TYR G 32 -9.57 47.26 -10.47
C TYR G 32 -8.34 47.24 -9.56
N ALA G 33 -7.21 47.71 -10.09
CA ALA G 33 -5.96 47.68 -9.35
C ALA G 33 -5.88 48.90 -8.43
N MET G 34 -4.74 49.08 -7.76
CA MET G 34 -4.56 50.21 -6.86
C MET G 34 -3.07 50.51 -6.74
N HIS G 35 -2.67 51.69 -7.19
CA HIS G 35 -1.29 52.14 -7.14
C HIS G 35 -1.09 53.09 -5.96
N TRP G 36 0.18 53.41 -5.69
CA TRP G 36 0.53 54.34 -4.62
C TRP G 36 1.65 55.24 -5.10
N VAL G 37 1.38 56.55 -5.12
CA VAL G 37 2.31 57.53 -5.66
C VAL G 37 2.71 58.48 -4.52
N ARG G 38 4.01 58.66 -4.34
CA ARG G 38 4.55 59.55 -3.32
C ARG G 38 5.05 60.84 -3.96
N GLN G 39 4.66 61.98 -3.39
CA GLN G 39 5.20 63.27 -3.80
C GLN G 39 5.93 63.90 -2.61
N ALA G 40 7.25 63.97 -2.71
CA ALA G 40 8.02 64.75 -1.76
C ALA G 40 7.64 66.23 -1.89
N PRO G 41 7.54 66.97 -0.78
CA PRO G 41 6.84 68.27 -0.80
C PRO G 41 7.56 69.36 -1.59
N GLY G 42 7.02 69.66 -2.77
CA GLY G 42 7.55 70.70 -3.62
C GLY G 42 8.29 70.22 -4.85
N GLN G 43 8.33 68.93 -5.11
CA GLN G 43 9.12 68.42 -6.24
C GLN G 43 8.44 67.16 -6.80
N ARG G 44 9.23 66.38 -7.53
CA ARG G 44 8.78 65.30 -8.41
C ARG G 44 7.96 64.23 -7.69
N LEU G 45 6.91 63.76 -8.37
CA LEU G 45 6.16 62.58 -7.93
C LEU G 45 7.03 61.34 -7.99
N GLU G 46 6.71 60.35 -7.19
CA GLU G 46 7.49 59.11 -7.20
C GLU G 46 6.58 57.92 -7.03
N TRP G 47 6.90 56.83 -7.74
CA TRP G 47 6.03 55.67 -7.85
C TRP G 47 6.41 54.65 -6.78
N MET G 48 5.64 54.61 -5.69
CA MET G 48 5.84 53.60 -4.67
C MET G 48 5.08 52.31 -4.95
N GLY G 49 4.01 52.39 -5.75
CA GLY G 49 2.93 51.44 -5.62
C GLY G 49 3.27 50.04 -6.09
N TRP G 50 2.68 49.06 -5.43
CA TRP G 50 2.75 47.67 -5.82
C TRP G 50 1.39 47.28 -6.37
N ILE G 51 1.37 46.54 -7.47
CA ILE G 51 0.18 46.43 -8.28
C ILE G 51 -0.79 45.39 -7.70
N ASN G 52 -1.60 45.83 -6.74
CA ASN G 52 -2.57 44.93 -6.14
C ASN G 52 -3.69 44.61 -7.12
N ALA G 53 -4.41 43.54 -6.82
CA ALA G 53 -5.50 43.10 -7.67
C ALA G 53 -6.54 42.43 -6.78
N GLY G 54 -7.43 41.64 -7.39
CA GLY G 54 -8.33 40.81 -6.61
C GLY G 54 -7.64 39.64 -5.94
N ASN G 55 -6.47 39.24 -6.43
CA ASN G 55 -5.74 38.13 -5.83
C ASN G 55 -4.67 38.57 -4.84
N GLY G 56 -3.92 39.63 -5.15
CA GLY G 56 -2.97 40.14 -4.19
C GLY G 56 -1.52 40.18 -4.64
N ASN G 57 -1.30 40.24 -5.95
CA ASN G 57 0.06 40.33 -6.46
C ASN G 57 0.62 41.72 -6.25
N THR G 58 1.93 41.86 -6.50
CA THR G 58 2.68 43.10 -6.31
C THR G 58 3.61 43.29 -7.50
N LYS G 59 4.40 44.36 -7.47
CA LYS G 59 5.50 44.54 -8.42
C LYS G 59 6.69 45.10 -7.69
N TYR G 60 7.86 44.54 -7.95
CA TYR G 60 9.07 44.83 -7.18
C TYR G 60 9.70 46.15 -7.59
N SER G 61 9.27 47.25 -6.97
CA SER G 61 9.91 48.55 -7.19
C SER G 61 11.29 48.54 -6.57
N GLN G 62 12.31 48.83 -7.38
CA GLN G 62 13.70 48.61 -6.96
C GLN G 62 14.14 49.61 -5.91
N LYS G 63 13.68 50.86 -6.00
CA LYS G 63 14.10 51.88 -5.04
C LYS G 63 13.34 51.77 -3.72
N PHE G 64 12.22 51.04 -3.72
CA PHE G 64 11.30 50.93 -2.59
C PHE G 64 11.06 49.48 -2.24
N GLN G 65 12.11 48.65 -2.28
CA GLN G 65 11.91 47.22 -2.22
C GLN G 65 11.72 46.73 -0.78
N ASP G 66 12.76 46.83 0.03
CA ASP G 66 12.77 46.22 1.36
C ASP G 66 12.61 47.26 2.46
N ARG G 67 11.77 48.27 2.23
CA ARG G 67 11.49 49.25 3.28
C ARG G 67 9.99 49.42 3.45
N VAL G 68 9.23 49.20 2.38
CA VAL G 68 7.78 49.35 2.41
C VAL G 68 7.14 48.02 2.00
N THR G 69 5.97 47.75 2.57
CA THR G 69 5.14 46.62 2.17
C THR G 69 3.72 47.14 1.96
N ILE G 70 2.86 46.26 1.43
CA ILE G 70 1.53 46.67 0.99
C ILE G 70 0.54 45.60 1.42
N THR G 71 -0.74 45.98 1.49
CA THR G 71 -1.77 45.12 2.05
C THR G 71 -3.10 45.42 1.37
N ARG G 72 -3.82 44.40 0.94
CA ARG G 72 -5.15 44.57 0.39
C ARG G 72 -6.21 44.16 1.40
N ASP G 73 -7.45 44.50 1.08
CA ASP G 73 -8.61 44.04 1.82
C ASP G 73 -9.79 43.96 0.87
N THR G 74 -10.49 42.83 0.88
CA THR G 74 -11.58 42.59 -0.05
C THR G 74 -12.93 43.04 0.51
N SER G 75 -13.17 42.76 1.79
CA SER G 75 -14.50 42.98 2.38
C SER G 75 -14.83 44.45 2.51
N ALA G 76 -13.93 45.23 3.13
CA ALA G 76 -14.19 46.65 3.35
C ALA G 76 -13.79 47.52 2.17
N SER G 77 -13.35 46.89 1.06
CA SER G 77 -13.00 47.57 -0.20
C SER G 77 -11.90 48.61 0.00
N THR G 78 -10.80 48.18 0.61
CA THR G 78 -9.78 49.09 1.10
C THR G 78 -8.40 48.53 0.77
N ALA G 79 -7.46 49.43 0.47
CA ALA G 79 -6.07 49.07 0.26
C ALA G 79 -5.23 49.74 1.35
N TYR G 80 -4.14 49.08 1.74
CA TYR G 80 -3.31 49.53 2.86
C TYR G 80 -1.84 49.46 2.47
N MET G 81 -1.07 50.46 2.88
CA MET G 81 0.37 50.47 2.68
C MET G 81 1.05 50.71 4.02
N GLU G 82 2.14 50.00 4.26
CA GLU G 82 2.85 50.05 5.54
C GLU G 82 4.32 50.37 5.28
N LEU G 83 4.70 51.61 5.51
CA LEU G 83 6.09 52.02 5.40
C LEU G 83 6.76 51.91 6.77
N SER G 84 7.75 51.02 6.87
CA SER G 84 8.46 50.79 8.12
C SER G 84 9.87 51.37 8.02
N SER G 85 10.37 51.84 9.16
CA SER G 85 11.68 52.49 9.31
C SER G 85 11.82 53.70 8.37
N LEU G 86 10.96 54.68 8.60
CA LEU G 86 10.94 55.88 7.77
C LEU G 86 12.02 56.86 8.22
N ARG G 87 12.29 57.84 7.36
CA ARG G 87 13.35 58.81 7.60
C ARG G 87 12.83 60.24 7.44
N SER G 88 13.75 61.21 7.42
CA SER G 88 13.40 62.59 7.12
C SER G 88 13.33 62.87 5.62
N GLU G 89 13.68 61.89 4.79
CA GLU G 89 13.42 61.98 3.36
C GLU G 89 12.25 61.12 2.93
N ASP G 90 11.81 60.19 3.78
CA ASP G 90 10.61 59.40 3.54
C ASP G 90 9.35 60.10 4.04
N THR G 91 9.45 61.34 4.50
CA THR G 91 8.27 62.12 4.85
C THR G 91 7.83 62.95 3.64
N ALA G 92 6.56 62.82 3.30
CA ALA G 92 6.00 63.36 2.05
C ALA G 92 4.48 63.30 2.16
N ILE G 93 3.81 63.55 1.04
CA ILE G 93 2.39 63.29 0.90
C ILE G 93 2.24 62.02 0.07
N TYR G 94 1.16 61.27 0.30
CA TYR G 94 1.00 59.94 -0.28
C TYR G 94 -0.32 59.87 -1.03
N TYR G 95 -0.24 59.53 -2.32
CA TYR G 95 -1.39 59.47 -3.20
C TYR G 95 -1.67 58.03 -3.60
N CYS G 96 -2.94 57.67 -3.66
CA CYS G 96 -3.38 56.43 -4.27
C CYS G 96 -3.83 56.71 -5.69
N ALA G 97 -3.88 55.66 -6.51
CA ALA G 97 -4.29 55.80 -7.90
C ALA G 97 -4.84 54.48 -8.41
N ARG G 98 -5.72 54.57 -9.38
CA ARG G 98 -6.52 53.42 -9.84
C ARG G 98 -6.18 53.06 -11.27
N ASP G 99 -5.99 51.77 -11.51
CA ASP G 99 -5.87 51.22 -12.86
C ASP G 99 -6.76 49.99 -12.94
N LYS G 100 -7.06 49.55 -14.16
CA LYS G 100 -8.02 48.48 -14.37
C LYS G 100 -7.28 47.19 -14.73
N VAL G 101 -7.84 46.06 -14.28
CA VAL G 101 -7.20 44.76 -14.36
C VAL G 101 -7.72 44.02 -15.58
N ASP G 102 -6.85 43.18 -16.17
CA ASP G 102 -7.15 42.34 -17.32
C ASP G 102 -8.36 41.43 -17.07
N ASP G 103 -8.93 40.91 -18.15
CA ASP G 103 -10.12 40.06 -18.06
C ASP G 103 -9.85 38.75 -17.33
N TYR G 104 -8.60 38.30 -17.25
CA TYR G 104 -8.26 37.08 -16.53
C TYR G 104 -8.00 37.33 -15.06
N GLY G 105 -8.01 38.60 -14.63
CA GLY G 105 -7.56 38.94 -13.30
C GLY G 105 -6.06 39.08 -13.15
N ASP G 106 -5.31 38.88 -14.22
CA ASP G 106 -3.84 39.00 -14.18
C ASP G 106 -3.48 40.40 -14.66
N TYR G 107 -3.37 41.33 -13.71
CA TYR G 107 -2.98 42.68 -14.05
C TYR G 107 -1.50 42.75 -14.39
N TRP G 108 -1.16 42.57 -15.66
CA TRP G 108 0.21 42.77 -16.11
C TRP G 108 0.33 43.90 -17.12
N PHE G 109 -0.39 43.85 -18.23
CA PHE G 109 -0.47 45.03 -19.06
C PHE G 109 -1.38 46.05 -18.40
N PRO G 110 -0.95 47.30 -18.26
CA PRO G 110 -1.85 48.34 -17.77
C PRO G 110 -2.80 48.78 -18.87
N THR G 111 -3.81 49.53 -18.45
CA THR G 111 -4.66 50.22 -19.41
C THR G 111 -3.94 51.46 -19.92
N LEU G 112 -4.35 51.91 -21.11
CA LEU G 112 -3.76 53.13 -21.65
C LEU G 112 -4.21 54.36 -20.88
N TRP G 113 -5.37 54.30 -20.23
CA TRP G 113 -5.81 55.34 -19.32
C TRP G 113 -5.56 54.92 -17.87
N TYR G 114 -4.29 54.71 -17.56
CA TYR G 114 -3.96 54.44 -16.18
C TYR G 114 -4.03 55.73 -15.37
N PHE G 115 -4.18 55.55 -14.05
CA PHE G 115 -4.24 56.63 -13.06
C PHE G 115 -5.44 57.56 -13.30
N ASP G 116 -6.63 56.95 -13.36
CA ASP G 116 -7.85 57.70 -13.65
C ASP G 116 -8.20 58.71 -12.55
N TYR G 117 -8.50 58.22 -11.37
CA TYR G 117 -8.86 59.05 -10.23
C TYR G 117 -7.86 58.81 -9.12
N TRP G 118 -7.53 59.86 -8.38
CA TRP G 118 -6.58 59.72 -7.28
C TRP G 118 -7.27 60.07 -5.96
N GLY G 119 -6.56 59.82 -4.85
CA GLY G 119 -7.03 60.24 -3.55
C GLY G 119 -6.45 61.57 -3.12
N GLN G 120 -7.05 62.14 -2.08
CA GLN G 120 -6.73 63.52 -1.71
C GLN G 120 -5.34 63.67 -1.10
N GLY G 121 -4.76 62.60 -0.57
CA GLY G 121 -3.40 62.71 -0.06
C GLY G 121 -3.35 62.66 1.46
N THR G 122 -2.25 62.09 1.97
CA THR G 122 -1.97 62.06 3.40
C THR G 122 -0.56 62.60 3.62
N LEU G 123 -0.47 63.79 4.20
CA LEU G 123 0.83 64.35 4.57
C LEU G 123 1.28 63.74 5.88
N VAL G 124 2.56 63.36 5.95
CA VAL G 124 3.13 62.81 7.17
C VAL G 124 4.23 63.75 7.65
N THR G 125 4.59 63.60 8.92
CA THR G 125 5.55 64.48 9.57
C THR G 125 6.50 63.62 10.41
N VAL G 126 7.77 64.01 10.44
CA VAL G 126 8.78 63.35 11.25
C VAL G 126 9.41 64.36 12.19
N SER G 127 10.12 63.84 13.19
CA SER G 127 10.82 64.69 14.16
C SER G 127 12.17 64.09 14.53
N SER H 1 16.71 57.61 -13.03
CA SER H 1 15.42 56.95 -13.18
C SER H 1 14.30 57.98 -13.22
N ALA H 2 14.35 58.88 -14.20
CA ALA H 2 13.35 59.93 -14.32
C ALA H 2 13.28 60.38 -15.77
N LEU H 3 12.27 61.19 -16.05
CA LEU H 3 12.18 61.91 -17.32
C LEU H 3 12.62 63.35 -17.10
N THR H 4 12.96 64.02 -18.21
CA THR H 4 13.74 65.26 -18.12
C THR H 4 12.99 66.39 -18.85
N GLN H 5 11.73 66.59 -18.44
CA GLN H 5 11.02 67.79 -18.84
C GLN H 5 11.61 69.00 -18.12
N PRO H 6 11.57 70.20 -18.75
CA PRO H 6 12.29 71.35 -18.17
C PRO H 6 11.66 71.90 -16.90
N ALA H 7 12.34 72.89 -16.30
CA ALA H 7 11.96 73.37 -14.98
C ALA H 7 10.68 74.20 -15.02
N SER H 8 10.64 75.20 -15.89
CA SER H 8 9.45 76.04 -16.00
C SER H 8 9.38 76.64 -17.39
N VAL H 9 8.16 76.87 -17.85
CA VAL H 9 7.89 77.58 -19.09
C VAL H 9 6.86 78.66 -18.80
N SER H 10 6.68 79.56 -19.76
CA SER H 10 5.75 80.66 -19.63
C SER H 10 5.21 81.01 -21.01
N GLY H 11 4.32 82.01 -21.04
CA GLY H 11 3.74 82.46 -22.29
C GLY H 11 2.56 83.40 -22.07
N SER H 12 2.31 84.25 -23.06
CA SER H 12 1.18 85.15 -22.99
C SER H 12 -0.13 84.36 -23.15
N PRO H 13 -1.21 84.80 -22.48
CA PRO H 13 -2.49 84.09 -22.63
C PRO H 13 -3.09 84.24 -24.01
N GLY H 14 -3.05 83.17 -24.79
CA GLY H 14 -3.57 83.20 -26.15
C GLY H 14 -2.73 82.43 -27.14
N GLN H 15 -1.49 82.14 -26.79
CA GLN H 15 -0.55 81.49 -27.70
C GLN H 15 -0.15 80.12 -27.16
N SER H 16 0.58 79.38 -27.99
CA SER H 16 0.88 77.98 -27.72
C SER H 16 2.17 77.82 -26.94
N ILE H 17 2.18 76.83 -26.04
CA ILE H 17 3.32 76.52 -25.19
C ILE H 17 3.54 75.01 -25.22
N THR H 18 4.72 74.58 -25.65
CA THR H 18 5.06 73.17 -25.72
C THR H 18 5.86 72.76 -24.48
N ILE H 19 5.41 71.69 -23.82
CA ILE H 19 6.14 71.06 -22.73
C ILE H 19 6.52 69.67 -23.20
N SER H 20 7.82 69.38 -23.21
CA SER H 20 8.33 68.15 -23.80
C SER H 20 9.07 67.31 -22.76
N CYS H 21 8.87 66.00 -22.82
CA CYS H 21 9.56 65.05 -21.97
C CYS H 21 10.52 64.22 -22.80
N THR H 22 11.71 63.99 -22.27
CA THR H 22 12.74 63.19 -22.93
C THR H 22 13.03 61.97 -22.09
N GLY H 23 13.12 60.81 -22.73
CA GLY H 23 13.43 59.58 -22.04
C GLY H 23 14.03 58.56 -22.99
N THR H 24 14.45 57.43 -22.40
CA THR H 24 15.11 56.38 -23.17
C THR H 24 14.08 55.54 -23.91
N SER H 25 14.53 54.48 -24.57
CA SER H 25 13.64 53.60 -25.32
C SER H 25 13.05 52.49 -24.46
N SER H 26 13.26 52.54 -23.15
CA SER H 26 12.61 51.57 -22.27
C SER H 26 11.15 51.89 -22.03
N ASP H 27 10.78 53.16 -22.15
CA ASP H 27 9.43 53.59 -21.81
C ASP H 27 8.74 54.40 -22.90
N VAL H 28 9.47 55.26 -23.59
CA VAL H 28 8.88 56.23 -24.51
C VAL H 28 9.26 55.92 -25.95
N GLY H 29 10.51 55.51 -26.19
CA GLY H 29 10.96 55.26 -27.55
C GLY H 29 10.36 54.04 -28.19
N GLY H 30 9.90 53.08 -27.39
CA GLY H 30 9.22 51.94 -27.96
C GLY H 30 7.72 51.97 -27.72
N PHE H 31 7.31 52.32 -26.51
CA PHE H 31 5.92 52.21 -26.11
C PHE H 31 5.18 53.52 -26.33
N ASN H 32 3.85 53.44 -26.28
CA ASN H 32 2.98 54.59 -26.45
C ASN H 32 2.34 55.03 -25.14
N TYR H 33 2.76 54.47 -24.01
CA TYR H 33 2.32 54.97 -22.71
C TYR H 33 3.17 56.18 -22.35
N VAL H 34 2.71 57.36 -22.70
CA VAL H 34 3.27 58.61 -22.17
C VAL H 34 2.12 59.55 -21.82
N SER H 35 1.74 59.56 -20.54
CA SER H 35 0.57 60.30 -20.11
C SER H 35 0.98 61.67 -19.58
N TRP H 36 -0.01 62.54 -19.41
CA TRP H 36 0.23 63.91 -18.99
C TRP H 36 -0.72 64.27 -17.86
N PHE H 37 -0.15 64.76 -16.77
CA PHE H 37 -0.88 65.13 -15.57
C PHE H 37 -0.63 66.58 -15.26
N GLN H 38 -1.63 67.25 -14.67
CA GLN H 38 -1.41 68.57 -14.09
C GLN H 38 -1.99 68.59 -12.69
N GLN H 39 -1.37 69.38 -11.83
CA GLN H 39 -1.91 69.63 -10.51
C GLN H 39 -1.92 71.12 -10.24
N HIS H 40 -3.03 71.59 -9.71
CA HIS H 40 -3.11 72.94 -9.20
C HIS H 40 -2.60 72.93 -7.77
N PRO H 41 -2.08 74.06 -7.24
CA PRO H 41 -1.38 74.02 -5.95
C PRO H 41 -2.25 73.79 -4.71
N GLY H 42 -3.52 73.45 -4.88
CA GLY H 42 -4.30 72.95 -3.78
C GLY H 42 -3.85 71.57 -3.35
N LYS H 43 -4.18 70.55 -4.14
CA LYS H 43 -3.81 69.16 -3.84
C LYS H 43 -3.86 68.35 -5.14
N ALA H 44 -4.01 67.02 -4.99
CA ALA H 44 -3.79 65.89 -5.90
C ALA H 44 -4.13 66.14 -7.37
N PRO H 45 -3.33 65.62 -8.29
CA PRO H 45 -3.47 65.96 -9.71
C PRO H 45 -4.67 65.28 -10.37
N LYS H 46 -4.75 65.49 -11.68
CA LYS H 46 -5.85 65.01 -12.52
C LYS H 46 -5.26 64.43 -13.79
N LEU H 47 -5.78 63.28 -14.21
CA LEU H 47 -5.39 62.70 -15.48
C LEU H 47 -5.88 63.58 -16.62
N MET H 48 -4.96 64.10 -17.41
CA MET H 48 -5.26 65.15 -18.36
C MET H 48 -5.08 64.75 -19.81
N LEU H 49 -4.19 63.82 -20.12
CA LEU H 49 -4.02 63.37 -21.49
C LEU H 49 -3.53 61.93 -21.50
N TYR H 50 -4.11 61.13 -22.39
CA TYR H 50 -3.86 59.69 -22.50
C TYR H 50 -2.58 59.39 -23.25
N ASP H 51 -2.53 58.19 -23.85
CA ASP H 51 -1.35 57.54 -24.42
C ASP H 51 -0.40 58.45 -25.22
N VAL H 52 -0.84 59.01 -26.33
CA VAL H 52 -0.04 60.01 -27.02
C VAL H 52 -0.89 61.26 -27.30
N THR H 53 -2.08 61.05 -27.88
CA THR H 53 -2.92 62.13 -28.34
C THR H 53 -4.31 62.15 -27.71
N SER H 54 -4.75 61.05 -27.11
CA SER H 54 -6.11 60.97 -26.61
C SER H 54 -6.25 61.71 -25.29
N ARG H 55 -7.48 62.06 -24.95
CA ARG H 55 -7.75 62.83 -23.76
C ARG H 55 -8.96 62.26 -23.03
N PRO H 56 -9.06 62.49 -21.72
CA PRO H 56 -10.30 62.15 -20.99
C PRO H 56 -11.48 62.99 -21.44
N SER H 57 -12.66 62.56 -21.03
CA SER H 57 -13.86 63.38 -21.22
C SER H 57 -13.86 64.52 -20.21
N GLY H 58 -14.12 65.73 -20.70
CA GLY H 58 -14.05 66.90 -19.86
C GLY H 58 -12.77 67.71 -20.01
N VAL H 59 -11.84 67.24 -20.83
CA VAL H 59 -10.62 67.97 -21.13
C VAL H 59 -10.91 68.93 -22.28
N SER H 60 -10.48 70.17 -22.15
CA SER H 60 -11.08 71.26 -22.92
C SER H 60 -10.56 71.39 -24.35
N SER H 61 -10.52 70.27 -25.10
CA SER H 61 -10.44 70.19 -26.56
C SER H 61 -9.24 70.90 -27.18
N ARG H 62 -8.26 71.29 -26.39
CA ARG H 62 -7.14 72.09 -26.88
C ARG H 62 -5.79 71.55 -26.46
N PHE H 63 -5.74 70.63 -25.51
CA PHE H 63 -4.50 69.97 -25.15
C PHE H 63 -4.19 68.92 -26.20
N SER H 64 -2.96 68.92 -26.70
CA SER H 64 -2.57 68.01 -27.75
C SER H 64 -1.24 67.36 -27.38
N GLY H 65 -0.95 66.24 -28.04
CA GLY H 65 0.28 65.52 -27.79
C GLY H 65 0.83 64.93 -29.06
N SER H 66 2.11 64.59 -29.00
CA SER H 66 2.79 63.89 -30.08
C SER H 66 3.96 63.12 -29.46
N LYS H 67 4.68 62.40 -30.31
CA LYS H 67 5.88 61.68 -29.86
C LYS H 67 6.77 61.52 -31.08
N SER H 68 8.01 61.99 -30.97
CA SER H 68 8.94 62.07 -32.09
C SER H 68 10.12 61.12 -31.89
N GLY H 69 9.85 59.91 -31.44
CA GLY H 69 10.91 58.97 -31.13
C GLY H 69 11.10 58.83 -29.64
N ASN H 70 12.14 59.45 -29.10
CA ASN H 70 12.45 59.39 -27.68
C ASN H 70 11.94 60.61 -26.93
N THR H 71 11.04 61.39 -27.52
CA THR H 71 10.60 62.64 -26.92
C THR H 71 9.14 62.89 -27.26
N ALA H 72 8.32 63.10 -26.21
CA ALA H 72 6.91 63.38 -26.36
C ALA H 72 6.61 64.77 -25.82
N SER H 73 5.72 65.49 -26.51
CA SER H 73 5.49 66.91 -26.25
C SER H 73 4.03 67.16 -25.88
N LEU H 74 3.81 68.22 -25.11
CA LEU H 74 2.48 68.65 -24.68
C LEU H 74 2.31 70.13 -25.03
N THR H 75 1.43 70.40 -26.00
CA THR H 75 1.16 71.78 -26.38
C THR H 75 -0.24 72.18 -25.92
N ILE H 76 -0.41 73.49 -25.70
CA ILE H 76 -1.66 74.07 -25.20
C ILE H 76 -2.04 75.17 -26.17
N SER H 77 -2.99 74.89 -27.05
CA SER H 77 -3.49 75.90 -27.98
C SER H 77 -4.52 76.77 -27.28
N GLY H 78 -4.39 78.09 -27.43
CA GLY H 78 -5.31 79.01 -26.80
C GLY H 78 -5.15 79.07 -25.30
N LEU H 79 -4.01 79.60 -24.85
CA LEU H 79 -3.72 79.65 -23.42
C LEU H 79 -4.62 80.65 -22.71
N GLN H 80 -5.12 80.24 -21.54
CA GLN H 80 -5.79 81.15 -20.62
C GLN H 80 -5.09 81.09 -19.27
N ALA H 81 -5.55 81.91 -18.33
CA ALA H 81 -4.91 82.00 -17.03
C ALA H 81 -5.40 80.94 -16.05
N GLU H 82 -6.29 80.05 -16.47
CA GLU H 82 -6.74 78.97 -15.60
C GLU H 82 -5.71 77.85 -15.53
N ASP H 83 -4.90 77.70 -16.58
CA ASP H 83 -4.06 76.51 -16.76
C ASP H 83 -2.70 76.63 -16.10
N GLU H 84 -2.53 77.53 -15.14
CA GLU H 84 -1.26 77.58 -14.39
C GLU H 84 -1.23 76.41 -13.42
N ALA H 85 -0.45 75.39 -13.77
CA ALA H 85 -0.45 74.13 -13.03
C ALA H 85 0.89 73.45 -13.20
N ASP H 86 1.19 72.52 -12.30
CA ASP H 86 2.42 71.76 -12.34
C ASP H 86 2.23 70.57 -13.28
N TYR H 87 2.78 70.66 -14.48
CA TYR H 87 2.60 69.62 -15.48
C TYR H 87 3.62 68.52 -15.29
N TYR H 88 3.13 67.28 -15.21
CA TYR H 88 3.93 66.10 -14.94
C TYR H 88 3.80 65.13 -16.10
N CYS H 89 4.32 63.92 -15.90
CA CYS H 89 4.29 62.91 -16.95
C CYS H 89 4.32 61.53 -16.31
N SER H 90 4.07 60.52 -17.14
CA SER H 90 4.13 59.14 -16.70
C SER H 90 4.45 58.27 -17.90
N SER H 91 5.08 57.12 -17.64
CA SER H 91 5.43 56.21 -18.73
C SER H 91 5.56 54.80 -18.18
N HIS H 92 4.82 53.86 -18.76
CA HIS H 92 5.00 52.46 -18.43
C HIS H 92 6.25 51.95 -19.11
N THR H 93 7.26 51.58 -18.32
CA THR H 93 8.52 51.11 -18.87
C THR H 93 8.36 49.69 -19.42
N SER H 94 9.43 49.20 -20.05
CA SER H 94 9.43 47.82 -20.50
C SER H 94 9.60 46.83 -19.36
N ARG H 95 10.19 47.27 -18.25
CA ARG H 95 10.34 46.43 -17.07
C ARG H 95 9.00 46.16 -16.39
N GLY H 96 8.01 47.01 -16.60
CA GLY H 96 6.75 46.95 -15.90
C GLY H 96 6.51 48.11 -14.97
N THR H 97 7.54 48.90 -14.70
CA THR H 97 7.47 50.01 -13.76
C THR H 97 7.01 51.29 -14.44
N TRP H 98 6.56 52.24 -13.63
CA TRP H 98 6.24 53.58 -14.10
C TRP H 98 7.30 54.58 -13.65
N VAL H 99 7.62 55.51 -14.54
CA VAL H 99 8.51 56.60 -14.19
C VAL H 99 7.75 57.89 -14.44
N PHE H 100 8.31 59.01 -14.00
CA PHE H 100 7.61 60.29 -13.95
C PHE H 100 8.50 61.37 -14.53
N GLY H 101 7.91 62.51 -14.83
CA GLY H 101 8.66 63.63 -15.32
C GLY H 101 9.30 64.43 -14.21
N GLY H 102 10.27 65.27 -14.60
CA GLY H 102 11.05 66.02 -13.63
C GLY H 102 10.28 67.13 -12.93
N GLY H 103 9.24 67.66 -13.56
CA GLY H 103 8.46 68.72 -12.96
C GLY H 103 8.49 70.01 -13.74
N THR H 104 7.37 70.35 -14.37
CA THR H 104 7.22 71.58 -15.15
C THR H 104 6.03 72.36 -14.64
N LYS H 105 6.25 73.62 -14.27
CA LYS H 105 5.17 74.51 -13.88
C LYS H 105 4.91 75.51 -14.99
N LEU H 106 3.82 76.27 -14.84
CA LEU H 106 3.38 77.16 -15.90
C LEU H 106 2.91 78.48 -15.32
N THR H 107 3.36 79.58 -15.92
CA THR H 107 2.91 80.91 -15.59
C THR H 107 2.38 81.60 -16.85
N VAL H 108 1.46 82.54 -16.64
CA VAL H 108 0.79 83.20 -17.75
C VAL H 108 1.04 84.71 -17.78
N LEU H 109 1.41 85.34 -16.67
CA LEU H 109 1.60 86.78 -16.65
C LEU H 109 3.05 87.14 -16.31
N GLU I 1 36.21 -7.30 36.09
CA GLU I 1 36.91 -6.10 35.65
C GLU I 1 35.93 -5.15 34.94
N VAL I 2 34.67 -5.55 34.88
CA VAL I 2 33.60 -4.75 34.30
C VAL I 2 32.82 -4.10 35.45
N GLN I 3 32.81 -2.78 35.50
CA GLN I 3 32.19 -2.05 36.59
C GLN I 3 31.24 -1.00 36.02
N LEU I 4 30.03 -0.94 36.58
CA LEU I 4 29.00 0.01 36.16
C LEU I 4 28.53 0.76 37.40
N VAL I 5 29.06 1.96 37.61
CA VAL I 5 28.72 2.76 38.77
C VAL I 5 27.63 3.76 38.41
N GLU I 6 26.91 4.23 39.43
CA GLU I 6 25.77 5.11 39.24
C GLU I 6 25.93 6.38 40.08
N SER I 7 24.86 7.17 40.15
CA SER I 7 24.80 8.36 40.97
C SER I 7 23.39 8.47 41.55
N GLY I 8 23.31 8.91 42.80
CA GLY I 8 22.05 8.89 43.54
C GLY I 8 21.45 10.28 43.71
N ALA I 9 20.15 10.38 43.45
CA ALA I 9 19.37 11.56 43.76
C ALA I 9 18.78 11.43 45.16
N GLU I 10 18.71 12.56 45.88
CA GLU I 10 18.35 12.48 47.30
C GLU I 10 16.84 12.39 47.51
N VAL I 11 16.13 13.47 47.21
CA VAL I 11 14.69 13.60 47.48
C VAL I 11 14.08 14.44 46.37
N LYS I 12 13.08 13.91 45.69
CA LYS I 12 12.37 14.65 44.66
C LYS I 12 10.88 14.68 45.02
N LYS I 13 10.34 15.89 45.14
CA LYS I 13 8.92 16.07 45.37
C LYS I 13 8.14 15.72 44.11
N PRO I 14 6.85 15.37 44.25
CA PRO I 14 6.04 15.04 43.06
C PRO I 14 5.84 16.24 42.14
N GLY I 15 6.14 16.01 40.85
CA GLY I 15 6.04 17.03 39.82
C GLY I 15 7.37 17.33 39.15
N ALA I 16 8.46 17.25 39.90
CA ALA I 16 9.77 17.59 39.37
C ALA I 16 10.33 16.44 38.53
N SER I 17 11.13 16.81 37.52
CA SER I 17 11.81 15.84 36.69
C SER I 17 13.08 15.37 37.37
N VAL I 18 13.36 14.08 37.26
CA VAL I 18 14.54 13.47 37.86
C VAL I 18 15.27 12.67 36.80
N LYS I 19 16.59 12.68 36.84
CA LYS I 19 17.40 11.89 35.92
C LYS I 19 18.51 11.20 36.70
N VAL I 20 18.83 9.98 36.30
CA VAL I 20 19.92 9.23 36.90
C VAL I 20 20.94 8.91 35.80
N SER I 21 22.13 8.53 36.23
CA SER I 21 23.22 8.27 35.31
C SER I 21 23.93 6.97 35.69
N CYS I 22 24.42 6.27 34.67
CA CYS I 22 25.25 5.10 34.85
C CYS I 22 26.53 5.28 34.06
N LYS I 23 27.66 4.96 34.66
CA LYS I 23 28.96 5.09 34.01
C LYS I 23 29.41 3.67 33.67
N ALA I 24 29.14 3.26 32.43
CA ALA I 24 29.52 1.94 31.96
C ALA I 24 31.01 1.92 31.67
N SER I 25 31.75 1.07 32.41
CA SER I 25 33.19 0.97 32.26
C SER I 25 33.60 -0.48 32.12
N GLY I 26 34.63 -0.73 31.32
CA GLY I 26 35.17 -2.05 31.14
C GLY I 26 34.89 -2.69 29.80
N TYR I 27 34.14 -2.03 28.92
CA TYR I 27 33.81 -2.60 27.62
C TYR I 27 33.52 -1.48 26.63
N THR I 28 33.38 -1.88 25.37
CA THR I 28 33.03 -0.93 24.30
C THR I 28 31.58 -0.50 24.47
N PHE I 29 31.37 0.77 24.80
CA PHE I 29 30.04 1.27 25.15
C PHE I 29 29.12 1.33 23.93
N THR I 30 29.67 1.48 22.74
CA THR I 30 28.85 1.67 21.56
C THR I 30 28.29 0.36 20.98
N SER I 31 28.73 -0.79 21.48
CA SER I 31 28.30 -2.07 20.93
C SER I 31 27.58 -2.91 21.98
N TYR I 32 26.93 -2.25 22.93
CA TYR I 32 26.14 -2.92 23.96
C TYR I 32 24.93 -2.04 24.26
N ALA I 33 23.76 -2.66 24.42
CA ALA I 33 22.56 -1.91 24.73
C ALA I 33 22.56 -1.51 26.20
N MET I 34 21.50 -0.82 26.62
CA MET I 34 21.43 -0.34 28.00
C MET I 34 19.98 -0.32 28.44
N HIS I 35 19.60 -1.26 29.30
CA HIS I 35 18.25 -1.38 29.80
C HIS I 35 18.14 -0.77 31.19
N TRP I 36 16.90 -0.49 31.59
CA TRP I 36 16.61 0.10 32.88
C TRP I 36 15.45 -0.65 33.52
N VAL I 37 15.67 -1.21 34.71
CA VAL I 37 14.61 -1.80 35.49
C VAL I 37 14.52 -1.04 36.81
N ARG I 38 13.39 -1.23 37.49
CA ARG I 38 13.11 -0.57 38.76
C ARG I 38 12.58 -1.59 39.75
N GLN I 39 12.71 -1.27 41.04
CA GLN I 39 12.22 -2.13 42.10
C GLN I 39 11.84 -1.27 43.30
N ALA I 40 10.55 -1.23 43.61
CA ALA I 40 10.11 -0.66 44.86
C ALA I 40 10.48 -1.61 46.00
N PRO I 41 10.70 -1.09 47.22
CA PRO I 41 11.11 -1.98 48.33
C PRO I 41 10.02 -2.95 48.77
N GLY I 42 10.21 -4.22 48.44
CA GLY I 42 9.23 -5.25 48.76
C GLY I 42 8.26 -5.58 47.65
N GLN I 43 8.58 -5.27 46.40
CA GLN I 43 7.69 -5.51 45.27
C GLN I 43 8.52 -6.08 44.12
N ARG I 44 7.94 -6.06 42.93
CA ARG I 44 8.47 -6.78 41.79
C ARG I 44 9.60 -6.00 41.12
N LEU I 45 10.05 -6.53 39.99
CA LEU I 45 10.88 -5.82 39.03
C LEU I 45 10.02 -5.55 37.80
N GLU I 46 9.74 -4.29 37.51
CA GLU I 46 9.16 -4.02 36.21
C GLU I 46 10.17 -3.30 35.33
N TRP I 47 9.96 -3.40 34.01
CA TRP I 47 10.98 -3.06 33.02
C TRP I 47 10.69 -1.67 32.44
N MET I 48 11.58 -0.72 32.73
CA MET I 48 11.43 0.64 32.24
C MET I 48 12.19 0.90 30.95
N GLY I 49 13.15 0.04 30.63
CA GLY I 49 14.24 0.43 29.77
C GLY I 49 13.90 0.54 28.30
N TRP I 50 14.91 0.95 27.55
CA TRP I 50 14.87 1.09 26.10
C TRP I 50 16.10 0.41 25.52
N ILE I 51 16.22 0.43 24.19
CA ILE I 51 17.25 -0.35 23.53
C ILE I 51 18.29 0.55 22.86
N ASN I 52 19.35 0.87 23.61
CA ASN I 52 20.41 1.70 23.06
C ASN I 52 21.31 0.88 22.13
N ALA I 53 22.13 1.61 21.39
CA ALA I 53 23.16 1.04 20.52
C ALA I 53 24.18 2.15 20.27
N GLY I 54 25.01 1.96 19.24
CA GLY I 54 25.63 3.12 18.61
C GLY I 54 24.66 3.96 17.82
N ASN I 55 23.51 3.38 17.45
CA ASN I 55 22.45 4.13 16.77
C ASN I 55 21.77 5.10 17.72
N GLY I 56 21.34 4.61 18.87
CA GLY I 56 20.60 5.43 19.81
C GLY I 56 19.10 5.25 19.76
N ASN I 57 18.63 4.07 19.35
CA ASN I 57 17.19 3.83 19.24
C ASN I 57 16.56 3.64 20.61
N THR I 58 15.24 3.50 20.63
CA THR I 58 14.48 3.34 21.85
C THR I 58 13.40 2.28 21.67
N LYS I 59 13.00 1.68 22.80
CA LYS I 59 11.80 0.86 22.87
C LYS I 59 11.28 0.99 24.30
N TYR I 60 10.32 1.87 24.52
CA TYR I 60 9.86 2.16 25.86
C TYR I 60 8.84 1.11 26.30
N SER I 61 8.53 1.13 27.60
CA SER I 61 7.50 0.26 28.14
C SER I 61 6.12 0.76 27.73
N GLN I 62 5.17 -0.18 27.65
CA GLN I 62 3.80 0.16 27.29
C GLN I 62 3.11 0.96 28.40
N LYS I 63 3.56 0.79 29.65
CA LYS I 63 2.91 1.43 30.78
C LYS I 63 3.13 2.93 30.79
N PHE I 64 4.36 3.37 30.54
CA PHE I 64 4.72 4.79 30.61
C PHE I 64 5.60 5.20 29.44
N GLN I 65 5.16 4.87 28.22
CA GLN I 65 5.85 5.31 27.01
C GLN I 65 5.80 6.83 26.88
N ASP I 66 4.71 7.45 27.32
CA ASP I 66 4.54 8.90 27.25
C ASP I 66 5.11 9.62 28.48
N ARG I 67 6.01 8.98 29.22
CA ARG I 67 6.54 9.54 30.45
C ARG I 67 8.04 9.75 30.42
N VAL I 68 8.80 8.79 29.90
CA VAL I 68 10.26 8.83 29.92
C VAL I 68 10.79 9.24 28.56
N THR I 69 12.01 9.79 28.56
CA THR I 69 12.77 10.07 27.36
C THR I 69 14.24 9.83 27.66
N ILE I 70 15.09 10.04 26.65
CA ILE I 70 16.49 9.64 26.73
C ILE I 70 17.41 10.81 26.42
N THR I 71 18.69 10.60 26.74
CA THR I 71 19.83 11.19 26.07
C THR I 71 21.03 10.32 26.41
N ARG I 72 22.07 10.41 25.57
CA ARG I 72 23.30 9.67 25.81
C ARG I 72 24.44 10.37 25.10
N ASP I 73 25.65 10.07 25.53
CA ASP I 73 26.87 10.55 24.86
C ASP I 73 27.97 9.51 25.01
N THR I 74 28.41 8.95 23.90
CA THR I 74 29.44 7.93 23.90
C THR I 74 30.82 8.51 24.17
N SER I 75 30.99 9.82 24.02
CA SER I 75 32.25 10.47 24.38
C SER I 75 32.47 10.45 25.89
N ALA I 76 31.40 10.40 26.67
CA ALA I 76 31.49 10.25 28.12
C ALA I 76 31.23 8.82 28.56
N SER I 77 30.78 7.95 27.65
CA SER I 77 30.50 6.53 27.90
C SER I 77 29.47 6.34 29.03
N THR I 78 28.49 7.24 29.07
CA THR I 78 27.42 7.20 30.05
C THR I 78 26.08 7.27 29.34
N ALA I 79 25.11 6.52 29.87
CA ALA I 79 23.74 6.52 29.38
C ALA I 79 22.85 7.18 30.41
N TYR I 80 21.93 8.03 29.96
CA TYR I 80 21.13 8.84 30.86
C TYR I 80 19.66 8.47 30.75
N MET I 81 19.05 8.21 31.90
CA MET I 81 17.60 8.12 32.08
C MET I 81 17.05 9.53 32.19
N GLU I 82 15.77 9.71 31.83
CA GLU I 82 15.09 10.97 32.09
C GLU I 82 13.63 10.65 32.46
N LEU I 83 13.34 10.72 33.76
CA LEU I 83 12.00 10.45 34.28
C LEU I 83 11.40 11.77 34.75
N SER I 84 10.56 12.37 33.91
CA SER I 84 9.80 13.54 34.30
C SER I 84 8.44 13.13 34.85
N SER I 85 7.75 14.10 35.44
CA SER I 85 6.45 13.94 36.09
C SER I 85 6.48 12.84 37.17
N LEU I 86 7.31 13.09 38.18
CA LEU I 86 7.45 12.17 39.30
C LEU I 86 6.17 12.20 40.14
N ARG I 87 5.76 11.04 40.62
CA ARG I 87 4.49 10.91 41.34
C ARG I 87 4.71 10.31 42.73
N SER I 88 3.61 10.05 43.43
CA SER I 88 3.70 9.67 44.84
C SER I 88 4.11 8.23 45.02
N GLU I 89 3.70 7.34 44.10
CA GLU I 89 3.99 5.92 44.20
C GLU I 89 5.31 5.54 43.55
N ASP I 90 6.09 6.52 43.09
CA ASP I 90 7.25 6.27 42.25
C ASP I 90 8.54 6.18 43.07
N THR I 91 8.44 5.90 44.36
CA THR I 91 9.62 5.65 45.19
C THR I 91 10.13 4.25 44.91
N ALA I 92 11.24 4.16 44.18
CA ALA I 92 11.78 2.87 43.80
C ALA I 92 13.28 2.98 43.58
N ILE I 93 13.94 1.82 43.60
CA ILE I 93 15.36 1.73 43.33
C ILE I 93 15.54 1.42 41.84
N TYR I 94 16.36 2.22 41.16
CA TYR I 94 16.51 2.12 39.71
C TYR I 94 17.84 1.44 39.40
N TYR I 95 17.77 0.24 38.85
CA TYR I 95 18.95 -0.54 38.53
C TYR I 95 19.36 -0.30 37.08
N CYS I 96 20.66 -0.45 36.83
CA CYS I 96 21.21 -0.40 35.49
C CYS I 96 21.31 -1.80 34.91
N ALA I 97 21.27 -1.90 33.59
CA ALA I 97 21.21 -3.21 32.95
C ALA I 97 21.76 -3.11 31.53
N ARG I 98 22.61 -4.06 31.16
CA ARG I 98 23.22 -4.11 29.84
C ARG I 98 22.91 -5.45 29.18
N ASP I 99 22.92 -5.45 27.85
CA ASP I 99 23.07 -6.66 27.04
C ASP I 99 23.61 -6.24 25.68
N LYS I 100 24.00 -7.23 24.88
CA LYS I 100 24.77 -6.96 23.67
C LYS I 100 23.88 -6.83 22.46
N VAL I 101 24.14 -5.79 21.65
CA VAL I 101 23.46 -5.57 20.39
C VAL I 101 24.03 -6.55 19.35
N ASP I 102 23.38 -6.62 18.20
CA ASP I 102 23.82 -7.47 17.10
C ASP I 102 25.14 -6.95 16.53
N ASP I 103 25.84 -7.82 15.80
CA ASP I 103 27.05 -7.43 15.08
C ASP I 103 26.77 -6.48 13.92
N TYR I 104 25.52 -6.35 13.50
CA TYR I 104 25.13 -5.42 12.46
C TYR I 104 24.74 -4.05 13.02
N GLY I 105 25.13 -3.76 14.26
CA GLY I 105 24.86 -2.49 14.90
C GLY I 105 23.50 -2.35 15.56
N ASP I 106 22.46 -2.88 14.92
CA ASP I 106 21.10 -2.74 15.40
C ASP I 106 20.84 -3.67 16.59
N TYR I 107 19.71 -3.45 17.25
CA TYR I 107 19.27 -4.30 18.36
C TYR I 107 17.91 -4.85 17.97
N TRP I 108 17.90 -5.96 17.23
CA TRP I 108 16.67 -6.63 16.85
C TRP I 108 16.35 -7.79 17.79
N PHE I 109 17.23 -8.78 17.86
CA PHE I 109 16.98 -9.78 18.89
C PHE I 109 17.99 -9.65 20.00
N PRO I 110 17.56 -9.84 21.25
CA PRO I 110 18.51 -9.82 22.37
C PRO I 110 19.37 -11.07 22.36
N THR I 111 20.46 -10.99 23.12
CA THR I 111 21.26 -12.18 23.39
C THR I 111 20.50 -13.11 24.33
N LEU I 112 20.96 -14.35 24.41
CA LEU I 112 20.30 -15.32 25.27
C LEU I 112 20.50 -14.96 26.73
N TRP I 113 21.71 -14.54 27.09
CA TRP I 113 21.94 -13.90 28.38
C TRP I 113 21.44 -12.46 28.33
N TYR I 114 20.70 -12.06 29.37
CA TYR I 114 20.35 -10.66 29.37
C TYR I 114 21.31 -9.85 30.21
N PHE I 115 21.25 -10.01 31.52
CA PHE I 115 21.90 -9.06 32.39
C PHE I 115 22.94 -9.84 33.18
N ASP I 116 24.09 -10.06 32.56
CA ASP I 116 25.18 -10.75 33.23
C ASP I 116 25.90 -9.79 34.19
N TYR I 117 26.04 -8.53 33.79
CA TYR I 117 26.70 -7.51 34.58
C TYR I 117 25.71 -6.39 34.86
N TRP I 118 25.76 -5.87 36.09
CA TRP I 118 24.70 -4.98 36.59
C TRP I 118 25.23 -3.64 37.06
N GLY I 119 24.36 -2.85 37.68
CA GLY I 119 24.71 -1.59 38.27
C GLY I 119 24.62 -1.61 39.78
N GLN I 120 24.42 -0.43 40.36
CA GLN I 120 24.33 -0.27 41.80
C GLN I 120 22.89 -0.22 42.29
N GLY I 121 22.08 0.66 41.71
CA GLY I 121 20.74 0.90 42.20
C GLY I 121 20.61 2.28 42.79
N THR I 122 19.74 3.10 42.21
CA THR I 122 19.56 4.49 42.61
C THR I 122 18.21 4.68 43.29
N LEU I 123 18.24 5.12 44.54
CA LEU I 123 17.04 5.30 45.34
C LEU I 123 16.52 6.73 45.20
N VAL I 124 15.23 6.86 44.90
CA VAL I 124 14.53 8.14 44.96
C VAL I 124 13.41 8.00 45.99
N THR I 125 12.99 9.13 46.54
CA THR I 125 11.88 9.18 47.49
C THR I 125 10.95 10.32 47.10
N VAL I 126 9.88 10.48 47.88
CA VAL I 126 8.97 11.61 47.77
C VAL I 126 8.88 12.31 49.12
N SER I 127 8.34 13.52 49.10
CA SER I 127 8.11 14.28 50.33
C SER I 127 7.02 15.34 50.11
N SER J 1 0.28 -7.91 33.01
CA SER J 1 0.81 -8.97 32.14
C SER J 1 2.14 -9.47 32.66
N ALA J 2 2.23 -9.69 33.97
CA ALA J 2 3.43 -10.19 34.61
C ALA J 2 3.32 -11.69 34.81
N LEU J 3 4.45 -12.33 35.06
CA LEU J 3 4.46 -13.77 35.28
C LEU J 3 3.93 -14.11 36.66
N THR J 4 3.69 -15.39 36.90
CA THR J 4 2.85 -15.83 38.01
C THR J 4 3.61 -16.83 38.89
N GLN J 5 4.81 -16.44 39.32
CA GLN J 5 5.48 -17.24 40.34
C GLN J 5 4.93 -16.88 41.72
N PRO J 6 4.90 -17.87 42.66
CA PRO J 6 4.15 -17.65 43.92
C PRO J 6 4.80 -16.70 44.91
N ALA J 7 4.23 -16.65 46.12
CA ALA J 7 4.69 -15.71 47.13
C ALA J 7 6.05 -16.11 47.69
N SER J 8 6.11 -17.29 48.31
CA SER J 8 7.33 -17.73 48.97
C SER J 8 7.39 -19.25 48.98
N VAL J 9 8.54 -19.78 49.41
CA VAL J 9 8.77 -21.21 49.47
C VAL J 9 9.80 -21.46 50.57
N SER J 10 9.72 -22.65 51.17
CA SER J 10 10.57 -23.01 52.29
C SER J 10 11.30 -24.31 52.01
N GLY J 11 12.46 -24.49 52.65
CA GLY J 11 13.22 -25.71 52.48
C GLY J 11 14.26 -25.95 53.56
N SER J 12 14.29 -27.17 54.09
CA SER J 12 15.35 -27.56 55.02
C SER J 12 16.67 -27.71 54.26
N PRO J 13 17.81 -27.47 54.92
CA PRO J 13 19.10 -27.62 54.23
C PRO J 13 19.38 -29.08 53.87
N GLY J 14 19.72 -29.29 52.60
CA GLY J 14 19.90 -30.62 52.06
C GLY J 14 18.77 -31.08 51.16
N GLN J 15 17.63 -30.40 51.20
CA GLN J 15 16.50 -30.75 50.36
C GLN J 15 16.72 -30.30 48.92
N SER J 16 15.80 -30.68 48.05
CA SER J 16 15.82 -30.31 46.64
C SER J 16 14.42 -29.86 46.25
N ILE J 17 14.15 -28.57 46.38
CA ILE J 17 12.83 -28.01 46.15
C ILE J 17 12.81 -27.31 44.81
N THR J 18 11.61 -26.93 44.38
CA THR J 18 11.42 -26.32 43.07
C THR J 18 10.64 -25.01 43.21
N ILE J 19 10.84 -24.13 42.24
CA ILE J 19 10.14 -22.85 42.14
C ILE J 19 9.59 -22.75 40.73
N SER J 20 8.27 -22.59 40.62
CA SER J 20 7.58 -22.60 39.34
C SER J 20 7.09 -21.20 38.98
N CYS J 21 6.82 -21.01 37.69
CA CYS J 21 6.27 -19.76 37.19
C CYS J 21 5.55 -20.03 35.87
N THR J 22 4.34 -19.51 35.73
CA THR J 22 3.56 -19.72 34.53
C THR J 22 3.53 -18.43 33.71
N GLY J 23 2.88 -18.49 32.56
CA GLY J 23 2.80 -17.35 31.68
C GLY J 23 1.87 -17.60 30.51
N THR J 24 2.13 -16.94 29.39
CA THR J 24 1.32 -17.10 28.19
C THR J 24 2.19 -17.61 27.04
N SER J 25 1.56 -17.79 25.88
CA SER J 25 2.23 -18.34 24.70
C SER J 25 3.21 -17.36 24.07
N SER J 26 3.16 -16.08 24.41
CA SER J 26 4.17 -15.14 23.95
C SER J 26 5.31 -14.98 24.96
N ASP J 27 5.02 -15.13 26.24
CA ASP J 27 6.06 -15.01 27.26
C ASP J 27 6.97 -16.23 27.26
N VAL J 28 6.41 -17.40 27.56
CA VAL J 28 7.18 -18.60 27.87
C VAL J 28 6.82 -19.68 26.87
N GLY J 29 5.60 -19.62 26.33
CA GLY J 29 5.00 -20.73 25.60
C GLY J 29 5.65 -21.05 24.27
N GLY J 30 6.31 -20.09 23.65
CA GLY J 30 6.98 -20.38 22.41
C GLY J 30 8.47 -20.20 22.46
N PHE J 31 8.93 -19.23 23.25
CA PHE J 31 10.32 -18.79 23.21
C PHE J 31 11.15 -19.50 24.27
N ASN J 32 12.43 -19.67 23.94
CA ASN J 32 13.41 -20.24 24.86
C ASN J 32 14.11 -19.16 25.67
N TYR J 33 13.45 -18.06 25.97
CA TYR J 33 13.99 -16.98 26.78
C TYR J 33 13.32 -17.03 28.15
N VAL J 34 14.00 -17.61 29.13
CA VAL J 34 13.55 -17.49 30.52
C VAL J 34 14.79 -17.50 31.43
N SER J 35 14.89 -16.47 32.27
CA SER J 35 16.07 -16.31 33.12
C SER J 35 15.62 -16.08 34.54
N TRP J 36 16.56 -16.28 35.47
CA TRP J 36 16.28 -16.20 36.89
C TRP J 36 17.33 -15.31 37.56
N PHE J 37 16.88 -14.54 38.55
CA PHE J 37 17.74 -13.54 39.18
C PHE J 37 17.66 -13.69 40.69
N GLN J 38 18.77 -14.08 41.31
CA GLN J 38 18.87 -14.06 42.76
C GLN J 38 19.26 -12.67 43.23
N GLN J 39 18.58 -12.15 44.24
CA GLN J 39 18.75 -10.78 44.68
C GLN J 39 18.80 -10.77 46.20
N HIS J 40 20.01 -10.73 46.75
CA HIS J 40 20.20 -10.49 48.16
C HIS J 40 19.80 -9.03 48.47
N PRO J 41 19.23 -8.77 49.66
CA PRO J 41 18.55 -7.47 49.86
C PRO J 41 19.46 -6.25 49.88
N GLY J 42 20.70 -6.40 50.35
CA GLY J 42 21.64 -5.30 50.26
C GLY J 42 22.57 -5.46 49.08
N LYS J 43 22.01 -5.85 47.93
CA LYS J 43 22.84 -6.30 46.83
C LYS J 43 22.07 -6.13 45.52
N ALA J 44 22.81 -5.87 44.44
CA ALA J 44 22.25 -5.91 43.10
C ALA J 44 21.84 -7.34 42.76
N PRO J 45 20.82 -7.53 41.92
CA PRO J 45 20.41 -8.89 41.56
C PRO J 45 21.42 -9.56 40.64
N LYS J 46 21.68 -10.84 40.91
CA LYS J 46 22.64 -11.62 40.14
C LYS J 46 21.90 -12.74 39.43
N LEU J 47 22.24 -12.96 38.16
CA LEU J 47 21.49 -13.93 37.37
C LEU J 47 21.97 -15.34 37.69
N MET J 48 21.05 -16.29 37.74
CA MET J 48 21.35 -17.67 38.09
C MET J 48 21.27 -18.62 36.91
N LEU J 49 20.33 -18.40 35.98
CA LEU J 49 20.16 -19.29 34.85
C LEU J 49 19.98 -18.49 33.57
N TYR J 50 20.62 -18.97 32.50
CA TYR J 50 20.41 -18.43 31.17
C TYR J 50 19.17 -19.07 30.54
N ASP J 51 19.12 -19.02 29.20
CA ASP J 51 17.94 -19.12 28.33
C ASP J 51 16.81 -20.06 28.76
N VAL J 52 17.09 -21.33 29.03
CA VAL J 52 16.12 -22.14 29.77
C VAL J 52 16.82 -22.91 30.89
N THR J 53 17.92 -23.58 30.57
CA THR J 53 18.61 -24.46 31.50
C THR J 53 20.10 -24.17 31.62
N SER J 54 20.64 -23.19 30.91
CA SER J 54 22.05 -22.90 30.96
C SER J 54 22.39 -22.10 32.23
N ARG J 55 23.66 -21.70 32.33
CA ARG J 55 24.17 -21.27 33.63
C ARG J 55 25.45 -20.46 33.51
N PRO J 56 25.56 -19.34 34.24
CA PRO J 56 26.77 -18.51 34.14
C PRO J 56 27.98 -19.13 34.82
N SER J 57 29.15 -18.66 34.39
CA SER J 57 30.39 -19.04 35.04
C SER J 57 30.46 -18.40 36.42
N GLY J 58 30.80 -19.21 37.42
CA GLY J 58 30.76 -18.79 38.80
C GLY J 58 29.52 -19.29 39.54
N VAL J 59 28.39 -19.39 38.84
CA VAL J 59 27.20 -19.99 39.42
C VAL J 59 27.42 -21.50 39.53
N SER J 60 27.15 -22.05 40.72
CA SER J 60 27.35 -23.47 40.96
C SER J 60 26.33 -24.29 40.18
N SER J 61 26.65 -25.56 39.96
CA SER J 61 25.77 -26.49 39.26
C SER J 61 24.62 -27.00 40.12
N ARG J 62 24.44 -26.44 41.31
CA ARG J 62 23.27 -26.69 42.13
C ARG J 62 22.00 -26.21 41.46
N PHE J 63 22.08 -25.10 40.72
CA PHE J 63 20.91 -24.50 40.09
C PHE J 63 20.63 -25.13 38.74
N SER J 64 19.36 -25.44 38.49
CA SER J 64 18.92 -25.99 37.23
C SER J 64 17.46 -25.59 37.01
N GLY J 65 16.95 -25.90 35.84
CA GLY J 65 15.57 -25.53 35.52
C GLY J 65 15.16 -26.10 34.19
N SER J 66 13.87 -26.01 33.91
CA SER J 66 13.30 -26.56 32.69
C SER J 66 12.03 -25.78 32.35
N LYS J 67 11.41 -26.16 31.25
CA LYS J 67 10.22 -25.50 30.74
C LYS J 67 9.25 -26.58 30.28
N SER J 68 7.95 -26.35 30.51
CA SER J 68 6.91 -27.32 30.19
C SER J 68 5.76 -26.63 29.45
N GLY J 69 6.12 -25.85 28.43
CA GLY J 69 5.12 -25.10 27.69
C GLY J 69 5.03 -23.67 28.18
N ASN J 70 3.94 -23.34 28.87
CA ASN J 70 3.78 -22.02 29.44
C ASN J 70 4.44 -21.87 30.81
N THR J 71 4.96 -22.96 31.37
CA THR J 71 5.45 -22.97 32.73
C THR J 71 6.94 -23.30 32.76
N ALA J 72 7.72 -22.45 33.42
CA ALA J 72 9.14 -22.68 33.63
C ALA J 72 9.42 -22.92 35.11
N SER J 73 10.47 -23.69 35.39
CA SER J 73 10.77 -24.12 36.75
C SER J 73 12.21 -23.80 37.10
N LEU J 74 12.50 -23.88 38.40
CA LEU J 74 13.87 -23.76 38.92
C LEU J 74 14.00 -24.70 40.11
N THR J 75 14.90 -25.68 40.00
CA THR J 75 15.13 -26.66 41.05
C THR J 75 16.51 -26.43 41.65
N ILE J 76 16.55 -26.21 42.96
CA ILE J 76 17.80 -26.04 43.69
C ILE J 76 18.10 -27.35 44.39
N SER J 77 19.09 -28.08 43.91
CA SER J 77 19.49 -29.34 44.51
C SER J 77 20.55 -29.08 45.57
N GLY J 78 20.30 -29.58 46.78
CA GLY J 78 21.20 -29.32 47.88
C GLY J 78 21.16 -27.89 48.38
N LEU J 79 20.06 -27.52 49.04
CA LEU J 79 19.95 -26.19 49.64
C LEU J 79 20.99 -25.99 50.74
N GLN J 80 21.76 -24.92 50.60
CA GLN J 80 22.69 -24.48 51.63
C GLN J 80 22.07 -23.28 52.35
N ALA J 81 22.85 -22.64 53.21
CA ALA J 81 22.35 -21.50 53.98
C ALA J 81 22.33 -20.21 53.17
N GLU J 82 23.07 -20.15 52.07
CA GLU J 82 23.24 -18.91 51.31
C GLU J 82 22.24 -18.76 50.16
N ASP J 83 21.16 -19.53 50.18
CA ASP J 83 20.07 -19.35 49.22
C ASP J 83 18.92 -18.56 49.80
N GLU J 84 19.21 -17.63 50.71
CA GLU J 84 18.17 -16.84 51.39
C GLU J 84 18.06 -15.51 50.66
N ALA J 85 17.43 -15.56 49.49
CA ALA J 85 17.18 -14.39 48.66
C ALA J 85 16.07 -14.75 47.68
N ASP J 86 15.31 -13.73 47.28
CA ASP J 86 14.19 -13.97 46.38
C ASP J 86 14.67 -14.15 44.95
N TYR J 87 13.95 -14.98 44.21
CA TYR J 87 14.31 -15.33 42.84
C TYR J 87 13.26 -14.73 41.91
N TYR J 88 13.68 -13.78 41.08
CA TYR J 88 12.81 -13.17 40.09
C TYR J 88 13.01 -13.84 38.74
N CYS J 89 11.91 -14.30 38.15
CA CYS J 89 11.93 -14.85 36.81
C CYS J 89 12.02 -13.73 35.77
N SER J 90 12.20 -14.11 34.51
CA SER J 90 12.27 -13.16 33.42
C SER J 90 11.85 -13.84 32.13
N SER J 91 11.47 -13.03 31.15
CA SER J 91 11.05 -13.53 29.85
C SER J 91 11.18 -12.41 28.82
N HIS J 92 10.97 -12.78 27.55
CA HIS J 92 10.97 -11.83 26.45
C HIS J 92 9.81 -12.18 25.55
N THR J 93 8.90 -11.23 25.35
CA THR J 93 7.68 -11.48 24.62
C THR J 93 7.96 -11.58 23.12
N SER J 94 6.93 -12.01 22.38
CA SER J 94 6.96 -11.84 20.94
C SER J 94 6.81 -10.37 20.55
N ARG J 95 6.14 -9.60 21.41
CA ARG J 95 5.89 -8.18 21.18
C ARG J 95 7.17 -7.36 21.21
N GLY J 96 8.19 -7.82 21.94
CA GLY J 96 9.45 -7.13 22.04
C GLY J 96 9.83 -6.70 23.43
N THR J 97 8.97 -6.87 24.41
CA THR J 97 9.19 -6.30 25.74
C THR J 97 9.81 -7.33 26.68
N TRP J 98 9.96 -6.95 27.94
CA TRP J 98 10.55 -7.77 29.00
C TRP J 98 9.62 -7.75 30.20
N VAL J 99 9.36 -8.93 30.78
CA VAL J 99 8.55 -9.04 31.97
C VAL J 99 9.34 -9.80 33.02
N PHE J 100 8.99 -9.57 34.29
CA PHE J 100 9.57 -10.30 35.40
C PHE J 100 8.45 -10.81 36.29
N GLY J 101 8.74 -11.89 37.02
CA GLY J 101 7.75 -12.49 37.91
C GLY J 101 7.56 -11.71 39.19
N GLY J 102 6.74 -12.29 40.08
CA GLY J 102 6.43 -11.62 41.34
C GLY J 102 7.55 -11.72 42.34
N GLY J 103 8.14 -12.91 42.48
CA GLY J 103 9.27 -13.10 43.37
C GLY J 103 8.92 -14.10 44.44
N THR J 104 9.82 -15.07 44.63
CA THR J 104 9.67 -16.12 45.64
C THR J 104 10.83 -16.02 46.60
N LYS J 105 10.61 -15.43 47.77
CA LYS J 105 11.67 -15.39 48.78
C LYS J 105 11.79 -16.78 49.40
N LEU J 106 13.02 -17.26 49.49
CA LEU J 106 13.27 -18.63 49.90
C LEU J 106 13.99 -18.61 51.25
N THR J 107 13.34 -19.17 52.27
CA THR J 107 13.97 -19.35 53.56
C THR J 107 14.61 -20.73 53.62
N VAL J 108 15.60 -20.85 54.50
CA VAL J 108 16.39 -22.07 54.61
C VAL J 108 16.18 -22.79 55.92
N LEU J 109 15.19 -22.39 56.71
CA LEU J 109 14.91 -23.04 57.98
C LEU J 109 13.43 -22.92 58.34
N GLU K 1 -56.01 18.12 13.27
CA GLU K 1 -56.79 16.91 13.50
C GLU K 1 -55.95 15.88 14.22
N VAL K 2 -54.64 16.11 14.27
CA VAL K 2 -53.69 15.19 14.88
C VAL K 2 -53.11 15.86 16.12
N GLN K 3 -53.29 15.23 17.28
CA GLN K 3 -52.81 15.76 18.54
C GLN K 3 -52.05 14.66 19.28
N LEU K 4 -50.88 14.99 19.80
CA LEU K 4 -50.04 14.05 20.54
C LEU K 4 -49.93 14.54 21.99
N VAL K 5 -50.69 13.93 22.88
CA VAL K 5 -50.58 14.23 24.30
C VAL K 5 -49.54 13.29 24.92
N GLU K 6 -49.03 13.66 26.08
CA GLU K 6 -47.94 12.96 26.74
C GLU K 6 -48.35 12.59 28.16
N SER K 7 -47.37 12.14 28.94
CA SER K 7 -47.54 11.85 30.35
C SER K 7 -46.53 12.65 31.16
N GLY K 8 -46.98 13.25 32.26
CA GLY K 8 -46.14 14.14 33.03
C GLY K 8 -45.41 13.45 34.18
N ALA K 9 -44.29 14.07 34.56
CA ALA K 9 -43.47 13.58 35.67
C ALA K 9 -43.30 14.69 36.69
N GLU K 10 -43.45 14.33 37.97
CA GLU K 10 -43.45 15.34 39.03
C GLU K 10 -42.03 15.71 39.46
N VAL K 11 -41.30 14.75 40.02
CA VAL K 11 -39.97 15.02 40.56
C VAL K 11 -39.19 13.70 40.57
N LYS K 12 -37.91 13.78 40.24
CA LYS K 12 -37.05 12.61 40.16
C LYS K 12 -35.75 12.89 40.92
N LYS K 13 -34.89 11.87 40.99
CA LYS K 13 -33.60 11.88 41.62
C LYS K 13 -32.53 11.50 40.61
N PRO K 14 -31.36 12.15 40.62
CA PRO K 14 -30.27 11.73 39.73
C PRO K 14 -29.79 10.31 40.03
N GLY K 15 -29.99 9.42 39.07
CA GLY K 15 -29.78 8.00 39.24
C GLY K 15 -31.04 7.17 39.12
N ALA K 16 -32.21 7.77 39.34
CA ALA K 16 -33.47 7.07 39.24
C ALA K 16 -33.91 6.96 37.77
N SER K 17 -35.12 6.44 37.56
CA SER K 17 -35.63 6.15 36.23
C SER K 17 -36.86 7.01 35.97
N VAL K 18 -36.69 8.08 35.22
CA VAL K 18 -37.81 8.88 34.74
C VAL K 18 -38.49 8.12 33.60
N LYS K 19 -39.77 8.39 33.38
CA LYS K 19 -40.52 7.70 32.33
C LYS K 19 -41.61 8.62 31.80
N VAL K 20 -41.76 8.63 30.48
CA VAL K 20 -42.72 9.50 29.80
C VAL K 20 -43.36 8.72 28.65
N SER K 21 -44.68 8.86 28.50
CA SER K 21 -45.45 8.16 27.48
C SER K 21 -46.02 9.16 26.47
N CYS K 22 -46.73 8.63 25.48
CA CYS K 22 -47.37 9.45 24.46
C CYS K 22 -48.62 8.73 23.97
N LYS K 23 -49.79 9.28 24.28
CA LYS K 23 -51.05 8.75 23.78
C LYS K 23 -51.30 9.37 22.42
N ALA K 24 -51.10 8.59 21.36
CA ALA K 24 -51.31 9.05 19.99
C ALA K 24 -52.63 8.52 19.46
N SER K 25 -53.45 9.43 18.94
CA SER K 25 -54.77 9.05 18.44
C SER K 25 -55.13 9.92 17.25
N GLY K 26 -56.13 9.48 16.50
CA GLY K 26 -56.61 10.17 15.33
C GLY K 26 -56.07 9.66 14.01
N TYR K 27 -55.11 8.75 14.04
CA TYR K 27 -54.49 8.24 12.82
C TYR K 27 -54.05 6.80 13.07
N THR K 28 -53.38 6.22 12.08
CA THR K 28 -52.89 4.85 12.17
C THR K 28 -51.52 4.83 12.83
N PHE K 29 -51.42 4.16 13.98
CA PHE K 29 -50.17 4.09 14.72
C PHE K 29 -49.30 2.91 14.31
N THR K 30 -49.90 1.87 13.72
CA THR K 30 -49.20 0.60 13.47
C THR K 30 -48.17 0.69 12.35
N SER K 31 -48.11 1.79 11.60
CA SER K 31 -47.17 1.86 10.49
C SER K 31 -46.46 3.21 10.37
N TYR K 32 -46.34 3.97 11.46
CA TYR K 32 -45.59 5.23 11.46
C TYR K 32 -44.41 5.12 12.42
N ALA K 33 -43.60 6.18 12.45
CA ALA K 33 -42.43 6.24 13.30
C ALA K 33 -42.61 7.27 14.41
N MET K 34 -41.95 7.02 15.54
CA MET K 34 -42.07 7.85 16.73
C MET K 34 -40.69 8.14 17.28
N HIS K 35 -40.32 9.42 17.31
CA HIS K 35 -39.07 9.87 17.90
C HIS K 35 -39.32 10.51 19.25
N TRP K 36 -38.23 10.80 19.95
CA TRP K 36 -38.27 11.54 21.20
C TRP K 36 -37.07 12.47 21.24
N VAL K 37 -37.29 13.71 21.67
CA VAL K 37 -36.26 14.74 21.62
C VAL K 37 -36.31 15.55 22.92
N ARG K 38 -35.14 15.95 23.41
CA ARG K 38 -35.01 16.71 24.64
C ARG K 38 -34.55 18.11 24.32
N GLN K 39 -35.15 19.10 24.98
CA GLN K 39 -34.78 20.50 24.82
C GLN K 39 -34.42 21.07 26.18
N ALA K 40 -33.12 21.27 26.42
CA ALA K 40 -32.70 22.12 27.52
C ALA K 40 -33.15 23.56 27.24
N PRO K 41 -33.50 24.34 28.30
CA PRO K 41 -34.14 25.65 28.07
C PRO K 41 -33.27 26.67 27.33
N GLY K 42 -33.68 26.98 26.10
CA GLY K 42 -32.90 27.83 25.23
C GLY K 42 -31.71 27.16 24.58
N GLN K 43 -31.72 25.83 24.47
CA GLN K 43 -30.55 25.12 23.98
C GLN K 43 -30.89 24.18 22.81
N ARG K 44 -29.95 23.33 22.45
CA ARG K 44 -30.08 22.47 21.29
C ARG K 44 -31.06 21.33 21.58
N LEU K 45 -31.86 20.98 20.58
CA LEU K 45 -32.79 19.86 20.67
C LEU K 45 -32.01 18.55 20.62
N GLU K 46 -31.73 17.95 21.77
CA GLU K 46 -31.00 16.70 21.77
C GLU K 46 -31.94 15.56 21.41
N TRP K 47 -31.70 14.92 20.26
CA TRP K 47 -32.52 13.86 19.72
C TRP K 47 -32.34 12.56 20.52
N MET K 48 -33.22 12.33 21.50
CA MET K 48 -33.07 11.16 22.37
C MET K 48 -33.58 9.89 21.70
N GLY K 49 -34.87 9.86 21.38
CA GLY K 49 -35.54 8.65 20.95
C GLY K 49 -35.11 8.19 19.58
N TRP K 50 -35.51 6.96 19.25
CA TRP K 50 -34.96 6.23 18.13
C TRP K 50 -36.07 5.95 17.11
N ILE K 51 -35.75 5.15 16.11
CA ILE K 51 -36.68 4.92 14.97
C ILE K 51 -37.57 3.74 15.35
N ASN K 52 -38.65 4.05 16.06
CA ASN K 52 -39.66 3.04 16.32
C ASN K 52 -40.45 2.74 15.05
N ALA K 53 -41.05 1.56 15.03
CA ALA K 53 -41.80 1.09 13.86
C ALA K 53 -42.92 0.18 14.36
N GLY K 54 -43.47 -0.63 13.45
CA GLY K 54 -44.43 -1.64 13.85
C GLY K 54 -43.84 -2.75 14.70
N ASN K 55 -42.53 -2.99 14.58
CA ASN K 55 -41.83 -3.96 15.41
C ASN K 55 -40.86 -3.32 16.40
N GLY K 56 -40.72 -1.99 16.36
CA GLY K 56 -39.87 -1.28 17.31
C GLY K 56 -38.39 -1.51 17.13
N ASN K 57 -37.82 -1.03 16.04
CA ASN K 57 -36.40 -1.14 15.81
C ASN K 57 -35.67 0.01 16.51
N THR K 58 -34.34 0.00 16.41
CA THR K 58 -33.49 0.95 17.12
C THR K 58 -32.47 1.55 16.17
N LYS K 59 -32.01 2.76 16.54
CA LYS K 59 -30.87 3.39 15.89
C LYS K 59 -30.09 4.12 16.98
N TYR K 60 -28.90 3.64 17.28
CA TYR K 60 -28.17 4.03 18.49
C TYR K 60 -27.64 5.46 18.35
N SER K 61 -28.27 6.40 19.05
CA SER K 61 -27.75 7.75 19.15
C SER K 61 -26.51 7.75 20.04
N GLN K 62 -25.45 8.42 19.58
CA GLN K 62 -24.11 8.20 20.14
C GLN K 62 -23.98 8.76 21.55
N LYS K 63 -24.57 9.93 21.83
CA LYS K 63 -24.41 10.54 23.15
C LYS K 63 -25.25 9.84 24.21
N PHE K 64 -26.35 9.19 23.80
CA PHE K 64 -27.26 8.51 24.72
C PHE K 64 -27.33 7.03 24.37
N GLN K 65 -26.19 6.39 24.17
CA GLN K 65 -26.20 5.05 23.61
C GLN K 65 -26.30 3.96 24.68
N ASP K 66 -25.60 4.11 25.80
CA ASP K 66 -25.60 3.10 26.84
C ASP K 66 -26.22 3.66 28.12
N ARG K 67 -27.23 4.51 27.99
CA ARG K 67 -27.94 5.03 29.15
C ARG K 67 -29.45 5.17 28.98
N VAL K 68 -30.01 4.79 27.83
CA VAL K 68 -31.46 4.86 27.65
C VAL K 68 -31.94 3.52 27.09
N THR K 69 -33.14 3.12 27.52
CA THR K 69 -33.82 1.94 26.99
C THR K 69 -35.26 2.32 26.68
N ILE K 70 -35.70 2.11 25.44
CA ILE K 70 -37.04 2.48 25.01
C ILE K 70 -37.79 1.22 24.57
N THR K 71 -39.10 1.26 24.75
CA THR K 71 -40.00 0.18 24.32
C THR K 71 -41.19 0.82 23.62
N ARG K 72 -42.19 0.00 23.28
CA ARG K 72 -43.42 0.47 22.66
C ARG K 72 -44.54 -0.49 23.01
N ASP K 73 -45.74 -0.19 22.52
CA ASP K 73 -46.86 -1.12 22.52
C ASP K 73 -47.85 -0.74 21.43
N THR K 74 -48.59 -1.73 20.95
CA THR K 74 -49.55 -1.55 19.87
C THR K 74 -51.00 -1.66 20.35
N SER K 75 -51.25 -2.48 21.37
CA SER K 75 -52.60 -2.65 21.92
C SER K 75 -53.13 -1.39 22.59
N ALA K 76 -52.25 -0.51 23.06
CA ALA K 76 -52.66 0.76 23.64
C ALA K 76 -52.43 1.94 22.71
N SER K 77 -51.79 1.71 21.56
CA SER K 77 -51.48 2.72 20.54
C SER K 77 -50.64 3.86 21.11
N THR K 78 -49.70 3.52 21.99
CA THR K 78 -48.83 4.48 22.63
C THR K 78 -47.37 4.15 22.34
N ALA K 79 -46.49 5.05 22.77
CA ALA K 79 -45.05 4.85 22.69
C ALA K 79 -44.43 5.11 24.05
N TYR K 80 -43.32 4.44 24.32
CA TYR K 80 -42.70 4.47 25.64
C TYR K 80 -41.32 5.10 25.56
N MET K 81 -40.94 5.77 26.64
CA MET K 81 -39.68 6.52 26.70
C MET K 81 -39.29 6.63 28.16
N GLU K 82 -38.24 5.93 28.57
CA GLU K 82 -37.77 6.01 29.94
C GLU K 82 -36.26 6.10 29.96
N LEU K 83 -35.73 6.99 30.80
CA LEU K 83 -34.31 7.32 30.86
C LEU K 83 -33.79 7.05 32.27
N SER K 84 -33.04 5.97 32.43
CA SER K 84 -32.44 5.64 33.71
C SER K 84 -31.09 6.34 33.86
N SER K 85 -30.61 6.37 35.11
CA SER K 85 -29.36 7.01 35.53
C SER K 85 -29.34 8.49 35.15
N LEU K 86 -30.25 9.25 35.75
CA LEU K 86 -30.32 10.69 35.52
C LEU K 86 -29.16 11.40 36.21
N ARG K 87 -28.98 12.67 35.86
CA ARG K 87 -27.98 13.52 36.48
C ARG K 87 -28.53 14.93 36.53
N SER K 88 -27.66 15.90 36.86
CA SER K 88 -28.07 17.28 37.06
C SER K 88 -28.01 18.12 35.79
N GLU K 89 -28.12 17.49 34.61
CA GLU K 89 -28.31 18.21 33.37
C GLU K 89 -29.40 17.61 32.49
N ASP K 90 -29.97 16.46 32.87
CA ASP K 90 -31.06 15.85 32.12
C ASP K 90 -32.40 16.51 32.37
N THR K 91 -32.49 17.38 33.38
CA THR K 91 -33.74 18.07 33.70
C THR K 91 -34.05 19.11 32.62
N ALA K 92 -35.05 18.82 31.80
CA ALA K 92 -35.39 19.63 30.63
C ALA K 92 -36.82 19.29 30.22
N ILE K 93 -37.21 19.76 29.03
CA ILE K 93 -38.56 19.53 28.51
C ILE K 93 -38.46 18.48 27.41
N TYR K 94 -39.53 17.71 27.22
CA TYR K 94 -39.56 16.61 26.27
C TYR K 94 -40.61 16.88 25.20
N TYR K 95 -40.45 16.22 24.05
CA TYR K 95 -41.41 16.33 22.94
C TYR K 95 -41.52 14.99 22.25
N CYS K 96 -42.37 14.95 21.21
CA CYS K 96 -42.60 13.75 20.42
C CYS K 96 -42.44 14.07 18.94
N ALA K 97 -42.82 13.14 18.06
CA ALA K 97 -42.65 13.35 16.62
C ALA K 97 -43.66 12.49 15.86
N ARG K 98 -43.54 12.50 14.54
CA ARG K 98 -44.38 11.72 13.64
C ARG K 98 -43.69 11.65 12.28
N ASP K 99 -43.67 10.46 11.68
CA ASP K 99 -43.11 10.25 10.36
C ASP K 99 -43.65 8.95 9.80
N LYS K 100 -43.89 8.92 8.49
CA LYS K 100 -44.43 7.72 7.86
C LYS K 100 -43.32 6.77 7.44
N VAL K 101 -43.67 5.49 7.43
CA VAL K 101 -42.74 4.39 7.14
C VAL K 101 -42.97 3.93 5.71
N ASP K 102 -41.89 3.53 5.03
CA ASP K 102 -41.96 2.89 3.72
C ASP K 102 -42.87 1.67 3.76
N ASP K 103 -43.51 1.39 2.63
CA ASP K 103 -44.54 0.36 2.55
C ASP K 103 -44.00 -1.06 2.62
N TYR K 104 -42.69 -1.25 2.55
CA TYR K 104 -42.09 -2.57 2.73
C TYR K 104 -41.83 -2.90 4.20
N GLY K 105 -42.19 -2.01 5.12
CA GLY K 105 -42.05 -2.29 6.54
C GLY K 105 -40.84 -1.63 7.16
N ASP K 106 -39.72 -1.61 6.44
CA ASP K 106 -38.48 -1.06 6.96
C ASP K 106 -38.50 0.46 6.89
N TYR K 107 -37.82 1.08 7.86
CA TYR K 107 -37.72 2.53 7.97
C TYR K 107 -36.27 2.90 8.29
N TRP K 108 -35.47 3.08 7.24
CA TRP K 108 -34.20 3.78 7.38
C TRP K 108 -34.15 5.05 6.56
N PHE K 109 -34.59 4.99 5.29
CA PHE K 109 -34.85 6.16 4.47
C PHE K 109 -35.98 6.96 5.11
N PRO K 110 -35.73 8.17 5.59
CA PRO K 110 -36.82 9.00 6.10
C PRO K 110 -37.55 9.65 4.94
N THR K 111 -38.76 10.12 5.23
CA THR K 111 -39.52 10.80 4.21
C THR K 111 -39.24 12.30 4.26
N LEU K 112 -39.75 13.01 3.25
CA LEU K 112 -39.33 14.39 3.00
C LEU K 112 -39.88 15.33 4.06
N TRP K 113 -41.12 15.11 4.47
CA TRP K 113 -41.80 15.95 5.44
C TRP K 113 -41.77 15.32 6.84
N TYR K 114 -40.56 15.14 7.37
CA TYR K 114 -40.47 14.54 8.69
C TYR K 114 -40.83 15.56 9.77
N PHE K 115 -41.16 15.05 10.94
CA PHE K 115 -41.58 15.80 12.13
C PHE K 115 -42.82 16.66 11.82
N ASP K 116 -43.91 15.98 11.47
CA ASP K 116 -45.15 16.66 11.15
C ASP K 116 -45.76 17.31 12.38
N TYR K 117 -46.02 16.52 13.42
CA TYR K 117 -46.63 16.99 14.64
C TYR K 117 -45.73 16.69 15.83
N TRP K 118 -46.05 17.33 16.96
CA TRP K 118 -45.19 17.35 18.13
C TRP K 118 -46.03 17.07 19.36
N GLY K 119 -45.39 17.06 20.52
CA GLY K 119 -46.09 16.83 21.77
C GLY K 119 -46.62 18.12 22.40
N GLN K 120 -46.53 18.23 23.73
CA GLN K 120 -46.88 19.46 24.40
C GLN K 120 -45.87 19.88 25.47
N GLY K 121 -44.98 19.00 25.90
CA GLY K 121 -43.98 19.35 26.89
C GLY K 121 -44.31 18.91 28.30
N THR K 122 -43.52 17.98 28.83
CA THR K 122 -43.63 17.55 30.22
C THR K 122 -42.28 17.75 30.89
N LEU K 123 -42.23 18.65 31.88
CA LEU K 123 -40.98 19.08 32.48
C LEU K 123 -40.56 18.10 33.57
N VAL K 124 -39.26 17.80 33.62
CA VAL K 124 -38.70 16.91 34.62
C VAL K 124 -37.70 17.69 35.47
N THR K 125 -37.56 17.27 36.72
CA THR K 125 -36.68 17.93 37.68
C THR K 125 -35.78 16.91 38.35
N VAL K 126 -34.83 17.43 39.14
CA VAL K 126 -33.95 16.63 39.97
C VAL K 126 -33.98 17.19 41.39
N SER K 127 -33.58 16.36 42.35
CA SER K 127 -33.56 16.76 43.75
C SER K 127 -32.40 16.13 44.50
N SER L 1 -21.86 17.56 14.53
CA SER L 1 -23.12 17.05 15.05
C SER L 1 -24.02 18.19 15.52
N ALA L 2 -23.63 19.42 15.22
CA ALA L 2 -24.37 20.61 15.61
C ALA L 2 -24.52 21.53 14.40
N LEU L 3 -25.20 22.64 14.60
CA LEU L 3 -25.40 23.64 13.56
C LEU L 3 -25.03 25.02 14.09
N THR L 4 -24.63 25.91 13.17
CA THR L 4 -23.96 27.14 13.57
C THR L 4 -24.73 28.40 13.18
N GLN L 5 -26.02 28.43 13.45
CA GLN L 5 -26.79 29.64 13.20
C GLN L 5 -26.50 30.71 14.26
N PRO L 6 -26.57 31.99 13.89
CA PRO L 6 -26.32 33.05 14.88
C PRO L 6 -27.42 33.12 15.93
N ALA L 7 -27.03 33.49 17.15
CA ALA L 7 -27.91 33.33 18.30
C ALA L 7 -29.03 34.37 18.33
N SER L 8 -28.84 35.53 17.72
CA SER L 8 -29.85 36.58 17.80
C SER L 8 -29.84 37.39 16.52
N VAL L 9 -31.03 37.57 15.93
CA VAL L 9 -31.22 38.41 14.75
C VAL L 9 -32.31 39.43 15.06
N SER L 10 -32.32 40.51 14.28
CA SER L 10 -33.30 41.57 14.48
C SER L 10 -33.68 42.15 13.12
N GLY L 11 -34.83 42.84 13.11
CA GLY L 11 -35.31 43.46 11.90
C GLY L 11 -36.67 44.12 12.07
N SER L 12 -36.83 45.30 11.48
CA SER L 12 -38.10 46.01 11.55
C SER L 12 -39.14 45.32 10.67
N PRO L 13 -40.44 45.49 11.00
CA PRO L 13 -41.49 44.95 10.11
C PRO L 13 -41.51 45.62 8.75
N GLY L 14 -41.17 44.87 7.71
CA GLY L 14 -41.12 45.40 6.36
C GLY L 14 -39.88 44.99 5.60
N GLN L 15 -38.77 44.81 6.31
CA GLN L 15 -37.52 44.39 5.69
C GLN L 15 -37.36 42.88 5.84
N SER L 16 -36.27 42.34 5.28
CA SER L 16 -36.03 40.91 5.23
C SER L 16 -34.88 40.52 6.13
N ILE L 17 -34.99 39.35 6.75
CA ILE L 17 -33.96 38.78 7.61
C ILE L 17 -33.66 37.36 7.14
N THR L 18 -32.38 36.99 7.14
CA THR L 18 -31.93 35.68 6.70
C THR L 18 -31.08 35.03 7.79
N ILE L 19 -31.25 33.72 7.96
CA ILE L 19 -30.52 32.94 8.96
C ILE L 19 -29.81 31.80 8.24
N SER L 20 -28.49 31.77 8.33
CA SER L 20 -27.68 30.76 7.67
C SER L 20 -27.20 29.71 8.66
N CYS L 21 -26.91 28.51 8.13
CA CYS L 21 -26.44 27.39 8.95
C CYS L 21 -25.37 26.65 8.16
N THR L 22 -24.16 26.60 8.70
CA THR L 22 -23.04 25.91 8.05
C THR L 22 -23.01 24.46 8.51
N GLY L 23 -23.16 23.54 7.56
CA GLY L 23 -23.08 22.12 7.85
C GLY L 23 -21.94 21.49 7.06
N THR L 24 -21.63 20.24 7.42
CA THR L 24 -20.54 19.53 6.77
C THR L 24 -21.01 18.90 5.47
N SER L 25 -20.14 18.13 4.84
CA SER L 25 -20.39 17.53 3.52
C SER L 25 -21.18 16.23 3.60
N SER L 26 -21.89 15.98 4.70
CA SER L 26 -22.65 14.74 4.83
C SER L 26 -24.08 15.00 5.27
N ASP L 27 -24.31 16.09 5.99
CA ASP L 27 -25.62 16.34 6.58
C ASP L 27 -26.44 17.40 5.84
N VAL L 28 -25.82 18.51 5.43
CA VAL L 28 -26.53 19.62 4.82
C VAL L 28 -26.12 19.83 3.38
N GLY L 29 -24.81 19.90 3.12
CA GLY L 29 -24.31 20.20 1.79
C GLY L 29 -24.47 19.08 0.78
N GLY L 30 -24.73 17.86 1.23
CA GLY L 30 -24.88 16.74 0.32
C GLY L 30 -26.33 16.36 0.07
N PHE L 31 -27.14 16.38 1.12
CA PHE L 31 -28.50 15.91 1.06
C PHE L 31 -29.49 17.07 1.06
N ASN L 32 -30.70 16.78 0.58
CA ASN L 32 -31.79 17.75 0.56
C ASN L 32 -32.73 17.58 1.75
N TYR L 33 -32.21 17.13 2.90
CA TYR L 33 -33.01 17.03 4.12
C TYR L 33 -32.61 18.18 5.03
N VAL L 34 -33.26 19.33 4.83
CA VAL L 34 -33.02 20.53 5.64
C VAL L 34 -34.38 21.09 6.05
N SER L 35 -34.65 21.10 7.35
CA SER L 35 -35.92 21.57 7.86
C SER L 35 -35.70 22.77 8.78
N TRP L 36 -36.80 23.46 9.08
CA TRP L 36 -36.78 24.66 9.91
C TRP L 36 -38.00 24.65 10.83
N PHE L 37 -37.76 24.88 12.12
CA PHE L 37 -38.79 24.80 13.14
C PHE L 37 -38.73 26.05 14.00
N GLN L 38 -39.84 26.78 14.10
CA GLN L 38 -39.92 27.81 15.12
C GLN L 38 -40.64 27.25 16.34
N GLN L 39 -40.49 27.95 17.46
CA GLN L 39 -41.06 27.48 18.71
C GLN L 39 -41.53 28.69 19.51
N HIS L 40 -42.83 28.74 19.78
CA HIS L 40 -43.38 29.74 20.69
C HIS L 40 -42.90 29.45 22.11
N PRO L 41 -42.80 30.48 22.97
CA PRO L 41 -42.38 30.21 24.35
C PRO L 41 -43.39 29.45 25.20
N GLY L 42 -44.65 29.36 24.77
CA GLY L 42 -45.64 28.60 25.52
C GLY L 42 -46.18 27.41 24.77
N LYS L 43 -45.74 27.24 23.52
CA LYS L 43 -46.25 26.20 22.64
C LYS L 43 -45.10 25.30 22.18
N ALA L 44 -45.42 24.03 21.96
CA ALA L 44 -44.51 23.10 21.29
C ALA L 44 -44.21 23.58 19.87
N PRO L 45 -43.06 23.23 19.31
CA PRO L 45 -42.75 23.63 17.92
C PRO L 45 -43.63 22.93 16.91
N LYS L 46 -43.46 23.33 15.64
CA LYS L 46 -44.32 22.86 14.56
C LYS L 46 -43.54 22.87 13.26
N LEU L 47 -43.95 21.99 12.34
CA LEU L 47 -43.31 21.89 11.04
C LEU L 47 -43.59 23.13 10.21
N MET L 48 -42.55 23.64 9.55
CA MET L 48 -42.67 24.90 8.83
C MET L 48 -42.11 24.81 7.42
N LEU L 49 -41.09 23.99 7.21
CA LEU L 49 -40.52 23.82 5.88
C LEU L 49 -40.26 22.35 5.60
N TYR L 50 -40.46 21.96 4.33
CA TYR L 50 -40.14 20.64 3.82
C TYR L 50 -38.65 20.53 3.50
N ASP L 51 -38.31 19.57 2.64
CA ASP L 51 -36.96 19.22 2.22
C ASP L 51 -35.99 20.39 1.99
N VAL L 52 -36.36 21.37 1.17
CA VAL L 52 -35.53 22.57 1.05
C VAL L 52 -36.36 23.84 1.18
N THR L 53 -37.45 23.95 0.44
CA THR L 53 -38.14 25.23 0.29
C THR L 53 -39.64 25.07 0.55
N SER L 54 -40.18 23.90 0.24
CA SER L 54 -41.62 23.68 0.23
C SER L 54 -42.21 23.73 1.64
N ARG L 55 -43.52 23.99 1.70
CA ARG L 55 -44.20 24.32 2.94
C ARG L 55 -45.39 23.39 3.16
N PRO L 56 -45.77 23.17 4.42
CA PRO L 56 -47.02 22.47 4.72
C PRO L 56 -48.21 23.41 4.56
N SER L 57 -49.38 22.89 4.94
CA SER L 57 -50.53 23.76 5.14
C SER L 57 -50.37 24.55 6.45
N GLY L 58 -51.31 25.46 6.70
CA GLY L 58 -51.14 26.30 7.87
C GLY L 58 -50.53 27.65 7.56
N VAL L 59 -49.19 27.74 7.67
CA VAL L 59 -48.47 29.01 7.56
C VAL L 59 -48.69 29.66 6.20
N SER L 60 -48.69 30.99 6.20
CA SER L 60 -49.27 31.79 5.12
C SER L 60 -48.25 32.21 4.05
N SER L 61 -47.50 31.24 3.51
CA SER L 61 -46.76 31.33 2.26
C SER L 61 -45.72 32.45 2.21
N ARG L 62 -45.23 32.91 3.37
CA ARG L 62 -44.23 33.96 3.38
C ARG L 62 -42.80 33.42 3.42
N PHE L 63 -42.60 32.33 4.16
CA PHE L 63 -41.27 31.83 4.45
C PHE L 63 -40.73 31.04 3.27
N SER L 64 -39.56 31.42 2.78
CA SER L 64 -38.87 30.71 1.70
C SER L 64 -37.49 30.30 2.16
N GLY L 65 -37.10 29.08 1.81
CA GLY L 65 -35.78 28.57 2.16
C GLY L 65 -34.92 28.31 0.95
N SER L 66 -33.60 28.22 1.16
CA SER L 66 -32.67 27.96 0.07
C SER L 66 -31.43 27.29 0.63
N LYS L 67 -30.67 26.65 -0.27
CA LYS L 67 -29.41 26.00 0.07
C LYS L 67 -28.36 26.49 -0.91
N SER L 68 -27.33 27.14 -0.38
CA SER L 68 -26.31 27.80 -1.19
C SER L 68 -24.95 27.13 -1.02
N GLY L 69 -24.92 25.81 -1.03
CA GLY L 69 -23.70 25.07 -0.80
C GLY L 69 -23.74 24.34 0.52
N ASN L 70 -22.97 24.82 1.50
CA ASN L 70 -23.07 24.32 2.87
C ASN L 70 -23.89 25.23 3.77
N THR L 71 -24.47 26.30 3.22
CA THR L 71 -25.31 27.21 3.99
C THR L 71 -26.78 27.00 3.62
N ALA L 72 -27.64 27.04 4.63
CA ALA L 72 -29.08 26.91 4.45
C ALA L 72 -29.73 28.20 4.97
N SER L 73 -30.38 28.93 4.08
CA SER L 73 -30.92 30.25 4.41
C SER L 73 -32.42 30.18 4.67
N LEU L 74 -32.88 30.94 5.66
CA LEU L 74 -34.30 31.11 5.97
C LEU L 74 -34.65 32.57 5.73
N THR L 75 -35.32 32.83 4.61
CA THR L 75 -35.72 34.20 4.26
C THR L 75 -37.09 34.49 4.81
N ILE L 76 -37.22 35.62 5.51
CA ILE L 76 -38.49 36.06 6.09
C ILE L 76 -38.80 37.43 5.52
N SER L 77 -39.94 37.53 4.83
CA SER L 77 -40.38 38.79 4.23
C SER L 77 -41.67 39.24 4.91
N GLY L 78 -41.70 40.51 5.31
CA GLY L 78 -42.87 41.04 5.99
C GLY L 78 -43.04 40.55 7.41
N LEU L 79 -42.17 41.01 8.30
CA LEU L 79 -42.20 40.62 9.72
C LEU L 79 -43.50 41.08 10.38
N GLN L 80 -43.85 40.39 11.47
CA GLN L 80 -45.05 40.73 12.23
C GLN L 80 -44.73 40.86 13.72
N ALA L 81 -45.78 41.00 14.54
CA ALA L 81 -45.64 41.12 15.98
C ALA L 81 -45.78 39.79 16.72
N GLU L 82 -46.26 38.75 16.05
CA GLU L 82 -46.45 37.44 16.66
C GLU L 82 -45.40 36.43 16.20
N ASP L 83 -44.32 36.88 15.57
CA ASP L 83 -43.30 35.98 15.03
C ASP L 83 -42.04 35.95 15.88
N GLU L 84 -42.14 36.27 17.17
CA GLU L 84 -40.96 36.27 18.06
C GLU L 84 -40.77 34.87 18.64
N ALA L 85 -40.45 33.93 17.76
CA ALA L 85 -40.26 32.54 18.11
C ALA L 85 -38.77 32.18 17.98
N ASP L 86 -38.47 30.91 18.17
CA ASP L 86 -37.10 30.40 18.16
C ASP L 86 -36.92 29.51 16.92
N TYR L 87 -36.46 30.12 15.83
CA TYR L 87 -36.31 29.42 14.56
C TYR L 87 -35.12 28.46 14.59
N TYR L 88 -35.39 27.21 14.93
CA TYR L 88 -34.37 26.17 14.92
C TYR L 88 -34.19 25.65 13.49
N CYS L 89 -33.06 24.99 13.27
CA CYS L 89 -32.78 24.31 12.01
C CYS L 89 -32.73 22.81 12.24
N SER L 90 -32.76 22.06 11.16
CA SER L 90 -32.75 20.61 11.25
C SER L 90 -32.12 20.01 10.00
N SER L 91 -31.54 18.83 10.15
CA SER L 91 -30.91 18.13 9.05
C SER L 91 -30.80 16.65 9.38
N HIS L 92 -31.33 15.81 8.49
CA HIS L 92 -31.07 14.38 8.56
C HIS L 92 -29.69 14.12 7.98
N THR L 93 -28.82 13.48 8.77
CA THR L 93 -27.44 13.28 8.35
C THR L 93 -27.31 12.10 7.39
N SER L 94 -26.08 11.68 7.16
CA SER L 94 -25.81 10.57 6.26
C SER L 94 -25.83 9.23 7.00
N ARG L 95 -25.34 9.19 8.24
CA ARG L 95 -25.30 7.94 8.99
C ARG L 95 -26.68 7.52 9.50
N GLY L 96 -27.57 8.48 9.75
CA GLY L 96 -28.92 8.14 10.13
C GLY L 96 -29.47 8.91 11.32
N THR L 97 -28.70 9.84 11.86
CA THR L 97 -29.14 10.64 12.99
C THR L 97 -29.60 12.01 12.51
N TRP L 98 -30.25 12.74 13.41
CA TRP L 98 -30.78 14.07 13.15
C TRP L 98 -30.02 15.09 13.98
N VAL L 99 -29.54 16.15 13.33
CA VAL L 99 -28.87 17.25 14.00
C VAL L 99 -29.78 18.48 13.99
N PHE L 100 -29.53 19.38 14.93
CA PHE L 100 -30.43 20.51 15.16
C PHE L 100 -29.63 21.79 15.38
N GLY L 101 -30.32 22.93 15.24
CA GLY L 101 -29.69 24.21 15.44
C GLY L 101 -29.70 24.64 16.90
N GLY L 102 -28.82 25.59 17.21
CA GLY L 102 -28.69 26.03 18.59
C GLY L 102 -29.85 26.92 19.02
N GLY L 103 -30.17 27.93 18.23
CA GLY L 103 -31.30 28.78 18.52
C GLY L 103 -31.14 30.21 18.05
N THR L 104 -32.20 30.79 17.50
CA THR L 104 -32.23 32.20 17.12
C THR L 104 -33.29 32.91 17.94
N LYS L 105 -33.00 34.14 18.34
CA LYS L 105 -33.95 35.01 19.02
C LYS L 105 -34.31 36.15 18.07
N LEU L 106 -35.60 36.43 17.94
CA LEU L 106 -36.09 37.41 16.98
C LEU L 106 -36.93 38.46 17.69
N THR L 107 -36.64 39.74 17.43
CA THR L 107 -37.41 40.88 17.91
C THR L 107 -37.69 41.81 16.74
N VAL L 108 -38.40 42.90 17.02
CA VAL L 108 -38.67 43.92 16.03
C VAL L 108 -38.19 45.31 16.45
N LEU L 109 -37.98 45.56 17.73
CA LEU L 109 -37.52 46.86 18.19
C LEU L 109 -36.50 46.71 19.31
#